data_5QOQ
# 
_entry.id   5QOQ 
# 
_audit_conform.dict_name       mmcif_pdbx.dic 
_audit_conform.dict_version    5.387 
_audit_conform.dict_location   http://mmcif.pdb.org/dictionaries/ascii/mmcif_pdbx.dic 
# 
loop_
_database_2.database_id 
_database_2.database_code 
_database_2.pdbx_database_accession 
_database_2.pdbx_DOI 
PDB   5QOQ         pdb_00005qoq 10.2210/pdb5qoq/pdb 
WWPDB D_1001402215 ?            ?                   
# 
loop_
_pdbx_audit_revision_history.ordinal 
_pdbx_audit_revision_history.data_content_type 
_pdbx_audit_revision_history.major_revision 
_pdbx_audit_revision_history.minor_revision 
_pdbx_audit_revision_history.revision_date 
1 'Structure model' 1 0 2019-05-08 
2 'Structure model' 1 1 2019-11-20 
3 'Structure model' 1 2 2024-03-06 
# 
_pdbx_audit_revision_details.ordinal             1 
_pdbx_audit_revision_details.revision_ordinal    1 
_pdbx_audit_revision_details.data_content_type   'Structure model' 
_pdbx_audit_revision_details.provider            repository 
_pdbx_audit_revision_details.type                'Initial release' 
_pdbx_audit_revision_details.description         ? 
_pdbx_audit_revision_details.details             ? 
# 
loop_
_pdbx_audit_revision_group.ordinal 
_pdbx_audit_revision_group.revision_ordinal 
_pdbx_audit_revision_group.data_content_type 
_pdbx_audit_revision_group.group 
1 2 'Structure model' 'Data collection'     
2 3 'Structure model' 'Data collection'     
3 3 'Structure model' 'Database references' 
# 
loop_
_pdbx_audit_revision_category.ordinal 
_pdbx_audit_revision_category.revision_ordinal 
_pdbx_audit_revision_category.data_content_type 
_pdbx_audit_revision_category.category 
1 2 'Structure model' diffrn_source  
2 3 'Structure model' chem_comp_atom 
3 3 'Structure model' chem_comp_bond 
4 3 'Structure model' database_2     
# 
loop_
_pdbx_audit_revision_item.ordinal 
_pdbx_audit_revision_item.revision_ordinal 
_pdbx_audit_revision_item.data_content_type 
_pdbx_audit_revision_item.item 
1 2 'Structure model' '_diffrn_source.pdbx_synchrotron_beamline' 
2 2 'Structure model' '_diffrn_source.type'                      
3 3 'Structure model' '_database_2.pdbx_DOI'                     
4 3 'Structure model' '_database_2.pdbx_database_accession'      
# 
_pdbx_database_status.entry_id                        5QOQ 
_pdbx_database_status.status_code                     REL 
_pdbx_database_status.status_code_sf                  REL 
_pdbx_database_status.status_code_mr                  ? 
_pdbx_database_status.status_code_cs                  ? 
_pdbx_database_status.recvd_initial_deposition_date   2019-02-22 
_pdbx_database_status.deposit_site                    RCSB 
_pdbx_database_status.process_site                    RCSB 
_pdbx_database_status.SG_entry                        ? 
_pdbx_database_status.pdb_format_compatible           Y 
_pdbx_database_status.methods_development_category    ? 
_pdbx_database_status.status_code_nmr_data            ? 
# 
loop_
_audit_author.name 
_audit_author.pdbx_ordinal 
_audit_author.identifier_ORCID 
'Nelson, E.R.'      1  ? 
'Velupillai, S.'    2  ? 
'Talon, R.'         3  ? 
'Collins, P.M.'     4  ? 
'Krojer, T.'        5  ? 
'Wang, D.'          6  ? 
'Brandao-Neto, J.'  7  ? 
'Douangamath, A.'   8  ? 
'Burgess-Brown, N.' 9  ? 
'Arrowsmith, C.H.'  10 ? 
'Bountra, C.'       11 ? 
'Huber, K.'         12 ? 
'von Delft, F.'     13 ? 
# 
_citation.id                        primary 
_citation.title                     'PanDDA analysis group deposition' 
_citation.journal_abbrev            'To Be Published' 
_citation.journal_volume            ? 
_citation.page_first                ? 
_citation.page_last                 ? 
_citation.year                      ? 
_citation.journal_id_ASTM           ? 
_citation.country                   ? 
_citation.journal_id_ISSN           ? 
_citation.journal_id_CSD            0353 
_citation.book_publisher            ? 
_citation.pdbx_database_id_PubMed   ? 
_citation.pdbx_database_id_DOI      ? 
# 
loop_
_citation_author.citation_id 
_citation_author.name 
_citation_author.identifier_ORCID 
_citation_author.ordinal 
primary 'Nelson, E.R.'      ? 1  
primary 'Velupillai, S.'    ? 2  
primary 'Talon, R.'         ? 3  
primary 'Collins, P.M.'     ? 4  
primary 'Krojer, T.'        ? 5  
primary 'Wang, D.'          ? 6  
primary 'Brandao-Neto, J.'  ? 7  
primary 'Douangamath, A.'   ? 8  
primary 'Burgess-Brown, N.' ? 9  
primary 'Arrowsmith, C.H.'  ? 10 
primary 'Bountra, C.'       ? 11 
primary 'Huber, K.'         ? 12 
primary 'von Delft, F.'     ? 13 
# 
loop_
_entity.id 
_entity.type 
_entity.src_method 
_entity.pdbx_description 
_entity.formula_weight 
_entity.pdbx_number_of_molecules 
_entity.pdbx_ec 
_entity.pdbx_mutation 
_entity.pdbx_fragment 
_entity.details 
1 polymer     man 'DCP2 (NUDT20)'                                                     19073.738 1  3.6.1.62 ? 
'UNP residues 95-260' ? 
2 non-polymer syn 1,2-ETHANEDIOL                                                      62.068    2  ?        ? ? ? 
3 non-polymer syn 'DIMETHYL SULFOXIDE'                                                78.133    1  ?        ? ? ? 
4 non-polymer syn 'ACETATE ION'                                                       59.044    2  ?        ? ? ? 
5 non-polymer syn '3-ethyl-N-[(4-fluorophenyl)methyl]-1,2,4-oxadiazole-5-carboxamide' 249.241   1  ?        ? ? ? 
6 water       nat water                                                               18.015    86 ?        ? ? ? 
# 
_entity_name_com.entity_id   1 
_entity_name_com.name        
'Nucleoside diphosphate-linked moiety X motif 20, Nudix motif 20, mRNA-decapping enzyme 2, hDpc, m7GpppN-mRNA hydrolase' 
# 
_entity_poly.entity_id                      1 
_entity_poly.type                           'polypeptide(L)' 
_entity_poly.nstd_linkage                   no 
_entity_poly.nstd_monomer                   no 
_entity_poly.pdbx_seq_one_letter_code       
;SMGVPTYGAIILDETLENVLLVQGYLAKSGWGFPKGKVNKEEAPHDCAAREVFEETGFDIKDYICKDDYIELRINDQLAR
LYIIPGIPKDTKFNPKTRREIRNIEWFSIEKLPCHRNDMTPKSKLGLAPNKFFMAIPFIRPLRDWLSRRFGDSSDSDNGF
SSTGSTP
;
_entity_poly.pdbx_seq_one_letter_code_can   
;SMGVPTYGAIILDETLENVLLVQGYLAKSGWGFPKGKVNKEEAPHDCAAREVFEETGFDIKDYICKDDYIELRINDQLAR
LYIIPGIPKDTKFNPKTRREIRNIEWFSIEKLPCHRNDMTPKSKLGLAPNKFFMAIPFIRPLRDWLSRRFGDSSDSDNGF
SSTGSTP
;
_entity_poly.pdbx_strand_id                 A 
_entity_poly.pdbx_target_identifier         ? 
# 
loop_
_pdbx_entity_nonpoly.entity_id 
_pdbx_entity_nonpoly.name 
_pdbx_entity_nonpoly.comp_id 
2 1,2-ETHANEDIOL                                                      EDO 
3 'DIMETHYL SULFOXIDE'                                                DMS 
4 'ACETATE ION'                                                       ACT 
5 '3-ethyl-N-[(4-fluorophenyl)methyl]-1,2,4-oxadiazole-5-carboxamide' LD7 
6 water                                                               HOH 
# 
loop_
_entity_poly_seq.entity_id 
_entity_poly_seq.num 
_entity_poly_seq.mon_id 
_entity_poly_seq.hetero 
1 1   SER n 
1 2   MET n 
1 3   GLY n 
1 4   VAL n 
1 5   PRO n 
1 6   THR n 
1 7   TYR n 
1 8   GLY n 
1 9   ALA n 
1 10  ILE n 
1 11  ILE n 
1 12  LEU n 
1 13  ASP n 
1 14  GLU n 
1 15  THR n 
1 16  LEU n 
1 17  GLU n 
1 18  ASN n 
1 19  VAL n 
1 20  LEU n 
1 21  LEU n 
1 22  VAL n 
1 23  GLN n 
1 24  GLY n 
1 25  TYR n 
1 26  LEU n 
1 27  ALA n 
1 28  LYS n 
1 29  SER n 
1 30  GLY n 
1 31  TRP n 
1 32  GLY n 
1 33  PHE n 
1 34  PRO n 
1 35  LYS n 
1 36  GLY n 
1 37  LYS n 
1 38  VAL n 
1 39  ASN n 
1 40  LYS n 
1 41  GLU n 
1 42  GLU n 
1 43  ALA n 
1 44  PRO n 
1 45  HIS n 
1 46  ASP n 
1 47  CYS n 
1 48  ALA n 
1 49  ALA n 
1 50  ARG n 
1 51  GLU n 
1 52  VAL n 
1 53  PHE n 
1 54  GLU n 
1 55  GLU n 
1 56  THR n 
1 57  GLY n 
1 58  PHE n 
1 59  ASP n 
1 60  ILE n 
1 61  LYS n 
1 62  ASP n 
1 63  TYR n 
1 64  ILE n 
1 65  CYS n 
1 66  LYS n 
1 67  ASP n 
1 68  ASP n 
1 69  TYR n 
1 70  ILE n 
1 71  GLU n 
1 72  LEU n 
1 73  ARG n 
1 74  ILE n 
1 75  ASN n 
1 76  ASP n 
1 77  GLN n 
1 78  LEU n 
1 79  ALA n 
1 80  ARG n 
1 81  LEU n 
1 82  TYR n 
1 83  ILE n 
1 84  ILE n 
1 85  PRO n 
1 86  GLY n 
1 87  ILE n 
1 88  PRO n 
1 89  LYS n 
1 90  ASP n 
1 91  THR n 
1 92  LYS n 
1 93  PHE n 
1 94  ASN n 
1 95  PRO n 
1 96  LYS n 
1 97  THR n 
1 98  ARG n 
1 99  ARG n 
1 100 GLU n 
1 101 ILE n 
1 102 ARG n 
1 103 ASN n 
1 104 ILE n 
1 105 GLU n 
1 106 TRP n 
1 107 PHE n 
1 108 SER n 
1 109 ILE n 
1 110 GLU n 
1 111 LYS n 
1 112 LEU n 
1 113 PRO n 
1 114 CYS n 
1 115 HIS n 
1 116 ARG n 
1 117 ASN n 
1 118 ASP n 
1 119 MET n 
1 120 THR n 
1 121 PRO n 
1 122 LYS n 
1 123 SER n 
1 124 LYS n 
1 125 LEU n 
1 126 GLY n 
1 127 LEU n 
1 128 ALA n 
1 129 PRO n 
1 130 ASN n 
1 131 LYS n 
1 132 PHE n 
1 133 PHE n 
1 134 MET n 
1 135 ALA n 
1 136 ILE n 
1 137 PRO n 
1 138 PHE n 
1 139 ILE n 
1 140 ARG n 
1 141 PRO n 
1 142 LEU n 
1 143 ARG n 
1 144 ASP n 
1 145 TRP n 
1 146 LEU n 
1 147 SER n 
1 148 ARG n 
1 149 ARG n 
1 150 PHE n 
1 151 GLY n 
1 152 ASP n 
1 153 SER n 
1 154 SER n 
1 155 ASP n 
1 156 SER n 
1 157 ASP n 
1 158 ASN n 
1 159 GLY n 
1 160 PHE n 
1 161 SER n 
1 162 SER n 
1 163 THR n 
1 164 GLY n 
1 165 SER n 
1 166 THR n 
1 167 PRO n 
# 
_entity_src_gen.entity_id                          1 
_entity_src_gen.pdbx_src_id                        1 
_entity_src_gen.pdbx_alt_source_flag               sample 
_entity_src_gen.pdbx_seq_type                      'Biological sequence' 
_entity_src_gen.pdbx_beg_seq_num                   1 
_entity_src_gen.pdbx_end_seq_num                   167 
_entity_src_gen.gene_src_common_name               Human 
_entity_src_gen.gene_src_genus                     ? 
_entity_src_gen.pdbx_gene_src_gene                 'DCP2, NUDT20' 
_entity_src_gen.gene_src_species                   ? 
_entity_src_gen.gene_src_strain                    ? 
_entity_src_gen.gene_src_tissue                    ? 
_entity_src_gen.gene_src_tissue_fraction           ? 
_entity_src_gen.gene_src_details                   ? 
_entity_src_gen.pdbx_gene_src_fragment             ? 
_entity_src_gen.pdbx_gene_src_scientific_name      'Homo sapiens' 
_entity_src_gen.pdbx_gene_src_ncbi_taxonomy_id     9606 
_entity_src_gen.pdbx_gene_src_variant              ? 
_entity_src_gen.pdbx_gene_src_cell_line            ? 
_entity_src_gen.pdbx_gene_src_atcc                 ? 
_entity_src_gen.pdbx_gene_src_organ                ? 
_entity_src_gen.pdbx_gene_src_organelle            ? 
_entity_src_gen.pdbx_gene_src_cell                 ? 
_entity_src_gen.pdbx_gene_src_cellular_location    ? 
_entity_src_gen.host_org_common_name               ? 
_entity_src_gen.pdbx_host_org_scientific_name      'Escherichia coli' 
_entity_src_gen.pdbx_host_org_ncbi_taxonomy_id     562 
_entity_src_gen.host_org_genus                     ? 
_entity_src_gen.pdbx_host_org_gene                 ? 
_entity_src_gen.pdbx_host_org_organ                ? 
_entity_src_gen.host_org_species                   ? 
_entity_src_gen.pdbx_host_org_tissue               ? 
_entity_src_gen.pdbx_host_org_tissue_fraction      ? 
_entity_src_gen.pdbx_host_org_strain               ? 
_entity_src_gen.pdbx_host_org_variant              ? 
_entity_src_gen.pdbx_host_org_cell_line            ? 
_entity_src_gen.pdbx_host_org_atcc                 ? 
_entity_src_gen.pdbx_host_org_culture_collection   ? 
_entity_src_gen.pdbx_host_org_cell                 ? 
_entity_src_gen.pdbx_host_org_organelle            ? 
_entity_src_gen.pdbx_host_org_cellular_location    ? 
_entity_src_gen.pdbx_host_org_vector_type          ? 
_entity_src_gen.pdbx_host_org_vector               ? 
_entity_src_gen.host_org_details                   ? 
_entity_src_gen.expression_system_id               ? 
_entity_src_gen.plasmid_name                       ? 
_entity_src_gen.plasmid_details                    ? 
_entity_src_gen.pdbx_description                   ? 
# 
loop_
_chem_comp.id 
_chem_comp.type 
_chem_comp.mon_nstd_flag 
_chem_comp.name 
_chem_comp.pdbx_synonyms 
_chem_comp.formula 
_chem_comp.formula_weight 
ACT non-polymer         . 'ACETATE ION'                                                       ?                 'C2 H3 O2 -1'     
59.044  
ALA 'L-peptide linking' y ALANINE                                                             ?                 'C3 H7 N O2'      
89.093  
ARG 'L-peptide linking' y ARGININE                                                            ?                 'C6 H15 N4 O2 1'  
175.209 
ASN 'L-peptide linking' y ASPARAGINE                                                          ?                 'C4 H8 N2 O3'     
132.118 
ASP 'L-peptide linking' y 'ASPARTIC ACID'                                                     ?                 'C4 H7 N O4'      
133.103 
CYS 'L-peptide linking' y CYSTEINE                                                            ?                 'C3 H7 N O2 S'    
121.158 
DMS non-polymer         . 'DIMETHYL SULFOXIDE'                                                ?                 'C2 H6 O S'       
78.133  
EDO non-polymer         . 1,2-ETHANEDIOL                                                      'ETHYLENE GLYCOL' 'C2 H6 O2'        
62.068  
GLN 'L-peptide linking' y GLUTAMINE                                                           ?                 'C5 H10 N2 O3'    
146.144 
GLU 'L-peptide linking' y 'GLUTAMIC ACID'                                                     ?                 'C5 H9 N O4'      
147.129 
GLY 'peptide linking'   y GLYCINE                                                             ?                 'C2 H5 N O2'      
75.067  
HIS 'L-peptide linking' y HISTIDINE                                                           ?                 'C6 H10 N3 O2 1'  
156.162 
HOH non-polymer         . WATER                                                               ?                 'H2 O'            
18.015  
ILE 'L-peptide linking' y ISOLEUCINE                                                          ?                 'C6 H13 N O2'     
131.173 
LD7 non-polymer         . '3-ethyl-N-[(4-fluorophenyl)methyl]-1,2,4-oxadiazole-5-carboxamide' ?                 'C12 H12 F N3 O2' 
249.241 
LEU 'L-peptide linking' y LEUCINE                                                             ?                 'C6 H13 N O2'     
131.173 
LYS 'L-peptide linking' y LYSINE                                                              ?                 'C6 H15 N2 O2 1'  
147.195 
MET 'L-peptide linking' y METHIONINE                                                          ?                 'C5 H11 N O2 S'   
149.211 
PHE 'L-peptide linking' y PHENYLALANINE                                                       ?                 'C9 H11 N O2'     
165.189 
PRO 'L-peptide linking' y PROLINE                                                             ?                 'C5 H9 N O2'      
115.130 
SER 'L-peptide linking' y SERINE                                                              ?                 'C3 H7 N O3'      
105.093 
THR 'L-peptide linking' y THREONINE                                                           ?                 'C4 H9 N O3'      
119.119 
TRP 'L-peptide linking' y TRYPTOPHAN                                                          ?                 'C11 H12 N2 O2'   
204.225 
TYR 'L-peptide linking' y TYROSINE                                                            ?                 'C9 H11 N O3'     
181.189 
VAL 'L-peptide linking' y VALINE                                                              ?                 'C5 H11 N O2'     
117.146 
# 
loop_
_pdbx_poly_seq_scheme.asym_id 
_pdbx_poly_seq_scheme.entity_id 
_pdbx_poly_seq_scheme.seq_id 
_pdbx_poly_seq_scheme.mon_id 
_pdbx_poly_seq_scheme.ndb_seq_num 
_pdbx_poly_seq_scheme.pdb_seq_num 
_pdbx_poly_seq_scheme.auth_seq_num 
_pdbx_poly_seq_scheme.pdb_mon_id 
_pdbx_poly_seq_scheme.auth_mon_id 
_pdbx_poly_seq_scheme.pdb_strand_id 
_pdbx_poly_seq_scheme.pdb_ins_code 
_pdbx_poly_seq_scheme.hetero 
A 1 1   SER 1   94  ?   ?   ?   A . n 
A 1 2   MET 2   95  ?   ?   ?   A . n 
A 1 3   GLY 3   96  96  GLY GLY A . n 
A 1 4   VAL 4   97  97  VAL VAL A . n 
A 1 5   PRO 5   98  98  PRO PRO A . n 
A 1 6   THR 6   99  99  THR THR A . n 
A 1 7   TYR 7   100 100 TYR TYR A . n 
A 1 8   GLY 8   101 101 GLY GLY A . n 
A 1 9   ALA 9   102 102 ALA ALA A . n 
A 1 10  ILE 10  103 103 ILE ILE A . n 
A 1 11  ILE 11  104 104 ILE ILE A . n 
A 1 12  LEU 12  105 105 LEU LEU A . n 
A 1 13  ASP 13  106 106 ASP ASP A . n 
A 1 14  GLU 14  107 107 GLU GLU A . n 
A 1 15  THR 15  108 108 THR THR A . n 
A 1 16  LEU 16  109 109 LEU LEU A . n 
A 1 17  GLU 17  110 110 GLU GLU A . n 
A 1 18  ASN 18  111 111 ASN ASN A . n 
A 1 19  VAL 19  112 112 VAL VAL A . n 
A 1 20  LEU 20  113 113 LEU LEU A . n 
A 1 21  LEU 21  114 114 LEU LEU A . n 
A 1 22  VAL 22  115 115 VAL VAL A . n 
A 1 23  GLN 23  116 116 GLN GLN A . n 
A 1 24  GLY 24  117 117 GLY GLY A . n 
A 1 25  TYR 25  118 118 TYR TYR A . n 
A 1 26  LEU 26  119 119 LEU LEU A . n 
A 1 27  ALA 27  120 120 ALA ALA A . n 
A 1 28  LYS 28  121 121 LYS LYS A . n 
A 1 29  SER 29  122 122 SER SER A . n 
A 1 30  GLY 30  123 123 GLY GLY A . n 
A 1 31  TRP 31  124 124 TRP TRP A . n 
A 1 32  GLY 32  125 125 GLY GLY A . n 
A 1 33  PHE 33  126 126 PHE PHE A . n 
A 1 34  PRO 34  127 127 PRO PRO A . n 
A 1 35  LYS 35  128 128 LYS LYS A . n 
A 1 36  GLY 36  129 129 GLY GLY A . n 
A 1 37  LYS 37  130 130 LYS LYS A . n 
A 1 38  VAL 38  131 131 VAL VAL A . n 
A 1 39  ASN 39  132 132 ASN ASN A . n 
A 1 40  LYS 40  133 133 LYS LYS A . n 
A 1 41  GLU 41  134 134 GLU GLU A . n 
A 1 42  GLU 42  135 135 GLU GLU A . n 
A 1 43  ALA 43  136 136 ALA ALA A . n 
A 1 44  PRO 44  137 137 PRO PRO A . n 
A 1 45  HIS 45  138 138 HIS HIS A . n 
A 1 46  ASP 46  139 139 ASP ASP A . n 
A 1 47  CYS 47  140 140 CYS CYS A . n 
A 1 48  ALA 48  141 141 ALA ALA A . n 
A 1 49  ALA 49  142 142 ALA ALA A . n 
A 1 50  ARG 50  143 143 ARG ARG A . n 
A 1 51  GLU 51  144 144 GLU GLU A . n 
A 1 52  VAL 52  145 145 VAL VAL A . n 
A 1 53  PHE 53  146 146 PHE PHE A . n 
A 1 54  GLU 54  147 147 GLU GLU A . n 
A 1 55  GLU 55  148 148 GLU GLU A . n 
A 1 56  THR 56  149 149 THR THR A . n 
A 1 57  GLY 57  150 150 GLY GLY A . n 
A 1 58  PHE 58  151 151 PHE PHE A . n 
A 1 59  ASP 59  152 152 ASP ASP A . n 
A 1 60  ILE 60  153 153 ILE ILE A . n 
A 1 61  LYS 61  154 154 LYS LYS A . n 
A 1 62  ASP 62  155 155 ASP ASP A . n 
A 1 63  TYR 63  156 156 TYR TYR A . n 
A 1 64  ILE 64  157 157 ILE ILE A . n 
A 1 65  CYS 65  158 158 CYS CYS A . n 
A 1 66  LYS 66  159 159 LYS LYS A . n 
A 1 67  ASP 67  160 160 ASP ASP A . n 
A 1 68  ASP 68  161 161 ASP ASP A . n 
A 1 69  TYR 69  162 162 TYR TYR A . n 
A 1 70  ILE 70  163 163 ILE ILE A . n 
A 1 71  GLU 71  164 164 GLU GLU A . n 
A 1 72  LEU 72  165 165 LEU LEU A . n 
A 1 73  ARG 73  166 166 ARG ARG A . n 
A 1 74  ILE 74  167 167 ILE ILE A . n 
A 1 75  ASN 75  168 168 ASN ASN A . n 
A 1 76  ASP 76  169 169 ASP ASP A . n 
A 1 77  GLN 77  170 170 GLN GLN A . n 
A 1 78  LEU 78  171 171 LEU LEU A . n 
A 1 79  ALA 79  172 172 ALA ALA A . n 
A 1 80  ARG 80  173 173 ARG ARG A . n 
A 1 81  LEU 81  174 174 LEU LEU A . n 
A 1 82  TYR 82  175 175 TYR TYR A . n 
A 1 83  ILE 83  176 176 ILE ILE A . n 
A 1 84  ILE 84  177 177 ILE ILE A . n 
A 1 85  PRO 85  178 178 PRO PRO A . n 
A 1 86  GLY 86  179 179 GLY GLY A . n 
A 1 87  ILE 87  180 180 ILE ILE A . n 
A 1 88  PRO 88  181 181 PRO PRO A . n 
A 1 89  LYS 89  182 182 LYS LYS A . n 
A 1 90  ASP 90  183 183 ASP ASP A . n 
A 1 91  THR 91  184 184 THR THR A . n 
A 1 92  LYS 92  185 185 LYS LYS A . n 
A 1 93  PHE 93  186 186 PHE PHE A . n 
A 1 94  ASN 94  187 187 ASN ASN A . n 
A 1 95  PRO 95  188 188 PRO PRO A . n 
A 1 96  LYS 96  189 189 LYS LYS A . n 
A 1 97  THR 97  190 190 THR THR A . n 
A 1 98  ARG 98  191 191 ARG ARG A . n 
A 1 99  ARG 99  192 192 ARG ARG A . n 
A 1 100 GLU 100 193 193 GLU GLU A . n 
A 1 101 ILE 101 194 194 ILE ILE A . n 
A 1 102 ARG 102 195 195 ARG ARG A . n 
A 1 103 ASN 103 196 196 ASN ASN A . n 
A 1 104 ILE 104 197 197 ILE ILE A . n 
A 1 105 GLU 105 198 198 GLU GLU A . n 
A 1 106 TRP 106 199 199 TRP TRP A . n 
A 1 107 PHE 107 200 200 PHE PHE A . n 
A 1 108 SER 108 201 201 SER SER A . n 
A 1 109 ILE 109 202 202 ILE ILE A . n 
A 1 110 GLU 110 203 203 GLU GLU A . n 
A 1 111 LYS 111 204 204 LYS LYS A . n 
A 1 112 LEU 112 205 205 LEU LEU A . n 
A 1 113 PRO 113 206 206 PRO PRO A . n 
A 1 114 CYS 114 207 207 CYS CYS A . n 
A 1 115 HIS 115 208 208 HIS HIS A . n 
A 1 116 ARG 116 209 209 ARG ARG A . n 
A 1 117 ASN 117 210 210 ASN ASN A . n 
A 1 118 ASP 118 211 211 ASP ASP A . n 
A 1 119 MET 119 212 212 MET MET A . n 
A 1 120 THR 120 213 213 THR THR A . n 
A 1 121 PRO 121 214 214 PRO PRO A . n 
A 1 122 LYS 122 215 215 LYS LYS A . n 
A 1 123 SER 123 216 216 SER SER A . n 
A 1 124 LYS 124 217 217 LYS LYS A . n 
A 1 125 LEU 125 218 218 LEU LEU A . n 
A 1 126 GLY 126 219 219 GLY GLY A . n 
A 1 127 LEU 127 220 220 LEU LEU A . n 
A 1 128 ALA 128 221 221 ALA ALA A . n 
A 1 129 PRO 129 222 222 PRO PRO A . n 
A 1 130 ASN 130 223 223 ASN ASN A . n 
A 1 131 LYS 131 224 224 LYS LYS A . n 
A 1 132 PHE 132 225 225 PHE PHE A . n 
A 1 133 PHE 133 226 226 PHE PHE A . n 
A 1 134 MET 134 227 227 MET MET A . n 
A 1 135 ALA 135 228 228 ALA ALA A . n 
A 1 136 ILE 136 229 229 ILE ILE A . n 
A 1 137 PRO 137 230 230 PRO PRO A . n 
A 1 138 PHE 138 231 231 PHE PHE A . n 
A 1 139 ILE 139 232 232 ILE ILE A . n 
A 1 140 ARG 140 233 233 ARG ARG A . n 
A 1 141 PRO 141 234 234 PRO PRO A . n 
A 1 142 LEU 142 235 235 LEU LEU A . n 
A 1 143 ARG 143 236 236 ARG ARG A . n 
A 1 144 ASP 144 237 237 ASP ASP A . n 
A 1 145 TRP 145 238 238 TRP TRP A . n 
A 1 146 LEU 146 239 239 LEU LEU A . n 
A 1 147 SER 147 240 240 SER SER A . n 
A 1 148 ARG 148 241 241 ARG ARG A . n 
A 1 149 ARG 149 242 242 ARG ARG A . n 
A 1 150 PHE 150 243 243 PHE PHE A . n 
A 1 151 GLY 151 244 244 GLY GLY A . n 
A 1 152 ASP 152 245 ?   ?   ?   A . n 
A 1 153 SER 153 246 ?   ?   ?   A . n 
A 1 154 SER 154 247 ?   ?   ?   A . n 
A 1 155 ASP 155 248 ?   ?   ?   A . n 
A 1 156 SER 156 249 ?   ?   ?   A . n 
A 1 157 ASP 157 250 ?   ?   ?   A . n 
A 1 158 ASN 158 251 ?   ?   ?   A . n 
A 1 159 GLY 159 252 ?   ?   ?   A . n 
A 1 160 PHE 160 253 ?   ?   ?   A . n 
A 1 161 SER 161 254 ?   ?   ?   A . n 
A 1 162 SER 162 255 ?   ?   ?   A . n 
A 1 163 THR 163 256 ?   ?   ?   A . n 
A 1 164 GLY 164 257 ?   ?   ?   A . n 
A 1 165 SER 165 258 ?   ?   ?   A . n 
A 1 166 THR 166 259 ?   ?   ?   A . n 
A 1 167 PRO 167 260 ?   ?   ?   A . n 
# 
loop_
_pdbx_nonpoly_scheme.asym_id 
_pdbx_nonpoly_scheme.entity_id 
_pdbx_nonpoly_scheme.mon_id 
_pdbx_nonpoly_scheme.ndb_seq_num 
_pdbx_nonpoly_scheme.pdb_seq_num 
_pdbx_nonpoly_scheme.auth_seq_num 
_pdbx_nonpoly_scheme.pdb_mon_id 
_pdbx_nonpoly_scheme.auth_mon_id 
_pdbx_nonpoly_scheme.pdb_strand_id 
_pdbx_nonpoly_scheme.pdb_ins_code 
B 2 EDO 1  301 2   EDO EDO A . 
C 2 EDO 1  302 3   EDO EDO A . 
D 3 DMS 1  303 1   DMS DMS A . 
E 4 ACT 1  304 1   ACT ACT A . 
F 4 ACT 1  305 2   ACT ACT A . 
G 5 LD7 1  306 1   LD7 LIG A . 
H 6 HOH 1  401 8   HOH HOH A . 
H 6 HOH 2  402 104 HOH HOH A . 
H 6 HOH 3  403 12  HOH HOH A . 
H 6 HOH 4  404 11  HOH HOH A . 
H 6 HOH 5  405 70  HOH HOH A . 
H 6 HOH 6  406 66  HOH HOH A . 
H 6 HOH 7  407 67  HOH HOH A . 
H 6 HOH 8  408 90  HOH HOH A . 
H 6 HOH 9  409 78  HOH HOH A . 
H 6 HOH 10 410 23  HOH HOH A . 
H 6 HOH 11 411 36  HOH HOH A . 
H 6 HOH 12 412 17  HOH HOH A . 
H 6 HOH 13 413 60  HOH HOH A . 
H 6 HOH 14 414 18  HOH HOH A . 
H 6 HOH 15 415 68  HOH HOH A . 
H 6 HOH 16 416 13  HOH HOH A . 
H 6 HOH 17 417 106 HOH HOH A . 
H 6 HOH 18 418 95  HOH HOH A . 
H 6 HOH 19 419 97  HOH HOH A . 
H 6 HOH 20 420 39  HOH HOH A . 
H 6 HOH 21 421 10  HOH HOH A . 
H 6 HOH 22 422 102 HOH HOH A . 
H 6 HOH 23 423 96  HOH HOH A . 
H 6 HOH 24 424 24  HOH HOH A . 
H 6 HOH 25 425 81  HOH HOH A . 
H 6 HOH 26 426 1   HOH HOH A . 
H 6 HOH 27 427 32  HOH HOH A . 
H 6 HOH 28 428 38  HOH HOH A . 
H 6 HOH 29 429 74  HOH HOH A . 
H 6 HOH 30 430 71  HOH HOH A . 
H 6 HOH 31 431 2   HOH HOH A . 
H 6 HOH 32 432 5   HOH HOH A . 
H 6 HOH 33 433 100 HOH HOH A . 
H 6 HOH 34 434 46  HOH HOH A . 
H 6 HOH 35 435 50  HOH HOH A . 
H 6 HOH 36 436 76  HOH HOH A . 
H 6 HOH 37 437 35  HOH HOH A . 
H 6 HOH 38 438 29  HOH HOH A . 
H 6 HOH 39 439 4   HOH HOH A . 
H 6 HOH 40 440 31  HOH HOH A . 
H 6 HOH 41 441 6   HOH HOH A . 
H 6 HOH 42 442 16  HOH HOH A . 
H 6 HOH 43 443 79  HOH HOH A . 
H 6 HOH 44 444 65  HOH HOH A . 
H 6 HOH 45 445 101 HOH HOH A . 
H 6 HOH 46 446 47  HOH HOH A . 
H 6 HOH 47 447 14  HOH HOH A . 
H 6 HOH 48 448 3   HOH HOH A . 
H 6 HOH 49 449 33  HOH HOH A . 
H 6 HOH 50 450 88  HOH HOH A . 
H 6 HOH 51 451 7   HOH HOH A . 
H 6 HOH 52 452 43  HOH HOH A . 
H 6 HOH 53 453 27  HOH HOH A . 
H 6 HOH 54 454 9   HOH HOH A . 
H 6 HOH 55 455 62  HOH HOH A . 
H 6 HOH 56 456 59  HOH HOH A . 
H 6 HOH 57 457 30  HOH HOH A . 
H 6 HOH 58 458 57  HOH HOH A . 
H 6 HOH 59 459 55  HOH HOH A . 
H 6 HOH 60 460 22  HOH HOH A . 
H 6 HOH 61 461 42  HOH HOH A . 
H 6 HOH 62 462 85  HOH HOH A . 
H 6 HOH 63 463 15  HOH HOH A . 
H 6 HOH 64 464 72  HOH HOH A . 
H 6 HOH 65 465 75  HOH HOH A . 
H 6 HOH 66 466 103 HOH HOH A . 
H 6 HOH 67 467 105 HOH HOH A . 
H 6 HOH 68 468 69  HOH HOH A . 
H 6 HOH 69 469 92  HOH HOH A . 
H 6 HOH 70 470 94  HOH HOH A . 
H 6 HOH 71 471 28  HOH HOH A . 
H 6 HOH 72 472 21  HOH HOH A . 
H 6 HOH 73 473 84  HOH HOH A . 
H 6 HOH 74 474 25  HOH HOH A . 
H 6 HOH 75 475 19  HOH HOH A . 
H 6 HOH 76 476 40  HOH HOH A . 
H 6 HOH 77 477 52  HOH HOH A . 
H 6 HOH 78 478 107 HOH HOH A . 
H 6 HOH 79 479 86  HOH HOH A . 
H 6 HOH 80 480 26  HOH HOH A . 
H 6 HOH 81 481 51  HOH HOH A . 
H 6 HOH 82 482 98  HOH HOH A . 
H 6 HOH 83 483 20  HOH HOH A . 
H 6 HOH 84 484 56  HOH HOH A . 
H 6 HOH 85 485 41  HOH HOH A . 
H 6 HOH 86 486 93  HOH HOH A . 
# 
loop_
_pdbx_unobs_or_zero_occ_atoms.id 
_pdbx_unobs_or_zero_occ_atoms.PDB_model_num 
_pdbx_unobs_or_zero_occ_atoms.polymer_flag 
_pdbx_unobs_or_zero_occ_atoms.occupancy_flag 
_pdbx_unobs_or_zero_occ_atoms.auth_asym_id 
_pdbx_unobs_or_zero_occ_atoms.auth_comp_id 
_pdbx_unobs_or_zero_occ_atoms.auth_seq_id 
_pdbx_unobs_or_zero_occ_atoms.PDB_ins_code 
_pdbx_unobs_or_zero_occ_atoms.auth_atom_id 
_pdbx_unobs_or_zero_occ_atoms.label_alt_id 
_pdbx_unobs_or_zero_occ_atoms.label_asym_id 
_pdbx_unobs_or_zero_occ_atoms.label_comp_id 
_pdbx_unobs_or_zero_occ_atoms.label_seq_id 
_pdbx_unobs_or_zero_occ_atoms.label_atom_id 
1  1 Y 1 A LYS 130 ? CE  ? A LYS 37  CE  
2  1 Y 1 A LYS 130 ? NZ  ? A LYS 37  NZ  
3  1 Y 1 A LYS 133 ? CG  ? A LYS 40  CG  
4  1 Y 1 A LYS 133 ? CD  ? A LYS 40  CD  
5  1 Y 1 A LYS 133 ? CE  ? A LYS 40  CE  
6  1 Y 1 A LYS 133 ? NZ  ? A LYS 40  NZ  
7  1 Y 1 A GLU 134 ? CG  ? A GLU 41  CG  
8  1 Y 1 A GLU 134 ? CD  ? A GLU 41  CD  
9  1 Y 1 A GLU 134 ? OE1 ? A GLU 41  OE1 
10 1 Y 1 A GLU 134 ? OE2 ? A GLU 41  OE2 
11 1 Y 1 A LYS 159 ? CD  ? A LYS 66  CD  
12 1 Y 1 A LYS 159 ? CE  ? A LYS 66  CE  
13 1 Y 1 A LYS 159 ? NZ  ? A LYS 66  NZ  
14 1 Y 1 A LYS 185 ? CE  ? A LYS 92  CE  
15 1 Y 1 A LYS 185 ? NZ  ? A LYS 92  NZ  
16 1 Y 1 A LYS 189 ? CG  ? A LYS 96  CG  
17 1 Y 1 A LYS 189 ? CD  ? A LYS 96  CD  
18 1 Y 1 A LYS 189 ? CE  ? A LYS 96  CE  
19 1 Y 1 A LYS 189 ? NZ  ? A LYS 96  NZ  
20 1 Y 1 A LYS 215 ? CD  ? A LYS 122 CD  
21 1 Y 1 A LYS 215 ? CE  ? A LYS 122 CE  
22 1 Y 1 A LYS 215 ? NZ  ? A LYS 122 NZ  
23 1 Y 1 A LYS 217 ? CE  ? A LYS 124 CE  
24 1 Y 1 A LYS 217 ? NZ  ? A LYS 124 NZ  
25 1 Y 1 A ARG 241 ? CD  ? A ARG 148 CD  
26 1 Y 1 A ARG 241 ? NE  ? A ARG 148 NE  
27 1 Y 1 A ARG 241 ? CZ  ? A ARG 148 CZ  
28 1 Y 1 A ARG 241 ? NH1 ? A ARG 148 NH1 
29 1 Y 1 A ARG 241 ? NH2 ? A ARG 148 NH2 
# 
loop_
_software.pdbx_ordinal 
_software.name 
_software.version 
_software.date 
_software.type 
_software.contact_author 
_software.contact_author_email 
_software.classification 
_software.location 
_software.language 
_software.citation_id 
1 REFMAC      5.8.0189 ?               program 'Garib N. Murshudov' garib@ysbl.york.ac.uk    refinement        
http://www.ccp4.ac.uk/dist/html/refmac5.html        Fortran_77 ? 
2 Aimless     0.5.32   29/03/17        program 'Phil Evans'         ?                        'data scaling'    
http://www.mrc-lmb.cam.ac.uk/harry/pre/aimless.html ?          ? 
3 PDB_EXTRACT 3.23     'SEP. 23, 2016' package PDB                  deposit@deposit.rcsb.org 'data extraction' 
http://sw-tools.pdb.org/apps/PDB_EXTRACT/           C++        ? 
4 XDS         .        ?               program ?                    ?                        'data reduction'  ? ?          ? 
5 REFMAC      .        ?               program ?                    ?                        phasing           ? ?          ? 
# 
_cell.entry_id           5QOQ 
_cell.length_a           48.388 
_cell.length_b           60.478 
_cell.length_c           65.620 
_cell.angle_alpha        90.000 
_cell.angle_beta         90.000 
_cell.angle_gamma        90.000 
_cell.Z_PDB              4 
_cell.pdbx_unique_axis   ? 
# 
_symmetry.entry_id                         5QOQ 
_symmetry.space_group_name_H-M             'P 21 21 21' 
_symmetry.pdbx_full_space_group_name_H-M   ? 
_symmetry.cell_setting                     ? 
_symmetry.Int_Tables_number                19 
# 
_exptl.crystals_number   1 
_exptl.entry_id          5QOQ 
_exptl.method            'X-RAY DIFFRACTION' 
# 
_exptl_crystal.id                    1 
_exptl_crystal.pdbx_mosaicity        0.060 
_exptl_crystal.pdbx_mosaicity_esd    ? 
_exptl_crystal.density_Matthews      2.52 
_exptl_crystal.density_diffrn        ? 
_exptl_crystal.density_meas          ? 
_exptl_crystal.density_meas_temp     ? 
_exptl_crystal.density_percent_sol   51.13 
_exptl_crystal.size_max              ? 
_exptl_crystal.size_mid              ? 
_exptl_crystal.size_min              ? 
_exptl_crystal.size_rad              ? 
_exptl_crystal.description           ? 
# 
_exptl_crystal_grow.crystal_id      1 
_exptl_crystal_grow.method          'VAPOR DIFFUSION, SITTING DROP' 
_exptl_crystal_grow.pH              4.5 
_exptl_crystal_grow.temp            277 
_exptl_crystal_grow.pdbx_details    '0.1 M acetate, pH 4.5, 5-25% PEG3350' 
_exptl_crystal_grow.temp_details    ? 
_exptl_crystal_grow.pdbx_pH_range   ? 
# 
_diffrn.id                     1 
_diffrn.ambient_temp           ? 
_diffrn.crystal_id             1 
_diffrn.ambient_temp_details   ? 
# 
_diffrn_detector.detector               PIXEL 
_diffrn_detector.type                   'DECTRIS PILATUS 2M' 
_diffrn_detector.pdbx_collection_date   2017-07-27 
_diffrn_detector.diffrn_id              1 
_diffrn_detector.details                ? 
# 
_diffrn_radiation.diffrn_id                        1 
_diffrn_radiation.wavelength_id                    1 
_diffrn_radiation.pdbx_diffrn_protocol             'SINGLE WAVELENGTH' 
_diffrn_radiation.pdbx_monochromatic_or_laue_m_l   ? 
_diffrn_radiation.monochromator                    ? 
_diffrn_radiation.pdbx_scattering_type             x-ray 
# 
_diffrn_radiation_wavelength.id           1 
_diffrn_radiation_wavelength.wavelength   0.91587 
_diffrn_radiation_wavelength.wt           1.0 
# 
_diffrn_source.diffrn_id                   1 
_diffrn_source.source                      SYNCHROTRON 
_diffrn_source.type                        'DIAMOND BEAMLINE I04-1' 
_diffrn_source.pdbx_wavelength_list        0.91587 
_diffrn_source.pdbx_synchrotron_site       Diamond 
_diffrn_source.pdbx_synchrotron_beamline   I04-1 
_diffrn_source.pdbx_wavelength             ? 
# 
_reflns.entry_id                     5QOQ 
_reflns.pdbx_diffrn_id               1 
_reflns.pdbx_ordinal                 1 
_reflns.observed_criterion_sigma_I   ? 
_reflns.observed_criterion_sigma_F   ? 
_reflns.d_resolution_low             28.840 
_reflns.d_resolution_high            1.490 
_reflns.number_obs                   32111 
_reflns.number_all                   ? 
_reflns.percent_possible_obs         99.800 
_reflns.pdbx_Rmerge_I_obs            0.030 
_reflns.pdbx_Rsym_value              ? 
_reflns.pdbx_netI_over_sigmaI        26.200 
_reflns.B_iso_Wilson_estimate        ? 
_reflns.pdbx_redundancy              5.800 
_reflns.pdbx_Rrim_I_all              0.032 
_reflns.pdbx_Rpim_I_all              0.013 
_reflns.pdbx_CC_half                 0.999 
_reflns.pdbx_netI_over_av_sigmaI     ? 
_reflns.pdbx_number_measured_all     186983 
_reflns.pdbx_scaling_rejects         0 
_reflns.pdbx_chi_squared             ? 
_reflns.Rmerge_F_all                 ? 
_reflns.Rmerge_F_obs                 ? 
_reflns.observed_criterion_F_max     ? 
_reflns.observed_criterion_F_min     ? 
_reflns.observed_criterion_I_max     ? 
_reflns.observed_criterion_I_min     ? 
_reflns.pdbx_d_res_high_opt          ? 
_reflns.pdbx_d_res_low_opt           ? 
_reflns.details                      ? 
# 
loop_
_reflns_shell.pdbx_diffrn_id 
_reflns_shell.pdbx_ordinal 
_reflns_shell.d_res_high 
_reflns_shell.d_res_low 
_reflns_shell.number_measured_obs 
_reflns_shell.number_measured_all 
_reflns_shell.number_unique_obs 
_reflns_shell.pdbx_rejects 
_reflns_shell.Rmerge_I_obs 
_reflns_shell.meanI_over_sigI_obs 
_reflns_shell.pdbx_Rsym_value 
_reflns_shell.pdbx_chi_squared 
_reflns_shell.pdbx_redundancy 
_reflns_shell.percent_possible_obs 
_reflns_shell.pdbx_netI_over_sigmaI_obs 
_reflns_shell.number_possible 
_reflns_shell.number_unique_all 
_reflns_shell.Rmerge_F_all 
_reflns_shell.Rmerge_F_obs 
_reflns_shell.Rmerge_I_all 
_reflns_shell.meanI_over_sigI_all 
_reflns_shell.percent_possible_all 
_reflns_shell.pdbx_Rrim_I_all 
_reflns_shell.pdbx_Rpim_I_all 
_reflns_shell.pdbx_CC_half 
1 1 1.490 1.530  ? 9318 ? ? 0.529 ? ? ? 4.100 ? 2.100  ? 2281 ? ? ? ? 98.000 0.607 0.294 0.900 
1 2 6.660 28.840 ? 2217 ? ? 0.031 ? ? ? 5.300 ? 66.500 ? 422  ? ? ? ? 98.200 0.035 0.015 0.998 
# 
_refine.entry_id                                 5QOQ 
_refine.pdbx_refine_id                           'X-RAY DIFFRACTION' 
_refine.ls_d_res_high                            1.4900 
_refine.ls_d_res_low                             44.5100 
_refine.pdbx_ls_sigma_F                          0.000 
_refine.pdbx_data_cutoff_high_absF               ? 
_refine.pdbx_data_cutoff_low_absF                ? 
_refine.ls_percent_reflns_obs                    99.6900 
_refine.ls_number_reflns_obs                     30462 
_refine.ls_number_reflns_all                     ? 
_refine.pdbx_ls_cross_valid_method               THROUGHOUT 
_refine.ls_matrix_type                           ? 
_refine.pdbx_R_Free_selection_details            RANDOM 
_refine.details                                  
'HYDROGENS HAVE BEEN ADDED IN THE RIDING POSITIONS U VALUES : REFINED INDIVIDUALLY' 
_refine.ls_R_factor_all                          ? 
_refine.ls_R_factor_obs                          0.2137 
_refine.ls_R_factor_R_work                       0.2116 
_refine.ls_wR_factor_R_work                      ? 
_refine.ls_R_factor_R_free                       0.2567 
_refine.ls_wR_factor_R_free                      ? 
_refine.ls_percent_reflns_R_free                 5.0000 
_refine.ls_number_reflns_R_free                  1587 
_refine.ls_number_reflns_R_work                  ? 
_refine.ls_R_factor_R_free_error                 ? 
_refine.B_iso_mean                               32.3440 
_refine.solvent_model_param_bsol                 ? 
_refine.solvent_model_param_ksol                 ? 
_refine.pdbx_isotropic_thermal_model             ? 
_refine.aniso_B[1][1]                            1.7300 
_refine.aniso_B[2][2]                            -1.8100 
_refine.aniso_B[3][3]                            0.0800 
_refine.aniso_B[1][2]                            0.0000 
_refine.aniso_B[1][3]                            -0.0000 
_refine.aniso_B[2][3]                            0.0000 
_refine.correlation_coeff_Fo_to_Fc               0.9600 
_refine.correlation_coeff_Fo_to_Fc_free          0.9310 
_refine.overall_SU_R_Cruickshank_DPI             ? 
_refine.pdbx_overall_SU_R_free_Cruickshank_DPI   ? 
_refine.pdbx_overall_SU_R_Blow_DPI               ? 
_refine.pdbx_overall_SU_R_free_Blow_DPI          ? 
_refine.overall_SU_R_free                        ? 
_refine.pdbx_overall_ESU_R                       0.0830 
_refine.pdbx_overall_ESU_R_Free                  0.0890 
_refine.overall_SU_ML                            0.0650 
_refine.overall_SU_B                             1.7610 
_refine.solvent_model_details                    MASK 
_refine.pdbx_solvent_vdw_probe_radii             1.2000 
_refine.pdbx_solvent_ion_probe_radii             0.8000 
_refine.pdbx_solvent_shrinkage_radii             0.8000 
_refine.ls_number_parameters                     ? 
_refine.ls_number_restraints                     ? 
_refine.pdbx_starting_model                      'PDB entry 5MP0' 
_refine.pdbx_method_to_determine_struct          'FOURIER SYNTHESIS' 
_refine.pdbx_stereochemistry_target_values       'MAXIMUM LIKELIHOOD' 
_refine.pdbx_stereochem_target_val_spec_case     ? 
_refine.overall_FOM_work_R_set                   ? 
_refine.B_iso_max                                82.580 
_refine.B_iso_min                                17.900 
_refine.pdbx_overall_phase_error                 ? 
_refine.occupancy_max                            ? 
_refine.occupancy_min                            ? 
_refine.pdbx_diffrn_id                           1 
_refine.pdbx_TLS_residual_ADP_flag               ? 
_refine.pdbx_ls_sigma_I                          ? 
_refine.pdbx_data_cutoff_high_rms_absF           ? 
_refine.ls_R_factor_R_free_error_details         ? 
# 
_refine_hist.cycle_id                         final 
_refine_hist.pdbx_refine_id                   'X-RAY DIFFRACTION' 
_refine_hist.d_res_high                       1.4900 
_refine_hist.d_res_low                        44.5100 
_refine_hist.pdbx_number_atoms_ligand         38 
_refine_hist.number_atoms_solvent             86 
_refine_hist.number_atoms_total               1315 
_refine_hist.pdbx_number_residues_total       149 
_refine_hist.pdbx_B_iso_mean_ligand           50.22 
_refine_hist.pdbx_B_iso_mean_solvent          40.31 
_refine_hist.pdbx_number_atoms_protein        1191 
_refine_hist.pdbx_number_atoms_nucleic_acid   0 
# 
loop_
_refine_ls_restr.pdbx_refine_id 
_refine_ls_restr.type 
_refine_ls_restr.number 
_refine_ls_restr.dev_ideal 
_refine_ls_restr.dev_ideal_target 
_refine_ls_restr.weight 
_refine_ls_restr.pdbx_restraint_function 
'X-RAY DIFFRACTION' r_bond_refined_d       1718 0.013  0.019  ? ? 
'X-RAY DIFFRACTION' r_bond_other_d         1443 0.002  0.020  ? ? 
'X-RAY DIFFRACTION' r_angle_refined_deg    2110 1.677  1.964  ? ? 
'X-RAY DIFFRACTION' r_angle_other_deg      3332 1.038  2.977  ? ? 
'X-RAY DIFFRACTION' r_dihedral_angle_1_deg 193  7.203  5.000  ? ? 
'X-RAY DIFFRACTION' r_dihedral_angle_2_deg 77   28.583 21.169 ? ? 
'X-RAY DIFFRACTION' r_dihedral_angle_3_deg 260  16.401 15.000 ? ? 
'X-RAY DIFFRACTION' r_dihedral_angle_4_deg 19   20.055 15.000 ? ? 
'X-RAY DIFFRACTION' r_chiral_restr         208  0.103  0.200  ? ? 
'X-RAY DIFFRACTION' r_gen_planes_refined   1803 0.008  0.021  ? ? 
'X-RAY DIFFRACTION' r_gen_planes_other     370  0.003  0.020  ? ? 
'X-RAY DIFFRACTION' r_mcbond_it            789  2.212  3.086  ? ? 
'X-RAY DIFFRACTION' r_mcbond_other         780  2.207  3.053  ? ? 
'X-RAY DIFFRACTION' r_mcangle_it           931  3.462  4.576  ? ? 
# 
_refine_ls_shell.d_res_high                       1.4900 
_refine_ls_shell.d_res_low                        1.5290 
_refine_ls_shell.pdbx_total_number_of_bins_used   20 
_refine_ls_shell.percent_reflns_obs               97.8100 
_refine_ls_shell.number_reflns_R_work             2160 
_refine_ls_shell.R_factor_all                     ? 
_refine_ls_shell.R_factor_R_work                  0.2890 
_refine_ls_shell.R_factor_R_free                  0.3120 
_refine_ls_shell.percent_reflns_R_free            ? 
_refine_ls_shell.number_reflns_R_free             116 
_refine_ls_shell.R_factor_R_free_error            ? 
_refine_ls_shell.number_reflns_all                2276 
_refine_ls_shell.number_reflns_obs                ? 
_refine_ls_shell.pdbx_refine_id                   'X-RAY DIFFRACTION' 
# 
_struct.entry_id                  5QOQ 
_struct.title                     
'PanDDA analysis group deposition -- Crystal Structure of DCP2 (NUDT20) in complex with Z2895259680' 
_struct.pdbx_model_details        ? 
_struct.pdbx_CASP_flag            ? 
_struct.pdbx_model_type_details   ? 
# 
_struct_keywords.entry_id        5QOQ 
_struct_keywords.text            'SGC - Diamond I04-1 fragment screening, PanDDA, XChemExplorer, HYDROLASE' 
_struct_keywords.pdbx_keywords   HYDROLASE 
# 
loop_
_struct_asym.id 
_struct_asym.pdbx_blank_PDB_chainid_flag 
_struct_asym.pdbx_modified 
_struct_asym.entity_id 
_struct_asym.details 
A N N 1 ? 
B N N 2 ? 
C N N 2 ? 
D N N 3 ? 
E N N 4 ? 
F N N 4 ? 
G N N 5 ? 
H N N 6 ? 
# 
_struct_ref.id                         1 
_struct_ref.db_name                    UNP 
_struct_ref.db_code                    DCP2_HUMAN 
_struct_ref.pdbx_db_accession          Q8IU60 
_struct_ref.pdbx_db_isoform            ? 
_struct_ref.entity_id                  1 
_struct_ref.pdbx_seq_one_letter_code   
;MGVPTYGAIILDETLENVLLVQGYLAKSGWGFPKGKVNKEEAPHDCAAREVFEETGFDIKDYICKDDYIELRINDQLARL
YIIPGIPKDTKFNPKTRREIRNIEWFSIEKLPCHRNDMTPKSKLGLAPNKFFMAIPFIRPLRDWLSRRFGDSSDSDNGFS
STGSTP
;
_struct_ref.pdbx_align_begin           95 
# 
_struct_ref_seq.align_id                      1 
_struct_ref_seq.ref_id                        1 
_struct_ref_seq.pdbx_PDB_id_code              5QOQ 
_struct_ref_seq.pdbx_strand_id                A 
_struct_ref_seq.seq_align_beg                 2 
_struct_ref_seq.pdbx_seq_align_beg_ins_code   ? 
_struct_ref_seq.seq_align_end                 167 
_struct_ref_seq.pdbx_seq_align_end_ins_code   ? 
_struct_ref_seq.pdbx_db_accession             Q8IU60 
_struct_ref_seq.db_align_beg                  95 
_struct_ref_seq.pdbx_db_align_beg_ins_code    ? 
_struct_ref_seq.db_align_end                  260 
_struct_ref_seq.pdbx_db_align_end_ins_code    ? 
_struct_ref_seq.pdbx_auth_seq_align_beg       95 
_struct_ref_seq.pdbx_auth_seq_align_end       260 
# 
_struct_ref_seq_dif.align_id                     1 
_struct_ref_seq_dif.pdbx_pdb_id_code             5QOQ 
_struct_ref_seq_dif.mon_id                       SER 
_struct_ref_seq_dif.pdbx_pdb_strand_id           A 
_struct_ref_seq_dif.seq_num                      1 
_struct_ref_seq_dif.pdbx_pdb_ins_code            ? 
_struct_ref_seq_dif.pdbx_seq_db_name             UNP 
_struct_ref_seq_dif.pdbx_seq_db_accession_code   Q8IU60 
_struct_ref_seq_dif.db_mon_id                    ? 
_struct_ref_seq_dif.pdbx_seq_db_seq_num          ? 
_struct_ref_seq_dif.details                      'expression tag' 
_struct_ref_seq_dif.pdbx_auth_seq_num            94 
_struct_ref_seq_dif.pdbx_ordinal                 1 
# 
_pdbx_struct_assembly.id                   1 
_pdbx_struct_assembly.details              author_and_software_defined_assembly 
_pdbx_struct_assembly.method_details       PISA 
_pdbx_struct_assembly.oligomeric_details   monomeric 
_pdbx_struct_assembly.oligomeric_count     1 
# 
loop_
_pdbx_struct_assembly_prop.biol_id 
_pdbx_struct_assembly_prop.type 
_pdbx_struct_assembly_prop.value 
_pdbx_struct_assembly_prop.details 
1 'ABSA (A^2)' 860  ? 
1 MORE         4    ? 
1 'SSA (A^2)'  8690 ? 
# 
_pdbx_struct_assembly_gen.assembly_id       1 
_pdbx_struct_assembly_gen.oper_expression   1 
_pdbx_struct_assembly_gen.asym_id_list      A,B,C,D,E,F,G,H 
# 
_pdbx_struct_oper_list.id                   1 
_pdbx_struct_oper_list.type                 'identity operation' 
_pdbx_struct_oper_list.name                 1_555 
_pdbx_struct_oper_list.symmetry_operation   x,y,z 
_pdbx_struct_oper_list.matrix[1][1]         1.0000000000 
_pdbx_struct_oper_list.matrix[1][2]         0.0000000000 
_pdbx_struct_oper_list.matrix[1][3]         0.0000000000 
_pdbx_struct_oper_list.vector[1]            0.0000000000 
_pdbx_struct_oper_list.matrix[2][1]         0.0000000000 
_pdbx_struct_oper_list.matrix[2][2]         1.0000000000 
_pdbx_struct_oper_list.matrix[2][3]         0.0000000000 
_pdbx_struct_oper_list.vector[2]            0.0000000000 
_pdbx_struct_oper_list.matrix[3][1]         0.0000000000 
_pdbx_struct_oper_list.matrix[3][2]         0.0000000000 
_pdbx_struct_oper_list.matrix[3][3]         1.0000000000 
_pdbx_struct_oper_list.vector[3]            0.0000000000 
# 
loop_
_struct_conf.conf_type_id 
_struct_conf.id 
_struct_conf.pdbx_PDB_helix_id 
_struct_conf.beg_label_comp_id 
_struct_conf.beg_label_asym_id 
_struct_conf.beg_label_seq_id 
_struct_conf.pdbx_beg_PDB_ins_code 
_struct_conf.end_label_comp_id 
_struct_conf.end_label_asym_id 
_struct_conf.end_label_seq_id 
_struct_conf.pdbx_end_PDB_ins_code 
_struct_conf.beg_auth_comp_id 
_struct_conf.beg_auth_asym_id 
_struct_conf.beg_auth_seq_id 
_struct_conf.end_auth_comp_id 
_struct_conf.end_auth_asym_id 
_struct_conf.end_auth_seq_id 
_struct_conf.pdbx_PDB_helix_class 
_struct_conf.details 
_struct_conf.pdbx_PDB_helix_length 
HELX_P HELX_P1 AA1 TYR A 25  ? SER A 29  ? TYR A 118 SER A 122 5 ? 5  
HELX_P HELX_P2 AA2 ALA A 43  ? GLY A 57  ? ALA A 136 GLY A 150 1 ? 15 
HELX_P HELX_P3 AA3 GLU A 110 ? LEU A 112 ? GLU A 203 LEU A 205 5 ? 3  
HELX_P HELX_P4 AA4 MET A 119 ? SER A 123 ? MET A 212 SER A 216 5 ? 5  
HELX_P HELX_P5 AA5 ALA A 135 ? PHE A 150 ? ALA A 228 PHE A 243 1 ? 16 
# 
_struct_conf_type.id          HELX_P 
_struct_conf_type.criteria    ? 
_struct_conf_type.reference   ? 
# 
loop_
_struct_sheet.id 
_struct_sheet.type 
_struct_sheet.number_strands 
_struct_sheet.details 
AA1 ? 4 ? 
AA2 ? 3 ? 
# 
loop_
_struct_sheet_order.sheet_id 
_struct_sheet_order.range_id_1 
_struct_sheet_order.range_id_2 
_struct_sheet_order.offset 
_struct_sheet_order.sense 
AA1 1 2 ? anti-parallel 
AA1 2 3 ? parallel      
AA1 3 4 ? anti-parallel 
AA2 1 2 ? anti-parallel 
AA2 2 3 ? anti-parallel 
# 
loop_
_struct_sheet_range.sheet_id 
_struct_sheet_range.id 
_struct_sheet_range.beg_label_comp_id 
_struct_sheet_range.beg_label_asym_id 
_struct_sheet_range.beg_label_seq_id 
_struct_sheet_range.pdbx_beg_PDB_ins_code 
_struct_sheet_range.end_label_comp_id 
_struct_sheet_range.end_label_asym_id 
_struct_sheet_range.end_label_seq_id 
_struct_sheet_range.pdbx_end_PDB_ins_code 
_struct_sheet_range.beg_auth_comp_id 
_struct_sheet_range.beg_auth_asym_id 
_struct_sheet_range.beg_auth_seq_id 
_struct_sheet_range.end_auth_comp_id 
_struct_sheet_range.end_auth_asym_id 
_struct_sheet_range.end_auth_seq_id 
AA1 1 LYS A 35  ? LYS A 37  ? LYS A 128 LYS A 130 
AA1 2 THR A 6   ? ILE A 11  ? THR A 99  ILE A 104 
AA1 3 GLN A 77  ? ILE A 84  ? GLN A 170 ILE A 177 
AA1 4 TYR A 69  ? ILE A 74  ? TYR A 162 ILE A 167 
AA2 1 TRP A 31  ? GLY A 32  ? TRP A 124 GLY A 125 
AA2 2 ASN A 18  ? GLN A 23  ? ASN A 111 GLN A 116 
AA2 3 ASN A 103 ? SER A 108 ? ASN A 196 SER A 201 
# 
loop_
_pdbx_struct_sheet_hbond.sheet_id 
_pdbx_struct_sheet_hbond.range_id_1 
_pdbx_struct_sheet_hbond.range_id_2 
_pdbx_struct_sheet_hbond.range_1_label_atom_id 
_pdbx_struct_sheet_hbond.range_1_label_comp_id 
_pdbx_struct_sheet_hbond.range_1_label_asym_id 
_pdbx_struct_sheet_hbond.range_1_label_seq_id 
_pdbx_struct_sheet_hbond.range_1_PDB_ins_code 
_pdbx_struct_sheet_hbond.range_1_auth_atom_id 
_pdbx_struct_sheet_hbond.range_1_auth_comp_id 
_pdbx_struct_sheet_hbond.range_1_auth_asym_id 
_pdbx_struct_sheet_hbond.range_1_auth_seq_id 
_pdbx_struct_sheet_hbond.range_2_label_atom_id 
_pdbx_struct_sheet_hbond.range_2_label_comp_id 
_pdbx_struct_sheet_hbond.range_2_label_asym_id 
_pdbx_struct_sheet_hbond.range_2_label_seq_id 
_pdbx_struct_sheet_hbond.range_2_PDB_ins_code 
_pdbx_struct_sheet_hbond.range_2_auth_atom_id 
_pdbx_struct_sheet_hbond.range_2_auth_comp_id 
_pdbx_struct_sheet_hbond.range_2_auth_asym_id 
_pdbx_struct_sheet_hbond.range_2_auth_seq_id 
AA1 1 2 O GLY A 36 ? O GLY A 129 N TYR A 7   ? N TYR A 100 
AA1 2 3 N ILE A 10 ? N ILE A 103 O ILE A 84  ? O ILE A 177 
AA1 3 4 O LEU A 81 ? O LEU A 174 N ILE A 70  ? N ILE A 163 
AA2 1 2 O GLY A 32 ? O GLY A 125 N VAL A 22  ? N VAL A 115 
AA2 2 3 N LEU A 21 ? N LEU A 114 O GLU A 105 ? O GLU A 198 
# 
loop_
_struct_site.id 
_struct_site.pdbx_evidence_code 
_struct_site.pdbx_auth_asym_id 
_struct_site.pdbx_auth_comp_id 
_struct_site.pdbx_auth_seq_id 
_struct_site.pdbx_auth_ins_code 
_struct_site.pdbx_num_residues 
_struct_site.details 
AC1 Software A EDO 301 ? 4 'binding site for residue EDO A 301' 
AC2 Software A EDO 302 ? 3 'binding site for residue EDO A 302' 
AC3 Software A DMS 303 ? 2 'binding site for residue DMS A 303' 
AC4 Software A ACT 304 ? 3 'binding site for residue ACT A 304' 
AC5 Software A ACT 305 ? 5 'binding site for residue ACT A 305' 
AC6 Software A LD7 306 ? 9 'binding site for residue LD7 A 306' 
# 
loop_
_struct_site_gen.id 
_struct_site_gen.site_id 
_struct_site_gen.pdbx_num_res 
_struct_site_gen.label_comp_id 
_struct_site_gen.label_asym_id 
_struct_site_gen.label_seq_id 
_struct_site_gen.pdbx_auth_ins_code 
_struct_site_gen.auth_comp_id 
_struct_site_gen.auth_asym_id 
_struct_site_gen.auth_seq_id 
_struct_site_gen.label_atom_id 
_struct_site_gen.label_alt_id 
_struct_site_gen.symmetry 
_struct_site_gen.details 
1  AC1 4 PHE A 53  ? PHE A 146 . ? 1_555 ? 
2  AC1 4 ASP A 59  ? ASP A 152 . ? 1_555 ? 
3  AC1 4 LYS A 61  ? LYS A 154 . ? 1_555 ? 
4  AC1 4 HOH H .   ? HOH A 419 . ? 1_555 ? 
5  AC2 3 ASN A 130 ? ASN A 223 . ? 1_555 ? 
6  AC2 3 LYS A 131 ? LYS A 224 . ? 1_555 ? 
7  AC2 3 ACT F .   ? ACT A 305 . ? 1_555 ? 
8  AC3 2 ASN A 18  ? ASN A 111 . ? 1_555 ? 
9  AC3 2 TRP A 106 ? TRP A 199 . ? 1_555 ? 
10 AC4 3 SER A 29  ? SER A 122 . ? 1_555 ? 
11 AC4 3 TYR A 63  ? TYR A 156 . ? 3_357 ? 
12 AC4 3 HOH H .   ? HOH A 415 . ? 1_555 ? 
13 AC5 5 ARG A 116 ? ARG A 209 . ? 1_555 ? 
14 AC5 5 PRO A 129 ? PRO A 222 . ? 1_555 ? 
15 AC5 5 ASN A 130 ? ASN A 223 . ? 1_555 ? 
16 AC5 5 PHE A 133 ? PHE A 226 . ? 1_555 ? 
17 AC5 5 EDO C .   ? EDO A 302 . ? 1_555 ? 
18 AC6 9 GLY A 24  ? GLY A 117 . ? 1_555 ? 
19 AC6 9 ALA A 27  ? ALA A 120 . ? 1_555 ? 
20 AC6 9 LYS A 28  ? LYS A 121 . ? 1_555 ? 
21 AC6 9 SER A 29  ? SER A 122 . ? 1_555 ? 
22 AC6 9 GLY A 30  ? GLY A 123 . ? 1_555 ? 
23 AC6 9 GLY A 32  ? GLY A 125 . ? 1_555 ? 
24 AC6 9 GLU A 55  ? GLU A 148 . ? 1_555 ? 
25 AC6 9 ILE A 101 ? ILE A 194 . ? 1_555 ? 
26 AC6 9 MET A 134 ? MET A 227 . ? 1_555 ? 
# 
_pdbx_validate_torsion.id              1 
_pdbx_validate_torsion.PDB_model_num   1 
_pdbx_validate_torsion.auth_comp_id    LEU 
_pdbx_validate_torsion.auth_asym_id    A 
_pdbx_validate_torsion.auth_seq_id     119 
_pdbx_validate_torsion.PDB_ins_code    ? 
_pdbx_validate_torsion.label_alt_id    ? 
_pdbx_validate_torsion.phi             55.13 
_pdbx_validate_torsion.psi             -114.85 
# 
_pdbx_validate_peptide_omega.id               1 
_pdbx_validate_peptide_omega.PDB_model_num    1 
_pdbx_validate_peptide_omega.auth_comp_id_1   LYS 
_pdbx_validate_peptide_omega.auth_asym_id_1   A 
_pdbx_validate_peptide_omega.auth_seq_id_1    189 
_pdbx_validate_peptide_omega.PDB_ins_code_1   ? 
_pdbx_validate_peptide_omega.label_alt_id_1   ? 
_pdbx_validate_peptide_omega.auth_comp_id_2   THR 
_pdbx_validate_peptide_omega.auth_asym_id_2   A 
_pdbx_validate_peptide_omega.auth_seq_id_2    190 
_pdbx_validate_peptide_omega.PDB_ins_code_2   ? 
_pdbx_validate_peptide_omega.label_alt_id_2   A 
_pdbx_validate_peptide_omega.omega            -135.09 
# 
_phasing.method   MR 
# 
loop_
_pdbx_unobs_or_zero_occ_residues.id 
_pdbx_unobs_or_zero_occ_residues.PDB_model_num 
_pdbx_unobs_or_zero_occ_residues.polymer_flag 
_pdbx_unobs_or_zero_occ_residues.occupancy_flag 
_pdbx_unobs_or_zero_occ_residues.auth_asym_id 
_pdbx_unobs_or_zero_occ_residues.auth_comp_id 
_pdbx_unobs_or_zero_occ_residues.auth_seq_id 
_pdbx_unobs_or_zero_occ_residues.PDB_ins_code 
_pdbx_unobs_or_zero_occ_residues.label_asym_id 
_pdbx_unobs_or_zero_occ_residues.label_comp_id 
_pdbx_unobs_or_zero_occ_residues.label_seq_id 
1  1 Y 1 A SER 94  ? A SER 1   
2  1 Y 1 A MET 95  ? A MET 2   
3  1 Y 1 A ASP 245 ? A ASP 152 
4  1 Y 1 A SER 246 ? A SER 153 
5  1 Y 1 A SER 247 ? A SER 154 
6  1 Y 1 A ASP 248 ? A ASP 155 
7  1 Y 1 A SER 249 ? A SER 156 
8  1 Y 1 A ASP 250 ? A ASP 157 
9  1 Y 1 A ASN 251 ? A ASN 158 
10 1 Y 1 A GLY 252 ? A GLY 159 
11 1 Y 1 A PHE 253 ? A PHE 160 
12 1 Y 1 A SER 254 ? A SER 161 
13 1 Y 1 A SER 255 ? A SER 162 
14 1 Y 1 A THR 256 ? A THR 163 
15 1 Y 1 A GLY 257 ? A GLY 164 
16 1 Y 1 A SER 258 ? A SER 165 
17 1 Y 1 A THR 259 ? A THR 166 
18 1 Y 1 A PRO 260 ? A PRO 167 
# 
loop_
_chem_comp_atom.comp_id 
_chem_comp_atom.atom_id 
_chem_comp_atom.type_symbol 
_chem_comp_atom.pdbx_aromatic_flag 
_chem_comp_atom.pdbx_stereo_config 
_chem_comp_atom.pdbx_ordinal 
ACT C    C N N 1   
ACT O    O N N 2   
ACT OXT  O N N 3   
ACT CH3  C N N 4   
ACT H1   H N N 5   
ACT H2   H N N 6   
ACT H3   H N N 7   
ALA N    N N N 8   
ALA CA   C N S 9   
ALA C    C N N 10  
ALA O    O N N 11  
ALA CB   C N N 12  
ALA OXT  O N N 13  
ALA H    H N N 14  
ALA H2   H N N 15  
ALA HA   H N N 16  
ALA HB1  H N N 17  
ALA HB2  H N N 18  
ALA HB3  H N N 19  
ALA HXT  H N N 20  
ARG N    N N N 21  
ARG CA   C N S 22  
ARG C    C N N 23  
ARG O    O N N 24  
ARG CB   C N N 25  
ARG CG   C N N 26  
ARG CD   C N N 27  
ARG NE   N N N 28  
ARG CZ   C N N 29  
ARG NH1  N N N 30  
ARG NH2  N N N 31  
ARG OXT  O N N 32  
ARG H    H N N 33  
ARG H2   H N N 34  
ARG HA   H N N 35  
ARG HB2  H N N 36  
ARG HB3  H N N 37  
ARG HG2  H N N 38  
ARG HG3  H N N 39  
ARG HD2  H N N 40  
ARG HD3  H N N 41  
ARG HE   H N N 42  
ARG HH11 H N N 43  
ARG HH12 H N N 44  
ARG HH21 H N N 45  
ARG HH22 H N N 46  
ARG HXT  H N N 47  
ASN N    N N N 48  
ASN CA   C N S 49  
ASN C    C N N 50  
ASN O    O N N 51  
ASN CB   C N N 52  
ASN CG   C N N 53  
ASN OD1  O N N 54  
ASN ND2  N N N 55  
ASN OXT  O N N 56  
ASN H    H N N 57  
ASN H2   H N N 58  
ASN HA   H N N 59  
ASN HB2  H N N 60  
ASN HB3  H N N 61  
ASN HD21 H N N 62  
ASN HD22 H N N 63  
ASN HXT  H N N 64  
ASP N    N N N 65  
ASP CA   C N S 66  
ASP C    C N N 67  
ASP O    O N N 68  
ASP CB   C N N 69  
ASP CG   C N N 70  
ASP OD1  O N N 71  
ASP OD2  O N N 72  
ASP OXT  O N N 73  
ASP H    H N N 74  
ASP H2   H N N 75  
ASP HA   H N N 76  
ASP HB2  H N N 77  
ASP HB3  H N N 78  
ASP HD2  H N N 79  
ASP HXT  H N N 80  
CYS N    N N N 81  
CYS CA   C N R 82  
CYS C    C N N 83  
CYS O    O N N 84  
CYS CB   C N N 85  
CYS SG   S N N 86  
CYS OXT  O N N 87  
CYS H    H N N 88  
CYS H2   H N N 89  
CYS HA   H N N 90  
CYS HB2  H N N 91  
CYS HB3  H N N 92  
CYS HG   H N N 93  
CYS HXT  H N N 94  
DMS S    S N N 95  
DMS O    O N N 96  
DMS C1   C N N 97  
DMS C2   C N N 98  
DMS H11  H N N 99  
DMS H12  H N N 100 
DMS H13  H N N 101 
DMS H21  H N N 102 
DMS H22  H N N 103 
DMS H23  H N N 104 
EDO C1   C N N 105 
EDO O1   O N N 106 
EDO C2   C N N 107 
EDO O2   O N N 108 
EDO H11  H N N 109 
EDO H12  H N N 110 
EDO HO1  H N N 111 
EDO H21  H N N 112 
EDO H22  H N N 113 
EDO HO2  H N N 114 
GLN N    N N N 115 
GLN CA   C N S 116 
GLN C    C N N 117 
GLN O    O N N 118 
GLN CB   C N N 119 
GLN CG   C N N 120 
GLN CD   C N N 121 
GLN OE1  O N N 122 
GLN NE2  N N N 123 
GLN OXT  O N N 124 
GLN H    H N N 125 
GLN H2   H N N 126 
GLN HA   H N N 127 
GLN HB2  H N N 128 
GLN HB3  H N N 129 
GLN HG2  H N N 130 
GLN HG3  H N N 131 
GLN HE21 H N N 132 
GLN HE22 H N N 133 
GLN HXT  H N N 134 
GLU N    N N N 135 
GLU CA   C N S 136 
GLU C    C N N 137 
GLU O    O N N 138 
GLU CB   C N N 139 
GLU CG   C N N 140 
GLU CD   C N N 141 
GLU OE1  O N N 142 
GLU OE2  O N N 143 
GLU OXT  O N N 144 
GLU H    H N N 145 
GLU H2   H N N 146 
GLU HA   H N N 147 
GLU HB2  H N N 148 
GLU HB3  H N N 149 
GLU HG2  H N N 150 
GLU HG3  H N N 151 
GLU HE2  H N N 152 
GLU HXT  H N N 153 
GLY N    N N N 154 
GLY CA   C N N 155 
GLY C    C N N 156 
GLY O    O N N 157 
GLY OXT  O N N 158 
GLY H    H N N 159 
GLY H2   H N N 160 
GLY HA2  H N N 161 
GLY HA3  H N N 162 
GLY HXT  H N N 163 
HIS N    N N N 164 
HIS CA   C N S 165 
HIS C    C N N 166 
HIS O    O N N 167 
HIS CB   C N N 168 
HIS CG   C Y N 169 
HIS ND1  N Y N 170 
HIS CD2  C Y N 171 
HIS CE1  C Y N 172 
HIS NE2  N Y N 173 
HIS OXT  O N N 174 
HIS H    H N N 175 
HIS H2   H N N 176 
HIS HA   H N N 177 
HIS HB2  H N N 178 
HIS HB3  H N N 179 
HIS HD1  H N N 180 
HIS HD2  H N N 181 
HIS HE1  H N N 182 
HIS HE2  H N N 183 
HIS HXT  H N N 184 
HOH O    O N N 185 
HOH H1   H N N 186 
HOH H2   H N N 187 
ILE N    N N N 188 
ILE CA   C N S 189 
ILE C    C N N 190 
ILE O    O N N 191 
ILE CB   C N S 192 
ILE CG1  C N N 193 
ILE CG2  C N N 194 
ILE CD1  C N N 195 
ILE OXT  O N N 196 
ILE H    H N N 197 
ILE H2   H N N 198 
ILE HA   H N N 199 
ILE HB   H N N 200 
ILE HG12 H N N 201 
ILE HG13 H N N 202 
ILE HG21 H N N 203 
ILE HG22 H N N 204 
ILE HG23 H N N 205 
ILE HD11 H N N 206 
ILE HD12 H N N 207 
ILE HD13 H N N 208 
ILE HXT  H N N 209 
LD7 N1   N Y N 210 
LD7 N3   N N N 211 
LD7 C4   C Y N 212 
LD7 C5   C N N 213 
LD7 C6   C N N 214 
LD7 C7   C Y N 215 
LD7 C8   C Y N 216 
LD7 C10  C Y N 217 
LD7 C1   C N N 218 
LD7 C11  C Y N 219 
LD7 C12  C Y N 220 
LD7 C2   C N N 221 
LD7 C3   C Y N 222 
LD7 C9   C Y N 223 
LD7 F1   F N N 224 
LD7 N2   N Y N 225 
LD7 O1   O Y N 226 
LD7 O2   O N N 227 
LD7 H1   H N N 228 
LD7 H2   H N N 229 
LD7 H3   H N N 230 
LD7 H4   H N N 231 
LD7 H5   H N N 232 
LD7 H6   H N N 233 
LD7 H7   H N N 234 
LD7 H8   H N N 235 
LD7 H9   H N N 236 
LD7 H10  H N N 237 
LD7 H11  H N N 238 
LD7 H12  H N N 239 
LEU N    N N N 240 
LEU CA   C N S 241 
LEU C    C N N 242 
LEU O    O N N 243 
LEU CB   C N N 244 
LEU CG   C N N 245 
LEU CD1  C N N 246 
LEU CD2  C N N 247 
LEU OXT  O N N 248 
LEU H    H N N 249 
LEU H2   H N N 250 
LEU HA   H N N 251 
LEU HB2  H N N 252 
LEU HB3  H N N 253 
LEU HG   H N N 254 
LEU HD11 H N N 255 
LEU HD12 H N N 256 
LEU HD13 H N N 257 
LEU HD21 H N N 258 
LEU HD22 H N N 259 
LEU HD23 H N N 260 
LEU HXT  H N N 261 
LYS N    N N N 262 
LYS CA   C N S 263 
LYS C    C N N 264 
LYS O    O N N 265 
LYS CB   C N N 266 
LYS CG   C N N 267 
LYS CD   C N N 268 
LYS CE   C N N 269 
LYS NZ   N N N 270 
LYS OXT  O N N 271 
LYS H    H N N 272 
LYS H2   H N N 273 
LYS HA   H N N 274 
LYS HB2  H N N 275 
LYS HB3  H N N 276 
LYS HG2  H N N 277 
LYS HG3  H N N 278 
LYS HD2  H N N 279 
LYS HD3  H N N 280 
LYS HE2  H N N 281 
LYS HE3  H N N 282 
LYS HZ1  H N N 283 
LYS HZ2  H N N 284 
LYS HZ3  H N N 285 
LYS HXT  H N N 286 
MET N    N N N 287 
MET CA   C N S 288 
MET C    C N N 289 
MET O    O N N 290 
MET CB   C N N 291 
MET CG   C N N 292 
MET SD   S N N 293 
MET CE   C N N 294 
MET OXT  O N N 295 
MET H    H N N 296 
MET H2   H N N 297 
MET HA   H N N 298 
MET HB2  H N N 299 
MET HB3  H N N 300 
MET HG2  H N N 301 
MET HG3  H N N 302 
MET HE1  H N N 303 
MET HE2  H N N 304 
MET HE3  H N N 305 
MET HXT  H N N 306 
PHE N    N N N 307 
PHE CA   C N S 308 
PHE C    C N N 309 
PHE O    O N N 310 
PHE CB   C N N 311 
PHE CG   C Y N 312 
PHE CD1  C Y N 313 
PHE CD2  C Y N 314 
PHE CE1  C Y N 315 
PHE CE2  C Y N 316 
PHE CZ   C Y N 317 
PHE OXT  O N N 318 
PHE H    H N N 319 
PHE H2   H N N 320 
PHE HA   H N N 321 
PHE HB2  H N N 322 
PHE HB3  H N N 323 
PHE HD1  H N N 324 
PHE HD2  H N N 325 
PHE HE1  H N N 326 
PHE HE2  H N N 327 
PHE HZ   H N N 328 
PHE HXT  H N N 329 
PRO N    N N N 330 
PRO CA   C N S 331 
PRO C    C N N 332 
PRO O    O N N 333 
PRO CB   C N N 334 
PRO CG   C N N 335 
PRO CD   C N N 336 
PRO OXT  O N N 337 
PRO H    H N N 338 
PRO HA   H N N 339 
PRO HB2  H N N 340 
PRO HB3  H N N 341 
PRO HG2  H N N 342 
PRO HG3  H N N 343 
PRO HD2  H N N 344 
PRO HD3  H N N 345 
PRO HXT  H N N 346 
SER N    N N N 347 
SER CA   C N S 348 
SER C    C N N 349 
SER O    O N N 350 
SER CB   C N N 351 
SER OG   O N N 352 
SER OXT  O N N 353 
SER H    H N N 354 
SER H2   H N N 355 
SER HA   H N N 356 
SER HB2  H N N 357 
SER HB3  H N N 358 
SER HG   H N N 359 
SER HXT  H N N 360 
THR N    N N N 361 
THR CA   C N S 362 
THR C    C N N 363 
THR O    O N N 364 
THR CB   C N R 365 
THR OG1  O N N 366 
THR CG2  C N N 367 
THR OXT  O N N 368 
THR H    H N N 369 
THR H2   H N N 370 
THR HA   H N N 371 
THR HB   H N N 372 
THR HG1  H N N 373 
THR HG21 H N N 374 
THR HG22 H N N 375 
THR HG23 H N N 376 
THR HXT  H N N 377 
TRP N    N N N 378 
TRP CA   C N S 379 
TRP C    C N N 380 
TRP O    O N N 381 
TRP CB   C N N 382 
TRP CG   C Y N 383 
TRP CD1  C Y N 384 
TRP CD2  C Y N 385 
TRP NE1  N Y N 386 
TRP CE2  C Y N 387 
TRP CE3  C Y N 388 
TRP CZ2  C Y N 389 
TRP CZ3  C Y N 390 
TRP CH2  C Y N 391 
TRP OXT  O N N 392 
TRP H    H N N 393 
TRP H2   H N N 394 
TRP HA   H N N 395 
TRP HB2  H N N 396 
TRP HB3  H N N 397 
TRP HD1  H N N 398 
TRP HE1  H N N 399 
TRP HE3  H N N 400 
TRP HZ2  H N N 401 
TRP HZ3  H N N 402 
TRP HH2  H N N 403 
TRP HXT  H N N 404 
TYR N    N N N 405 
TYR CA   C N S 406 
TYR C    C N N 407 
TYR O    O N N 408 
TYR CB   C N N 409 
TYR CG   C Y N 410 
TYR CD1  C Y N 411 
TYR CD2  C Y N 412 
TYR CE1  C Y N 413 
TYR CE2  C Y N 414 
TYR CZ   C Y N 415 
TYR OH   O N N 416 
TYR OXT  O N N 417 
TYR H    H N N 418 
TYR H2   H N N 419 
TYR HA   H N N 420 
TYR HB2  H N N 421 
TYR HB3  H N N 422 
TYR HD1  H N N 423 
TYR HD2  H N N 424 
TYR HE1  H N N 425 
TYR HE2  H N N 426 
TYR HH   H N N 427 
TYR HXT  H N N 428 
VAL N    N N N 429 
VAL CA   C N S 430 
VAL C    C N N 431 
VAL O    O N N 432 
VAL CB   C N N 433 
VAL CG1  C N N 434 
VAL CG2  C N N 435 
VAL OXT  O N N 436 
VAL H    H N N 437 
VAL H2   H N N 438 
VAL HA   H N N 439 
VAL HB   H N N 440 
VAL HG11 H N N 441 
VAL HG12 H N N 442 
VAL HG13 H N N 443 
VAL HG21 H N N 444 
VAL HG22 H N N 445 
VAL HG23 H N N 446 
VAL HXT  H N N 447 
# 
loop_
_chem_comp_bond.comp_id 
_chem_comp_bond.atom_id_1 
_chem_comp_bond.atom_id_2 
_chem_comp_bond.value_order 
_chem_comp_bond.pdbx_aromatic_flag 
_chem_comp_bond.pdbx_stereo_config 
_chem_comp_bond.pdbx_ordinal 
ACT C   O    doub N N 1   
ACT C   OXT  sing N N 2   
ACT C   CH3  sing N N 3   
ACT CH3 H1   sing N N 4   
ACT CH3 H2   sing N N 5   
ACT CH3 H3   sing N N 6   
ALA N   CA   sing N N 7   
ALA N   H    sing N N 8   
ALA N   H2   sing N N 9   
ALA CA  C    sing N N 10  
ALA CA  CB   sing N N 11  
ALA CA  HA   sing N N 12  
ALA C   O    doub N N 13  
ALA C   OXT  sing N N 14  
ALA CB  HB1  sing N N 15  
ALA CB  HB2  sing N N 16  
ALA CB  HB3  sing N N 17  
ALA OXT HXT  sing N N 18  
ARG N   CA   sing N N 19  
ARG N   H    sing N N 20  
ARG N   H2   sing N N 21  
ARG CA  C    sing N N 22  
ARG CA  CB   sing N N 23  
ARG CA  HA   sing N N 24  
ARG C   O    doub N N 25  
ARG C   OXT  sing N N 26  
ARG CB  CG   sing N N 27  
ARG CB  HB2  sing N N 28  
ARG CB  HB3  sing N N 29  
ARG CG  CD   sing N N 30  
ARG CG  HG2  sing N N 31  
ARG CG  HG3  sing N N 32  
ARG CD  NE   sing N N 33  
ARG CD  HD2  sing N N 34  
ARG CD  HD3  sing N N 35  
ARG NE  CZ   sing N N 36  
ARG NE  HE   sing N N 37  
ARG CZ  NH1  sing N N 38  
ARG CZ  NH2  doub N N 39  
ARG NH1 HH11 sing N N 40  
ARG NH1 HH12 sing N N 41  
ARG NH2 HH21 sing N N 42  
ARG NH2 HH22 sing N N 43  
ARG OXT HXT  sing N N 44  
ASN N   CA   sing N N 45  
ASN N   H    sing N N 46  
ASN N   H2   sing N N 47  
ASN CA  C    sing N N 48  
ASN CA  CB   sing N N 49  
ASN CA  HA   sing N N 50  
ASN C   O    doub N N 51  
ASN C   OXT  sing N N 52  
ASN CB  CG   sing N N 53  
ASN CB  HB2  sing N N 54  
ASN CB  HB3  sing N N 55  
ASN CG  OD1  doub N N 56  
ASN CG  ND2  sing N N 57  
ASN ND2 HD21 sing N N 58  
ASN ND2 HD22 sing N N 59  
ASN OXT HXT  sing N N 60  
ASP N   CA   sing N N 61  
ASP N   H    sing N N 62  
ASP N   H2   sing N N 63  
ASP CA  C    sing N N 64  
ASP CA  CB   sing N N 65  
ASP CA  HA   sing N N 66  
ASP C   O    doub N N 67  
ASP C   OXT  sing N N 68  
ASP CB  CG   sing N N 69  
ASP CB  HB2  sing N N 70  
ASP CB  HB3  sing N N 71  
ASP CG  OD1  doub N N 72  
ASP CG  OD2  sing N N 73  
ASP OD2 HD2  sing N N 74  
ASP OXT HXT  sing N N 75  
CYS N   CA   sing N N 76  
CYS N   H    sing N N 77  
CYS N   H2   sing N N 78  
CYS CA  C    sing N N 79  
CYS CA  CB   sing N N 80  
CYS CA  HA   sing N N 81  
CYS C   O    doub N N 82  
CYS C   OXT  sing N N 83  
CYS CB  SG   sing N N 84  
CYS CB  HB2  sing N N 85  
CYS CB  HB3  sing N N 86  
CYS SG  HG   sing N N 87  
CYS OXT HXT  sing N N 88  
DMS S   O    doub N N 89  
DMS S   C1   sing N N 90  
DMS S   C2   sing N N 91  
DMS C1  H11  sing N N 92  
DMS C1  H12  sing N N 93  
DMS C1  H13  sing N N 94  
DMS C2  H21  sing N N 95  
DMS C2  H22  sing N N 96  
DMS C2  H23  sing N N 97  
EDO C1  O1   sing N N 98  
EDO C1  C2   sing N N 99  
EDO C1  H11  sing N N 100 
EDO C1  H12  sing N N 101 
EDO O1  HO1  sing N N 102 
EDO C2  O2   sing N N 103 
EDO C2  H21  sing N N 104 
EDO C2  H22  sing N N 105 
EDO O2  HO2  sing N N 106 
GLN N   CA   sing N N 107 
GLN N   H    sing N N 108 
GLN N   H2   sing N N 109 
GLN CA  C    sing N N 110 
GLN CA  CB   sing N N 111 
GLN CA  HA   sing N N 112 
GLN C   O    doub N N 113 
GLN C   OXT  sing N N 114 
GLN CB  CG   sing N N 115 
GLN CB  HB2  sing N N 116 
GLN CB  HB3  sing N N 117 
GLN CG  CD   sing N N 118 
GLN CG  HG2  sing N N 119 
GLN CG  HG3  sing N N 120 
GLN CD  OE1  doub N N 121 
GLN CD  NE2  sing N N 122 
GLN NE2 HE21 sing N N 123 
GLN NE2 HE22 sing N N 124 
GLN OXT HXT  sing N N 125 
GLU N   CA   sing N N 126 
GLU N   H    sing N N 127 
GLU N   H2   sing N N 128 
GLU CA  C    sing N N 129 
GLU CA  CB   sing N N 130 
GLU CA  HA   sing N N 131 
GLU C   O    doub N N 132 
GLU C   OXT  sing N N 133 
GLU CB  CG   sing N N 134 
GLU CB  HB2  sing N N 135 
GLU CB  HB3  sing N N 136 
GLU CG  CD   sing N N 137 
GLU CG  HG2  sing N N 138 
GLU CG  HG3  sing N N 139 
GLU CD  OE1  doub N N 140 
GLU CD  OE2  sing N N 141 
GLU OE2 HE2  sing N N 142 
GLU OXT HXT  sing N N 143 
GLY N   CA   sing N N 144 
GLY N   H    sing N N 145 
GLY N   H2   sing N N 146 
GLY CA  C    sing N N 147 
GLY CA  HA2  sing N N 148 
GLY CA  HA3  sing N N 149 
GLY C   O    doub N N 150 
GLY C   OXT  sing N N 151 
GLY OXT HXT  sing N N 152 
HIS N   CA   sing N N 153 
HIS N   H    sing N N 154 
HIS N   H2   sing N N 155 
HIS CA  C    sing N N 156 
HIS CA  CB   sing N N 157 
HIS CA  HA   sing N N 158 
HIS C   O    doub N N 159 
HIS C   OXT  sing N N 160 
HIS CB  CG   sing N N 161 
HIS CB  HB2  sing N N 162 
HIS CB  HB3  sing N N 163 
HIS CG  ND1  sing Y N 164 
HIS CG  CD2  doub Y N 165 
HIS ND1 CE1  doub Y N 166 
HIS ND1 HD1  sing N N 167 
HIS CD2 NE2  sing Y N 168 
HIS CD2 HD2  sing N N 169 
HIS CE1 NE2  sing Y N 170 
HIS CE1 HE1  sing N N 171 
HIS NE2 HE2  sing N N 172 
HIS OXT HXT  sing N N 173 
HOH O   H1   sing N N 174 
HOH O   H2   sing N N 175 
ILE N   CA   sing N N 176 
ILE N   H    sing N N 177 
ILE N   H2   sing N N 178 
ILE CA  C    sing N N 179 
ILE CA  CB   sing N N 180 
ILE CA  HA   sing N N 181 
ILE C   O    doub N N 182 
ILE C   OXT  sing N N 183 
ILE CB  CG1  sing N N 184 
ILE CB  CG2  sing N N 185 
ILE CB  HB   sing N N 186 
ILE CG1 CD1  sing N N 187 
ILE CG1 HG12 sing N N 188 
ILE CG1 HG13 sing N N 189 
ILE CG2 HG21 sing N N 190 
ILE CG2 HG22 sing N N 191 
ILE CG2 HG23 sing N N 192 
ILE CD1 HD11 sing N N 193 
ILE CD1 HD12 sing N N 194 
ILE CD1 HD13 sing N N 195 
ILE OXT HXT  sing N N 196 
LD7 C2  C1   sing N N 197 
LD7 C2  C3   sing N N 198 
LD7 C3  N1   doub Y N 199 
LD7 C3  N2   sing Y N 200 
LD7 N1  O1   sing Y N 201 
LD7 N2  C4   doub Y N 202 
LD7 O1  C4   sing Y N 203 
LD7 C4  C5   sing N N 204 
LD7 C5  O2   doub N N 205 
LD7 C5  N3   sing N N 206 
LD7 N3  C6   sing N N 207 
LD7 C6  C7   sing N N 208 
LD7 C7  C12  doub Y N 209 
LD7 C7  C8   sing Y N 210 
LD7 C12 C11  sing Y N 211 
LD7 C8  C9   doub Y N 212 
LD7 C11 C10  doub Y N 213 
LD7 C9  C10  sing Y N 214 
LD7 C10 F1   sing N N 215 
LD7 N3  H1   sing N N 216 
LD7 C6  H2   sing N N 217 
LD7 C6  H3   sing N N 218 
LD7 C8  H4   sing N N 219 
LD7 C1  H5   sing N N 220 
LD7 C1  H6   sing N N 221 
LD7 C1  H7   sing N N 222 
LD7 C11 H8   sing N N 223 
LD7 C12 H9   sing N N 224 
LD7 C2  H10  sing N N 225 
LD7 C2  H11  sing N N 226 
LD7 C9  H12  sing N N 227 
LEU N   CA   sing N N 228 
LEU N   H    sing N N 229 
LEU N   H2   sing N N 230 
LEU CA  C    sing N N 231 
LEU CA  CB   sing N N 232 
LEU CA  HA   sing N N 233 
LEU C   O    doub N N 234 
LEU C   OXT  sing N N 235 
LEU CB  CG   sing N N 236 
LEU CB  HB2  sing N N 237 
LEU CB  HB3  sing N N 238 
LEU CG  CD1  sing N N 239 
LEU CG  CD2  sing N N 240 
LEU CG  HG   sing N N 241 
LEU CD1 HD11 sing N N 242 
LEU CD1 HD12 sing N N 243 
LEU CD1 HD13 sing N N 244 
LEU CD2 HD21 sing N N 245 
LEU CD2 HD22 sing N N 246 
LEU CD2 HD23 sing N N 247 
LEU OXT HXT  sing N N 248 
LYS N   CA   sing N N 249 
LYS N   H    sing N N 250 
LYS N   H2   sing N N 251 
LYS CA  C    sing N N 252 
LYS CA  CB   sing N N 253 
LYS CA  HA   sing N N 254 
LYS C   O    doub N N 255 
LYS C   OXT  sing N N 256 
LYS CB  CG   sing N N 257 
LYS CB  HB2  sing N N 258 
LYS CB  HB3  sing N N 259 
LYS CG  CD   sing N N 260 
LYS CG  HG2  sing N N 261 
LYS CG  HG3  sing N N 262 
LYS CD  CE   sing N N 263 
LYS CD  HD2  sing N N 264 
LYS CD  HD3  sing N N 265 
LYS CE  NZ   sing N N 266 
LYS CE  HE2  sing N N 267 
LYS CE  HE3  sing N N 268 
LYS NZ  HZ1  sing N N 269 
LYS NZ  HZ2  sing N N 270 
LYS NZ  HZ3  sing N N 271 
LYS OXT HXT  sing N N 272 
MET N   CA   sing N N 273 
MET N   H    sing N N 274 
MET N   H2   sing N N 275 
MET CA  C    sing N N 276 
MET CA  CB   sing N N 277 
MET CA  HA   sing N N 278 
MET C   O    doub N N 279 
MET C   OXT  sing N N 280 
MET CB  CG   sing N N 281 
MET CB  HB2  sing N N 282 
MET CB  HB3  sing N N 283 
MET CG  SD   sing N N 284 
MET CG  HG2  sing N N 285 
MET CG  HG3  sing N N 286 
MET SD  CE   sing N N 287 
MET CE  HE1  sing N N 288 
MET CE  HE2  sing N N 289 
MET CE  HE3  sing N N 290 
MET OXT HXT  sing N N 291 
PHE N   CA   sing N N 292 
PHE N   H    sing N N 293 
PHE N   H2   sing N N 294 
PHE CA  C    sing N N 295 
PHE CA  CB   sing N N 296 
PHE CA  HA   sing N N 297 
PHE C   O    doub N N 298 
PHE C   OXT  sing N N 299 
PHE CB  CG   sing N N 300 
PHE CB  HB2  sing N N 301 
PHE CB  HB3  sing N N 302 
PHE CG  CD1  doub Y N 303 
PHE CG  CD2  sing Y N 304 
PHE CD1 CE1  sing Y N 305 
PHE CD1 HD1  sing N N 306 
PHE CD2 CE2  doub Y N 307 
PHE CD2 HD2  sing N N 308 
PHE CE1 CZ   doub Y N 309 
PHE CE1 HE1  sing N N 310 
PHE CE2 CZ   sing Y N 311 
PHE CE2 HE2  sing N N 312 
PHE CZ  HZ   sing N N 313 
PHE OXT HXT  sing N N 314 
PRO N   CA   sing N N 315 
PRO N   CD   sing N N 316 
PRO N   H    sing N N 317 
PRO CA  C    sing N N 318 
PRO CA  CB   sing N N 319 
PRO CA  HA   sing N N 320 
PRO C   O    doub N N 321 
PRO C   OXT  sing N N 322 
PRO CB  CG   sing N N 323 
PRO CB  HB2  sing N N 324 
PRO CB  HB3  sing N N 325 
PRO CG  CD   sing N N 326 
PRO CG  HG2  sing N N 327 
PRO CG  HG3  sing N N 328 
PRO CD  HD2  sing N N 329 
PRO CD  HD3  sing N N 330 
PRO OXT HXT  sing N N 331 
SER N   CA   sing N N 332 
SER N   H    sing N N 333 
SER N   H2   sing N N 334 
SER CA  C    sing N N 335 
SER CA  CB   sing N N 336 
SER CA  HA   sing N N 337 
SER C   O    doub N N 338 
SER C   OXT  sing N N 339 
SER CB  OG   sing N N 340 
SER CB  HB2  sing N N 341 
SER CB  HB3  sing N N 342 
SER OG  HG   sing N N 343 
SER OXT HXT  sing N N 344 
THR N   CA   sing N N 345 
THR N   H    sing N N 346 
THR N   H2   sing N N 347 
THR CA  C    sing N N 348 
THR CA  CB   sing N N 349 
THR CA  HA   sing N N 350 
THR C   O    doub N N 351 
THR C   OXT  sing N N 352 
THR CB  OG1  sing N N 353 
THR CB  CG2  sing N N 354 
THR CB  HB   sing N N 355 
THR OG1 HG1  sing N N 356 
THR CG2 HG21 sing N N 357 
THR CG2 HG22 sing N N 358 
THR CG2 HG23 sing N N 359 
THR OXT HXT  sing N N 360 
TRP N   CA   sing N N 361 
TRP N   H    sing N N 362 
TRP N   H2   sing N N 363 
TRP CA  C    sing N N 364 
TRP CA  CB   sing N N 365 
TRP CA  HA   sing N N 366 
TRP C   O    doub N N 367 
TRP C   OXT  sing N N 368 
TRP CB  CG   sing N N 369 
TRP CB  HB2  sing N N 370 
TRP CB  HB3  sing N N 371 
TRP CG  CD1  doub Y N 372 
TRP CG  CD2  sing Y N 373 
TRP CD1 NE1  sing Y N 374 
TRP CD1 HD1  sing N N 375 
TRP CD2 CE2  doub Y N 376 
TRP CD2 CE3  sing Y N 377 
TRP NE1 CE2  sing Y N 378 
TRP NE1 HE1  sing N N 379 
TRP CE2 CZ2  sing Y N 380 
TRP CE3 CZ3  doub Y N 381 
TRP CE3 HE3  sing N N 382 
TRP CZ2 CH2  doub Y N 383 
TRP CZ2 HZ2  sing N N 384 
TRP CZ3 CH2  sing Y N 385 
TRP CZ3 HZ3  sing N N 386 
TRP CH2 HH2  sing N N 387 
TRP OXT HXT  sing N N 388 
TYR N   CA   sing N N 389 
TYR N   H    sing N N 390 
TYR N   H2   sing N N 391 
TYR CA  C    sing N N 392 
TYR CA  CB   sing N N 393 
TYR CA  HA   sing N N 394 
TYR C   O    doub N N 395 
TYR C   OXT  sing N N 396 
TYR CB  CG   sing N N 397 
TYR CB  HB2  sing N N 398 
TYR CB  HB3  sing N N 399 
TYR CG  CD1  doub Y N 400 
TYR CG  CD2  sing Y N 401 
TYR CD1 CE1  sing Y N 402 
TYR CD1 HD1  sing N N 403 
TYR CD2 CE2  doub Y N 404 
TYR CD2 HD2  sing N N 405 
TYR CE1 CZ   doub Y N 406 
TYR CE1 HE1  sing N N 407 
TYR CE2 CZ   sing Y N 408 
TYR CE2 HE2  sing N N 409 
TYR CZ  OH   sing N N 410 
TYR OH  HH   sing N N 411 
TYR OXT HXT  sing N N 412 
VAL N   CA   sing N N 413 
VAL N   H    sing N N 414 
VAL N   H2   sing N N 415 
VAL CA  C    sing N N 416 
VAL CA  CB   sing N N 417 
VAL CA  HA   sing N N 418 
VAL C   O    doub N N 419 
VAL C   OXT  sing N N 420 
VAL CB  CG1  sing N N 421 
VAL CB  CG2  sing N N 422 
VAL CB  HB   sing N N 423 
VAL CG1 HG11 sing N N 424 
VAL CG1 HG12 sing N N 425 
VAL CG1 HG13 sing N N 426 
VAL CG2 HG21 sing N N 427 
VAL CG2 HG22 sing N N 428 
VAL CG2 HG23 sing N N 429 
VAL OXT HXT  sing N N 430 
# 
_pdbx_deposit_group.group_id            G_1002061 
_pdbx_deposit_group.group_description   
;XDomainX of XOrganismX DCP2 (NUDT20) screened against the XXX Fragment Library by X-ray Crystallography at the XChem facility of Diamond Light Source beamline I04-1
;
_pdbx_deposit_group.group_title         'PanDDA analysis group deposition' 
_pdbx_deposit_group.group_type          'changed state' 
# 
_pdbx_related_exp_data_set.ordinal              1 
_pdbx_related_exp_data_set.data_reference       10.5281/zenodo.1437589 
_pdbx_related_exp_data_set.metadata_reference   10.5281/zenodo.1437589 
_pdbx_related_exp_data_set.data_set_type        'other data' 
_pdbx_related_exp_data_set.details              'Complete PanDDA analysis' 
# 
_atom_sites.entry_id                    5QOQ 
_atom_sites.fract_transf_matrix[1][1]   -0.00748556 
_atom_sites.fract_transf_matrix[1][2]   -0.01508694 
_atom_sites.fract_transf_matrix[1][3]   -0.01197640 
_atom_sites.fract_transf_matrix[2][1]   -0.00162022 
_atom_sites.fract_transf_matrix[2][2]   -0.00973040 
_atom_sites.fract_transf_matrix[2][3]   0.01327028 
_atom_sites.fract_transf_matrix[3][1]   -0.01412548 
_atom_sites.fract_transf_matrix[3][2]   0.00529533 
_atom_sites.fract_transf_matrix[3][3]   0.00215815 
_atom_sites.fract_transf_vector[1]      -0.884254 
_atom_sites.fract_transf_vector[2]      0.225944 
_atom_sites.fract_transf_vector[3]      1.166013 
# 
loop_
_atom_type.symbol 
C 
F 
N 
O 
S 
# 
loop_
_atom_site.group_PDB 
_atom_site.id 
_atom_site.type_symbol 
_atom_site.label_atom_id 
_atom_site.label_alt_id 
_atom_site.label_comp_id 
_atom_site.label_asym_id 
_atom_site.label_entity_id 
_atom_site.label_seq_id 
_atom_site.pdbx_PDB_ins_code 
_atom_site.Cartn_x 
_atom_site.Cartn_y 
_atom_site.Cartn_z 
_atom_site.occupancy 
_atom_site.B_iso_or_equiv 
_atom_site.pdbx_formal_charge 
_atom_site.auth_seq_id 
_atom_site.auth_comp_id 
_atom_site.auth_asym_id 
_atom_site.auth_atom_id 
_atom_site.pdbx_PDB_model_num 
ATOM   1    N N   . GLY A 1 3   ? -7.983  -14.332 -10.353 1.00 57.42 ? 96  GLY A N   1 
ATOM   2    C CA  . GLY A 1 3   ? -8.527  -13.551 -9.198  1.00 55.22 ? 96  GLY A CA  1 
ATOM   3    C C   . GLY A 1 3   ? -8.988  -12.156 -9.594  1.00 50.28 ? 96  GLY A C   1 
ATOM   4    O O   . GLY A 1 3   ? -8.573  -11.616 -10.632 1.00 51.30 ? 96  GLY A O   1 
ATOM   5    N N   . VAL A 1 4   ? -9.849  -11.560 -8.774  1.00 46.07 ? 97  VAL A N   1 
ATOM   6    C CA  . VAL A 1 4   ? -10.415 -10.243 -9.092  1.00 43.84 ? 97  VAL A CA  1 
ATOM   7    C C   . VAL A 1 4   ? -9.318  -9.181  -8.841  1.00 37.96 ? 97  VAL A C   1 
ATOM   8    O O   . VAL A 1 4   ? -8.748  -9.199  -7.766  1.00 41.29 ? 97  VAL A O   1 
ATOM   9    C CB  . VAL A 1 4   ? -11.645 -9.943  -8.207  1.00 47.92 ? 97  VAL A CB  1 
ATOM   10   C CG1 . VAL A 1 4   ? -12.184 -8.556  -8.509  1.00 47.07 ? 97  VAL A CG1 1 
ATOM   11   C CG2 . VAL A 1 4   ? -12.735 -11.007 -8.401  1.00 47.52 ? 97  VAL A CG2 1 
ATOM   12   N N   . PRO A 1 5   ? -9.039  -8.286  -9.823  1.00 37.75 ? 98  PRO A N   1 
ATOM   13   C CA  . PRO A 1 5   ? -7.989  -7.259  -9.580  1.00 35.41 ? 98  PRO A CA  1 
ATOM   14   C C   . PRO A 1 5   ? -8.278  -6.382  -8.376  1.00 32.85 ? 98  PRO A C   1 
ATOM   15   O O   . PRO A 1 5   ? -9.443  -6.132  -8.016  1.00 31.04 ? 98  PRO A O   1 
ATOM   16   C CB  . PRO A 1 5   ? -7.959  -6.418  -10.851 1.00 39.48 ? 98  PRO A CB  1 
ATOM   17   C CG  . PRO A 1 5   ? -8.759  -7.192  -11.871 1.00 40.04 ? 98  PRO A CG  1 
ATOM   18   C CD  . PRO A 1 5   ? -9.603  -8.197  -11.181 1.00 39.43 ? 98  PRO A CD  1 
ATOM   19   N N   . THR A 1 6   ? -7.197  -5.934  -7.725  1.00 28.49 ? 99  THR A N   1 
ATOM   20   C CA  . THR A 1 6   ? -7.322  -4.977  -6.625  1.00 28.05 ? 99  THR A CA  1 
ATOM   21   C C   . THR A 1 6   ? -6.632  -3.666  -6.991  1.00 25.34 ? 99  THR A C   1 
ATOM   22   O O   . THR A 1 6   ? -5.680  -3.622  -7.758  1.00 25.90 ? 99  THR A O   1 
ATOM   23   C CB  . THR A 1 6   ? -6.748  -5.514  -5.295  1.00 28.92 ? 99  THR A CB  1 
ATOM   24   O OG1 . THR A 1 6   ? -5.383  -5.863  -5.482  1.00 29.43 ? 99  THR A OG1 1 
ATOM   25   C CG2 . THR A 1 6   ? -7.489  -6.779  -4.835  1.00 29.58 ? 99  THR A CG2 1 
ATOM   26   N N   . TYR A 1 7   ? -7.180  -2.584  -6.433  1.00 24.79 ? 100 TYR A N   1 
ATOM   27   C CA  . TYR A 1 7   ? -6.671  -1.268  -6.676  1.00 24.42 ? 100 TYR A CA  1 
ATOM   28   C C   . TYR A 1 7   ? -6.619  -0.481  -5.392  1.00 21.20 ? 100 TYR A C   1 
ATOM   29   O O   . TYR A 1 7   ? -7.443  -0.633  -4.515  1.00 23.62 ? 100 TYR A O   1 
ATOM   30   C CB  . TYR A 1 7   ? -7.543  -0.485  -7.728  1.00 24.18 ? 100 TYR A CB  1 
ATOM   31   C CG  . TYR A 1 7   ? -7.634  -1.161  -9.061  1.00 27.30 ? 100 TYR A CG  1 
ATOM   32   C CD1 . TYR A 1 7   ? -6.667  -0.996  -10.019 1.00 29.89 ? 100 TYR A CD1 1 
ATOM   33   C CD2 . TYR A 1 7   ? -8.714  -2.012  -9.340  1.00 30.16 ? 100 TYR A CD2 1 
ATOM   34   C CE1 . TYR A 1 7   ? -6.712  -1.694  -11.252 1.00 31.78 ? 100 TYR A CE1 1 
ATOM   35   C CE2 . TYR A 1 7   ? -8.762  -2.713  -10.542 1.00 29.05 ? 100 TYR A CE2 1 
ATOM   36   C CZ  . TYR A 1 7   ? -7.802  -2.514  -11.497 1.00 33.24 ? 100 TYR A CZ  1 
ATOM   37   O OH  . TYR A 1 7   ? -7.888  -3.216  -12.682 1.00 37.84 ? 100 TYR A OH  1 
ATOM   38   N N   . GLY A 1 8   ? -5.626  0.422   -5.337  1.00 21.55 ? 101 GLY A N   1 
ATOM   39   C CA  . GLY A 1 8   ? -5.441  1.255   -4.159  1.00 21.24 ? 101 GLY A CA  1 
ATOM   40   C C   . GLY A 1 8   ? -4.388  2.297   -4.372  1.00 20.07 ? 101 GLY A C   1 
ATOM   41   O O   . GLY A 1 8   ? -4.166  2.727   -5.510  1.00 20.38 ? 101 GLY A O   1 
ATOM   42   N N   . ALA A 1 9   ? -3.706  2.711   -3.305  1.00 20.24 ? 102 ALA A N   1 
ATOM   43   C CA  . ALA A 1 9   ? -2.721  3.789   -3.401  1.00 19.19 ? 102 ALA A CA  1 
ATOM   44   C C   . ALA A 1 9   ? -1.543  3.621   -2.473  1.00 19.24 ? 102 ALA A C   1 
ATOM   45   O O   . ALA A 1 9   ? -1.668  3.091   -1.387  1.00 18.88 ? 102 ALA A O   1 
ATOM   46   C CB  . ALA A 1 9   ? -3.328  5.140   -3.166  1.00 20.75 ? 102 ALA A CB  1 
ATOM   47   N N   . ILE A 1 10  ? -0.430  4.134   -2.974  1.00 18.76 ? 103 ILE A N   1 
ATOM   48   C CA  . ILE A 1 10  ? 0.747   4.419   -2.183  1.00 18.25 ? 103 ILE A CA  1 
ATOM   49   C C   . ILE A 1 10  ? 0.796   5.930   -1.971  1.00 18.46 ? 103 ILE A C   1 
ATOM   50   O O   . ILE A 1 10  ? 1.098   6.693   -2.916  1.00 19.67 ? 103 ILE A O   1 
ATOM   51   C CB  . ILE A 1 10  ? 2.027   3.952   -2.905  1.00 19.80 ? 103 ILE A CB  1 
ATOM   52   C CG1 . ILE A 1 10  ? 2.015   2.460   -3.099  1.00 20.51 ? 103 ILE A CG1 1 
ATOM   53   C CG2 . ILE A 1 10  ? 3.254   4.417   -2.164  1.00 22.02 ? 103 ILE A CG2 1 
ATOM   54   C CD1 . ILE A 1 10  ? 3.102   1.893   -4.029  1.00 23.53 ? 103 ILE A CD1 1 
ATOM   55   N N   . ILE A 1 11  ? 0.425   6.354   -0.790  1.00 18.30 ? 104 ILE A N   1 
ATOM   56   C CA  . ILE A 1 11  ? 0.394   7.726   -0.393  1.00 19.74 ? 104 ILE A CA  1 
ATOM   57   C C   . ILE A 1 11  ? 1.710   8.061   0.249   1.00 19.89 ? 104 ILE A C   1 
ATOM   58   O O   . ILE A 1 11  ? 2.108   7.433   1.235   1.00 19.57 ? 104 ILE A O   1 
ATOM   59   C CB  . ILE A 1 11  ? -0.791  8.009   0.535   1.00 19.79 ? 104 ILE A CB  1 
ATOM   60   C CG1 . ILE A 1 11  ? -2.108  7.857   -0.221  1.00 21.24 ? 104 ILE A CG1 1 
ATOM   61   C CG2 . ILE A 1 11  ? -0.668  9.370   1.194   1.00 21.85 ? 104 ILE A CG2 1 
ATOM   62   C CD1 . ILE A 1 11  ? -3.300  7.616   0.700   1.00 22.53 ? 104 ILE A CD1 1 
ATOM   63   N N   . LEU A 1 12  ? 2.363   9.085   -0.266  1.00 19.64 ? 105 LEU A N   1 
ATOM   64   C CA  . LEU A 1 12  ? 3.572   9.624   0.353   1.00 19.56 ? 105 LEU A CA  1 
ATOM   65   C C   . LEU A 1 12  ? 3.353   11.035  0.913   1.00 20.10 ? 105 LEU A C   1 
ATOM   66   O O   . LEU A 1 12  ? 2.514   11.800  0.406   1.00 20.61 ? 105 LEU A O   1 
ATOM   67   C CB  . LEU A 1 12  ? 4.735   9.667   -0.643  1.00 21.43 ? 105 LEU A CB  1 
ATOM   68   C CG  . LEU A 1 12  ? 5.108   8.332   -1.285  1.00 24.91 ? 105 LEU A CG  1 
ATOM   69   C CD1 . LEU A 1 12  ? 4.445   8.131   -2.613  1.00 27.48 ? 105 LEU A CD1 1 
ATOM   70   C CD2 . LEU A 1 12  ? 6.623   8.147   -1.397  1.00 27.85 ? 105 LEU A CD2 1 
ATOM   71   N N   . ASP A 1 13  ? 4.203   11.419  1.848   1.00 21.21 ? 106 ASP A N   1 
ATOM   72   C CA  . ASP A 1 13  ? 4.154   12.749  2.419   1.00 23.56 ? 106 ASP A CA  1 
ATOM   73   C C   . ASP A 1 13  ? 4.914   13.735  1.519   1.00 21.50 ? 106 ASP A C   1 
ATOM   74   O O   . ASP A 1 13  ? 5.392   13.390  0.462   1.00 22.67 ? 106 ASP A O   1 
ATOM   75   C CB  . ASP A 1 13  ? 4.669   12.728  3.865   1.00 25.90 ? 106 ASP A CB  1 
ATOM   76   C CG  . ASP A 1 13  ? 6.154   12.389  3.984   1.00 29.08 ? 106 ASP A CG  1 
ATOM   77   O OD1 . ASP A 1 13  ? 6.801   11.863  3.049   1.00 29.65 ? 106 ASP A OD1 1 
ATOM   78   O OD2 . ASP A 1 13  ? 6.633   12.615  5.108   1.00 37.13 ? 106 ASP A OD2 1 
ATOM   79   N N   . GLU A 1 14  ? 5.072   14.932  2.032   1.00 24.39 ? 107 GLU A N   1 
ATOM   80   C CA  . GLU A 1 14  ? 5.699   15.981  1.250   1.00 26.93 ? 107 GLU A CA  1 
ATOM   81   C C   . GLU A 1 14  ? 7.212   15.819  1.118   1.00 26.32 ? 107 GLU A C   1 
ATOM   82   O O   . GLU A 1 14  ? 7.788   16.316  0.195   1.00 26.87 ? 107 GLU A O   1 
ATOM   83   C CB  . GLU A 1 14  ? 5.362   17.373  1.827   1.00 33.99 ? 107 GLU A CB  1 
ATOM   84   C CG  . GLU A 1 14  ? 5.773   17.610  3.289   1.00 38.42 ? 107 GLU A CG  1 
ATOM   85   C CD  . GLU A 1 14  ? 4.630   17.392  4.288   1.00 46.71 ? 107 GLU A CD  1 
ATOM   86   O OE1 . GLU A 1 14  ? 4.361   16.228  4.657   1.00 41.17 ? 107 GLU A OE1 1 
ATOM   87   O OE2 . GLU A 1 14  ? 3.982   18.383  4.712   1.00 54.31 ? 107 GLU A OE2 1 
ATOM   88   N N   . THR A 1 15  ? 7.859   15.070  2.033   1.00 26.03 ? 108 THR A N   1 
ATOM   89   C CA  . THR A 1 15  ? 9.285   14.857  1.976   1.00 25.42 ? 108 THR A CA  1 
ATOM   90   C C   . THR A 1 15  ? 9.679   13.683  1.098   1.00 24.92 ? 108 THR A C   1 
ATOM   91   O O   . THR A 1 15  ? 10.851  13.477  0.775   1.00 26.67 ? 108 THR A O   1 
ATOM   92   C CB  . THR A 1 15  ? 9.857   14.549  3.373   1.00 30.11 ? 108 THR A CB  1 
ATOM   93   O OG1 . THR A 1 15  ? 9.458   13.223  3.727   1.00 32.07 ? 108 THR A OG1 1 
ATOM   94   C CG2 . THR A 1 15  ? 9.432   15.535  4.425   1.00 34.87 ? 108 THR A CG2 1 
ATOM   95   N N   . LEU A 1 16  ? 8.684   12.865  0.698   1.00 24.20 ? 109 LEU A N   1 
ATOM   96   C CA  . LEU A 1 16  ? 8.860   11.638  -0.044  1.00 25.30 ? 109 LEU A CA  1 
ATOM   97   C C   . LEU A 1 16  ? 9.559   10.513  0.767   1.00 26.04 ? 109 LEU A C   1 
ATOM   98   O O   . LEU A 1 16  ? 9.940   9.505   0.167   1.00 30.92 ? 109 LEU A O   1 
ATOM   99   C CB  . LEU A 1 16  ? 9.538   11.807  -1.391  1.00 26.48 ? 109 LEU A CB  1 
ATOM   100  C CG  . LEU A 1 16  ? 8.973   12.885  -2.287  1.00 29.06 ? 109 LEU A CG  1 
ATOM   101  C CD1 . LEU A 1 16  ? 9.879   13.175  -3.458  1.00 31.62 ? 109 LEU A CD1 1 
ATOM   102  C CD2 . LEU A 1 16  ? 7.586   12.437  -2.761  1.00 30.27 ? 109 LEU A CD2 1 
ATOM   103  N N   A GLU A 1 17  ? 9.676   10.741  2.080   0.25 25.47 ? 110 GLU A N   1 
ATOM   104  N N   B GLU A 1 17  ? 9.697   10.643  2.065   0.25 26.85 ? 110 GLU A N   1 
ATOM   105  C CA  A GLU A 1 17  ? 10.368  9.861   3.036   0.25 26.17 ? 110 GLU A CA  1 
ATOM   106  C CA  B GLU A 1 17  ? 10.409  9.608   2.808   0.25 27.87 ? 110 GLU A CA  1 
ATOM   107  C C   A GLU A 1 17  ? 9.466   8.727   3.483   0.25 24.99 ? 110 GLU A C   1 
ATOM   108  C C   B GLU A 1 17  ? 9.489   8.799   3.735   0.25 26.67 ? 110 GLU A C   1 
ATOM   109  O O   A GLU A 1 17  ? 9.947   7.584   3.652   0.25 21.79 ? 110 GLU A O   1 
ATOM   110  O O   B GLU A 1 17  ? 9.960   7.933   4.478   0.25 23.37 ? 110 GLU A O   1 
ATOM   111  C CB  A GLU A 1 17  ? 10.770  10.603  4.330   0.25 26.65 ? 110 GLU A CB  1 
ATOM   112  C CB  B GLU A 1 17  ? 11.576  10.244  3.547   0.25 29.22 ? 110 GLU A CB  1 
ATOM   113  C CG  A GLU A 1 17  ? 11.958  11.563  4.206   0.25 27.23 ? 110 GLU A CG  1 
ATOM   114  C CG  B GLU A 1 17  ? 12.667  10.730  2.604   0.25 31.31 ? 110 GLU A CG  1 
ATOM   115  C CD  A GLU A 1 17  ? 12.194  12.441  5.441   0.25 28.84 ? 110 GLU A CD  1 
ATOM   116  C CD  B GLU A 1 17  ? 13.911  11.190  3.329   0.25 33.96 ? 110 GLU A CD  1 
ATOM   117  O OE1 A GLU A 1 17  ? 11.317  13.245  5.817   0.25 29.95 ? 110 GLU A OE1 1 
ATOM   118  O OE1 B GLU A 1 17  ? 13.819  11.509  4.534   0.25 35.31 ? 110 GLU A OE1 1 
ATOM   119  O OE2 A GLU A 1 17  ? 13.293  12.355  6.027   0.25 31.16 ? 110 GLU A OE2 1 
ATOM   120  O OE2 B GLU A 1 17  ? 14.979  11.251  2.683   0.25 36.55 ? 110 GLU A OE2 1 
ATOM   121  N N   . ASN A 1 18  ? 8.188   9.073   3.712   1.00 24.68 ? 111 ASN A N   1 
ATOM   122  C CA  . ASN A 1 18  ? 7.218   8.245   4.418   1.00 24.05 ? 111 ASN A CA  1 
ATOM   123  C C   . ASN A 1 18  ? 6.046   7.855   3.529   1.00 23.11 ? 111 ASN A C   1 
ATOM   124  O O   . ASN A 1 18  ? 5.648   8.605   2.648   1.00 21.63 ? 111 ASN A O   1 
ATOM   125  C CB  . ASN A 1 18  ? 6.697   8.958   5.644   1.00 25.69 ? 111 ASN A CB  1 
ATOM   126  C CG  . ASN A 1 18  ? 7.811   9.422   6.548   1.00 31.46 ? 111 ASN A CG  1 
ATOM   127  O OD1 . ASN A 1 18  ? 8.500   8.597   7.137   1.00 32.84 ? 111 ASN A OD1 1 
ATOM   128  N ND2 . ASN A 1 18  ? 8.032   10.710  6.604   1.00 32.32 ? 111 ASN A ND2 1 
ATOM   129  N N   . VAL A 1 19  ? 5.498   6.676   3.829   1.00 20.74 ? 112 VAL A N   1 
ATOM   130  C CA  . VAL A 1 19  ? 4.351   6.114   3.145   1.00 18.61 ? 112 VAL A CA  1 
ATOM   131  C C   . VAL A 1 19  ? 3.284   5.792   4.144   1.00 18.56 ? 112 VAL A C   1 
ATOM   132  O O   . VAL A 1 19  ? 3.573   5.411   5.279   1.00 19.84 ? 112 VAL A O   1 
ATOM   133  C CB  . VAL A 1 19  ? 4.650   4.835   2.338   1.00 21.47 ? 112 VAL A CB  1 
ATOM   134  C CG1 . VAL A 1 19  ? 5.550   5.142   1.157   1.00 23.35 ? 112 VAL A CG1 1 
ATOM   135  C CG2 . VAL A 1 19  ? 5.239   3.700   3.216   1.00 20.36 ? 112 VAL A CG2 1 
ATOM   136  N N   . LEU A 1 20  ? 2.029   5.818   3.688   1.00 18.42 ? 113 LEU A N   1 
ATOM   137  C CA  . LEU A 1 20  ? 0.897   5.541   4.597   1.00 19.49 ? 113 LEU A CA  1 
ATOM   138  C C   . LEU A 1 20  ? 0.490   4.086   4.462   1.00 19.39 ? 113 LEU A C   1 
ATOM   139  O O   . LEU A 1 20  ? 0.137   3.595   3.403   1.00 20.21 ? 113 LEU A O   1 
ATOM   140  C CB  . LEU A 1 20  ? -0.280  6.399   4.233   1.00 20.42 ? 113 LEU A CB  1 
ATOM   141  C CG  . LEU A 1 20  ? -1.398  6.472   5.285   1.00 21.48 ? 113 LEU A CG  1 
ATOM   142  C CD1 . LEU A 1 20  ? -0.929  7.357   6.439   1.00 21.87 ? 113 LEU A CD1 1 
ATOM   143  C CD2 . LEU A 1 20  ? -2.669  6.984   4.656   1.00 23.26 ? 113 LEU A CD2 1 
ATOM   144  N N   . LEU A 1 21  ? 0.524   3.355   5.575   1.00 19.16 ? 114 LEU A N   1 
ATOM   145  C CA  . LEU A 1 21  ? 0.043   1.978   5.619   1.00 18.21 ? 114 LEU A CA  1 
ATOM   146  C C   . LEU A 1 21  ? -1.155  1.859   6.543   1.00 17.99 ? 114 LEU A C   1 
ATOM   147  O O   . LEU A 1 21  ? -1.355  2.700   7.425   1.00 19.45 ? 114 LEU A O   1 
ATOM   148  C CB  . LEU A 1 21  ? 1.144   1.011   6.081   1.00 19.49 ? 114 LEU A CB  1 
ATOM   149  C CG  . LEU A 1 21  ? 2.450   1.041   5.275   1.00 19.53 ? 114 LEU A CG  1 
ATOM   150  C CD1 . LEU A 1 21  ? 3.429   0.028   5.829   1.00 20.95 ? 114 LEU A CD1 1 
ATOM   151  C CD2 . LEU A 1 21  ? 2.176   0.698   3.838   1.00 22.20 ? 114 LEU A CD2 1 
ATOM   152  N N   . VAL A 1 22  ? -1.928  0.821   6.314   1.00 17.90 ? 115 VAL A N   1 
ATOM   153  C CA  . VAL A 1 22  ? -3.093  0.523   7.152   1.00 18.12 ? 115 VAL A CA  1 
ATOM   154  C C   . VAL A 1 22  ? -2.931  -0.886  7.683   1.00 20.29 ? 115 VAL A C   1 
ATOM   155  O O   . VAL A 1 22  ? -2.324  -1.759  7.061   1.00 19.19 ? 115 VAL A O   1 
ATOM   156  C CB  . VAL A 1 22  ? -4.417  0.695   6.417   1.00 20.81 ? 115 VAL A CB  1 
ATOM   157  C CG1 . VAL A 1 22  ? -4.529  2.125   5.884   1.00 21.79 ? 115 VAL A CG1 1 
ATOM   158  C CG2 . VAL A 1 22  ? -4.589  -0.309  5.302   1.00 22.16 ? 115 VAL A CG2 1 
ATOM   159  N N   . GLN A 1 23  ? -3.535  -1.128  8.862   1.00 19.46 ? 116 GLN A N   1 
ATOM   160  C CA  . GLN A 1 23  ? -3.483  -2.416  9.538   1.00 20.80 ? 116 GLN A CA  1 
ATOM   161  C C   . GLN A 1 23  ? -4.906  -2.933  9.674   1.00 20.63 ? 116 GLN A C   1 
ATOM   162  O O   . GLN A 1 23  ? -5.760  -2.238  10.180  1.00 21.96 ? 116 GLN A O   1 
ATOM   163  C CB  . GLN A 1 23  ? -2.847  -2.236  10.896  1.00 20.95 ? 116 GLN A CB  1 
ATOM   164  C CG  . GLN A 1 23  ? -2.641  -3.500  11.677  1.00 22.04 ? 116 GLN A CG  1 
ATOM   165  C CD  . GLN A 1 23  ? -2.072  -3.196  13.043  1.00 23.97 ? 116 GLN A CD  1 
ATOM   166  O OE1 . GLN A 1 23  ? -2.406  -2.186  13.660  1.00 26.69 ? 116 GLN A OE1 1 
ATOM   167  N NE2 . GLN A 1 23  ? -1.255  -4.072  13.524  1.00 26.57 ? 116 GLN A NE2 1 
ATOM   168  N N   . GLY A 1 24  ? -5.143  -4.135  9.203   1.00 21.93 ? 117 GLY A N   1 
ATOM   169  C CA  . GLY A 1 24  ? -6.479  -4.760  9.330   1.00 22.64 ? 117 GLY A CA  1 
ATOM   170  C C   . GLY A 1 24  ? -6.542  -5.718  10.508  1.00 24.57 ? 117 GLY A C   1 
ATOM   171  O O   . GLY A 1 24  ? -5.773  -5.623  11.438  1.00 24.80 ? 117 GLY A O   1 
ATOM   172  N N   . TYR A 1 25  ? -7.430  -6.684  10.382  1.00 24.36 ? 118 TYR A N   1 
ATOM   173  C CA  . TYR A 1 25  ? -7.660  -7.704  11.400  1.00 26.01 ? 118 TYR A CA  1 
ATOM   174  C C   . TYR A 1 25  ? -7.559  -9.079  10.789  1.00 26.96 ? 118 TYR A C   1 
ATOM   175  O O   . TYR A 1 25  ? -7.718  -9.266  9.551   1.00 28.12 ? 118 TYR A O   1 
ATOM   176  C CB  . TYR A 1 25  ? -9.057  -7.549  11.959  1.00 25.95 ? 118 TYR A CB  1 
ATOM   177  C CG  . TYR A 1 25  ? -9.281  -6.261  12.732  1.00 22.60 ? 118 TYR A CG  1 
ATOM   178  C CD1 . TYR A 1 25  ? -8.716  -6.055  13.995  1.00 22.73 ? 118 TYR A CD1 1 
ATOM   179  C CD2 . TYR A 1 25  ? -10.016 -5.246  12.207  1.00 21.96 ? 118 TYR A CD2 1 
ATOM   180  C CE1 . TYR A 1 25  ? -8.946  -4.872  14.684  1.00 22.54 ? 118 TYR A CE1 1 
ATOM   181  C CE2 . TYR A 1 25  ? -10.206 -4.079  12.872  1.00 22.89 ? 118 TYR A CE2 1 
ATOM   182  C CZ  . TYR A 1 25  ? -9.669  -3.885  14.128  1.00 24.43 ? 118 TYR A CZ  1 
ATOM   183  O OH  . TYR A 1 25  ? -9.884  -2.721  14.829  1.00 28.72 ? 118 TYR A OH  1 
ATOM   184  N N   . LEU A 1 26  ? -7.282  -10.028 11.683  1.00 28.59 ? 119 LEU A N   1 
ATOM   185  C CA  . LEU A 1 26  ? -7.282  -11.467 11.379  1.00 32.85 ? 119 LEU A CA  1 
ATOM   186  C C   . LEU A 1 26  ? -6.365  -11.810 10.212  1.00 32.46 ? 119 LEU A C   1 
ATOM   187  O O   . LEU A 1 26  ? -5.175  -11.653 10.368  1.00 35.34 ? 119 LEU A O   1 
ATOM   188  C CB  . LEU A 1 26  ? -8.720  -11.935 11.169  1.00 36.89 ? 119 LEU A CB  1 
ATOM   189  C CG  . LEU A 1 26  ? -9.653  -11.630 12.355  1.00 40.54 ? 119 LEU A CG  1 
ATOM   190  C CD1 . LEU A 1 26  ? -11.102 -11.812 11.919  1.00 41.28 ? 119 LEU A CD1 1 
ATOM   191  C CD2 . LEU A 1 26  ? -9.290  -12.473 13.583  1.00 43.00 ? 119 LEU A CD2 1 
ATOM   192  N N   . ALA A 1 27  ? -6.900  -12.289 9.079   1.00 34.38 ? 120 ALA A N   1 
ATOM   193  C CA  . ALA A 1 27  ? -6.061  -12.619 7.930   1.00 36.12 ? 120 ALA A CA  1 
ATOM   194  C C   . ALA A 1 27  ? -5.355  -11.378 7.415   1.00 37.08 ? 120 ALA A C   1 
ATOM   195  O O   . ALA A 1 27  ? -4.294  -11.489 6.833   1.00 39.01 ? 120 ALA A O   1 
ATOM   196  C CB  . ALA A 1 27  ? -6.876  -13.259 6.807   1.00 38.66 ? 120 ALA A CB  1 
ATOM   197  N N   . LYS A 1 28  ? -5.939  -10.203 7.644   1.00 32.72 ? 121 LYS A N   1 
ATOM   198  C CA  . LYS A 1 28  ? -5.356  -8.953  7.243   1.00 32.25 ? 121 LYS A CA  1 
ATOM   199  C C   . LYS A 1 28  ? -4.715  -8.173  8.420   1.00 28.05 ? 121 LYS A C   1 
ATOM   200  O O   . LYS A 1 28  ? -4.616  -6.936  8.386   1.00 27.89 ? 121 LYS A O   1 
ATOM   201  C CB  . LYS A 1 28  ? -6.376  -8.100  6.500   1.00 33.92 ? 121 LYS A CB  1 
ATOM   202  C CG  . LYS A 1 28  ? -6.841  -8.668  5.172   1.00 36.82 ? 121 LYS A CG  1 
ATOM   203  C CD  . LYS A 1 28  ? -7.797  -7.683  4.517   1.00 42.02 ? 121 LYS A CD  1 
ATOM   204  C CE  . LYS A 1 28  ? -8.012  -7.977  3.045   1.00 50.93 ? 121 LYS A CE  1 
ATOM   205  N NZ  . LYS A 1 28  ? -9.108  -7.137  2.506   1.00 53.80 ? 121 LYS A NZ  1 
ATOM   206  N N   . SER A 1 29  ? -4.241  -8.893  9.433   1.00 27.15 ? 122 SER A N   1 
ATOM   207  C CA  . SER A 1 29  ? -3.761  -8.268  10.673  1.00 31.73 ? 122 SER A CA  1 
ATOM   208  C C   . SER A 1 29  ? -2.476  -7.456  10.660  1.00 34.13 ? 122 SER A C   1 
ATOM   209  O O   . SER A 1 29  ? -2.176  -6.734  11.651  1.00 35.51 ? 122 SER A O   1 
ATOM   210  C CB  . SER A 1 29  ? -3.624  -9.338  11.763  1.00 32.47 ? 122 SER A CB  1 
ATOM   211  O OG  . SER A 1 29  ? -2.959  -8.735  12.840  1.00 43.28 ? 122 SER A OG  1 
ATOM   212  N N   . GLY A 1 30  ? -1.713  -7.550  9.579   1.00 26.79 ? 123 GLY A N   1 
ATOM   213  C CA  . GLY A 1 30  ? -0.457  -6.771  9.428   1.00 26.07 ? 123 GLY A CA  1 
ATOM   214  C C   . GLY A 1 30  ? -0.711  -5.470  8.690   1.00 23.86 ? 123 GLY A C   1 
ATOM   215  O O   . GLY A 1 30  ? -1.869  -5.038  8.556   1.00 26.88 ? 123 GLY A O   1 
ATOM   216  N N   . TRP A 1 31  ? 0.395   -4.900  8.235   1.00 21.49 ? 124 TRP A N   1 
ATOM   217  C CA  . TRP A 1 31  ? 0.403   -3.598  7.595   1.00 20.58 ? 124 TRP A CA  1 
ATOM   218  C C   . TRP A 1 31  ? 0.488   -3.764  6.098   1.00 21.92 ? 124 TRP A C   1 
ATOM   219  O O   . TRP A 1 31  ? 1.268   -4.574  5.598   1.00 23.02 ? 124 TRP A O   1 
ATOM   220  C CB  . TRP A 1 31  ? 1.583   -2.752  8.083   1.00 19.75 ? 124 TRP A CB  1 
ATOM   221  C CG  . TRP A 1 31  ? 1.451   -2.354  9.521   1.00 19.74 ? 124 TRP A CG  1 
ATOM   222  C CD1 . TRP A 1 31  ? 1.964   -3.022  10.608  1.00 21.57 ? 124 TRP A CD1 1 
ATOM   223  C CD2 . TRP A 1 31  ? 0.734   -1.250  10.049  1.00 20.11 ? 124 TRP A CD2 1 
ATOM   224  N NE1 . TRP A 1 31  ? 1.604   -2.370  11.777  1.00 22.58 ? 124 TRP A NE1 1 
ATOM   225  C CE2 . TRP A 1 31  ? 0.848   -1.275  11.446  1.00 21.27 ? 124 TRP A CE2 1 
ATOM   226  C CE3 . TRP A 1 31  ? -0.003  -0.213  9.471   1.00 19.40 ? 124 TRP A CE3 1 
ATOM   227  C CZ2 . TRP A 1 31  ? 0.293   -0.266  12.257  1.00 21.93 ? 124 TRP A CZ2 1 
ATOM   228  C CZ3 . TRP A 1 31  ? -0.588  0.759   10.288  1.00 21.61 ? 124 TRP A CZ3 1 
ATOM   229  C CH2 . TRP A 1 31  ? -0.458  0.697   11.666  1.00 22.56 ? 124 TRP A CH2 1 
ATOM   230  N N   . GLY A 1 32  ? -0.284  -2.960  5.377   1.00 19.57 ? 125 GLY A N   1 
ATOM   231  C CA  . GLY A 1 32  ? -0.263  -2.987  3.915   1.00 20.64 ? 125 GLY A CA  1 
ATOM   232  C C   . GLY A 1 32  ? -0.764  -1.693  3.372   1.00 19.26 ? 125 GLY A C   1 
ATOM   233  O O   . GLY A 1 32  ? -1.212  -0.813  4.104   1.00 19.67 ? 125 GLY A O   1 
ATOM   234  N N   . PHE A 1 33  ? -0.620  -1.520  2.052   1.00 19.59 ? 126 PHE A N   1 
ATOM   235  C CA  . PHE A 1 33  ? -1.173  -0.347  1.400   1.00 19.77 ? 126 PHE A CA  1 
ATOM   236  C C   . PHE A 1 33  ? -2.683  -0.487  1.307   1.00 20.38 ? 126 PHE A C   1 
ATOM   237  O O   . PHE A 1 33  ? -3.193  -1.587  1.177   1.00 21.65 ? 126 PHE A O   1 
ATOM   238  C CB  . PHE A 1 33  ? -0.562  -0.186  0.013   1.00 19.29 ? 126 PHE A CB  1 
ATOM   239  C CG  . PHE A 1 33  ? 0.889   0.088   0.066   1.00 19.92 ? 126 PHE A CG  1 
ATOM   240  C CD1 . PHE A 1 33  ? 1.366   1.325   0.423   1.00 20.40 ? 126 PHE A CD1 1 
ATOM   241  C CD2 . PHE A 1 33  ? 1.823   -0.904  -0.185  1.00 21.35 ? 126 PHE A CD2 1 
ATOM   242  C CE1 . PHE A 1 33  ? 2.712   1.619   0.536   1.00 22.23 ? 126 PHE A CE1 1 
ATOM   243  C CE2 . PHE A 1 33  ? 3.172   -0.623  -0.062  1.00 20.09 ? 126 PHE A CE2 1 
ATOM   244  C CZ  . PHE A 1 33  ? 3.639   0.632   0.270   1.00 21.64 ? 126 PHE A CZ  1 
ATOM   245  N N   . PRO A 1 34  ? -3.411  0.647   1.440   1.00 19.84 ? 127 PRO A N   1 
ATOM   246  C CA  . PRO A 1 34  ? -4.855  0.620   1.308   1.00 20.77 ? 127 PRO A CA  1 
ATOM   247  C C   . PRO A 1 34  ? -5.238  0.206   -0.115  1.00 21.65 ? 127 PRO A C   1 
ATOM   248  O O   . PRO A 1 34  ? -4.780  0.822   -1.066  1.00 21.05 ? 127 PRO A O   1 
ATOM   249  C CB  . PRO A 1 34  ? -5.262  2.045   1.712   1.00 19.98 ? 127 PRO A CB  1 
ATOM   250  C CG  . PRO A 1 34  ? -4.086  2.890   1.384   1.00 20.44 ? 127 PRO A CG  1 
ATOM   251  C CD  . PRO A 1 34  ? -2.901  1.983   1.667   1.00 19.81 ? 127 PRO A CD  1 
ATOM   252  N N   . LYS A 1 35  ? -6.111  -0.816  -0.271  1.00 21.72 ? 128 LYS A N   1 
ATOM   253  C CA  . LYS A 1 35  ? -6.502  -1.355  -1.542  1.00 23.39 ? 128 LYS A CA  1 
ATOM   254  C C   . LYS A 1 35  ? -7.670  -2.315  -1.318  1.00 24.72 ? 128 LYS A C   1 
ATOM   255  O O   . LYS A 1 35  ? -7.910  -2.761  -0.205  1.00 25.97 ? 128 LYS A O   1 
ATOM   256  C CB  . LYS A 1 35  ? -5.358  -2.083  -2.256  1.00 23.83 ? 128 LYS A CB  1 
ATOM   257  C CG  . LYS A 1 35  ? -4.849  -3.327  -1.533  1.00 25.42 ? 128 LYS A CG  1 
ATOM   258  C CD  . LYS A 1 35  ? -3.814  -4.048  -2.353  1.00 29.26 ? 128 LYS A CD  1 
ATOM   259  C CE  . LYS A 1 35  ? -3.392  -5.400  -1.743  1.00 34.00 ? 128 LYS A CE  1 
ATOM   260  N NZ  . LYS A 1 35  ? -4.346  -6.451  -2.229  1.00 39.95 ? 128 LYS A NZ  1 
ATOM   261  N N   . GLY A 1 36  ? -8.336  -2.616  -2.398  1.00 25.54 ? 129 GLY A N   1 
ATOM   262  C CA  . GLY A 1 36  ? -9.369  -3.644  -2.370  1.00 26.53 ? 129 GLY A CA  1 
ATOM   263  C C   . GLY A 1 36  ? -9.860  -4.025  -3.740  1.00 26.46 ? 129 GLY A C   1 
ATOM   264  O O   . GLY A 1 36  ? -9.399  -3.528  -4.757  1.00 25.04 ? 129 GLY A O   1 
ATOM   265  N N   . LYS A 1 37  ? -10.839 -4.950  -3.750  1.00 30.55 ? 130 LYS A N   1 
ATOM   266  C CA  . LYS A 1 37  ? -11.295 -5.560  -4.982  1.00 31.31 ? 130 LYS A CA  1 
ATOM   267  C C   . LYS A 1 37  ? -12.191 -4.658  -5.818  1.00 28.15 ? 130 LYS A C   1 
ATOM   268  O O   . LYS A 1 37  ? -13.012 -3.922  -5.276  1.00 31.70 ? 130 LYS A O   1 
ATOM   269  C CB  . LYS A 1 37  ? -12.058 -6.855  -4.644  1.00 33.67 ? 130 LYS A CB  1 
ATOM   270  C CG  . LYS A 1 37  ? -11.203 -7.962  -4.073  1.00 35.20 ? 130 LYS A CG  1 
ATOM   271  C CD  . LYS A 1 37  ? -11.967 -9.277  -4.003  1.00 39.91 ? 130 LYS A CD  1 
ATOM   272  N N   . VAL A 1 38  ? -11.997 -4.721  -7.125  1.00 29.87 ? 131 VAL A N   1 
ATOM   273  C CA  . VAL A 1 38  ? -12.788 -3.941  -8.060  1.00 33.20 ? 131 VAL A CA  1 
ATOM   274  C C   . VAL A 1 38  ? -14.211 -4.525  -8.107  1.00 35.01 ? 131 VAL A C   1 
ATOM   275  O O   . VAL A 1 38  ? -14.387 -5.746  -8.061  1.00 37.51 ? 131 VAL A O   1 
ATOM   276  C CB  . VAL A 1 38  ? -12.123 -3.866  -9.445  1.00 33.14 ? 131 VAL A CB  1 
ATOM   277  C CG1 . VAL A 1 38  ? -12.039 -5.237  -10.134 1.00 33.08 ? 131 VAL A CG1 1 
ATOM   278  C CG2 . VAL A 1 38  ? -12.796 -2.821  -10.315 1.00 35.19 ? 131 VAL A CG2 1 
ATOM   279  N N   . ASN A 1 39  ? -15.188 -3.627  -8.162  1.00 34.40 ? 132 ASN A N   1 
ATOM   280  C CA  . ASN A 1 39  ? -16.604 -3.992  -8.399  1.00 38.22 ? 132 ASN A CA  1 
ATOM   281  C C   . ASN A 1 39  ? -16.894 -4.159  -9.902  1.00 40.19 ? 132 ASN A C   1 
ATOM   282  O O   . ASN A 1 39  ? -16.169 -3.667  -10.747 1.00 38.94 ? 132 ASN A O   1 
ATOM   283  C CB  . ASN A 1 39  ? -17.523 -2.903  -7.842  1.00 36.65 ? 132 ASN A CB  1 
ATOM   284  C CG  . ASN A 1 39  ? -17.525 -2.834  -6.332  1.00 35.79 ? 132 ASN A CG  1 
ATOM   285  O OD1 . ASN A 1 39  ? -17.258 -3.823  -5.623  1.00 41.79 ? 132 ASN A OD1 1 
ATOM   286  N ND2 . ASN A 1 39  ? -17.846 -1.678  -5.816  1.00 38.26 ? 132 ASN A ND2 1 
ATOM   287  N N   . LYS A 1 40  ? -17.990 -4.858  -10.224 1.00 44.91 ? 133 LYS A N   1 
ATOM   288  C CA  . LYS A 1 40  ? -18.492 -4.969  -11.610 1.00 46.29 ? 133 LYS A CA  1 
ATOM   289  C C   . LYS A 1 40  ? -18.618 -3.615  -12.306 1.00 42.20 ? 133 LYS A C   1 
ATOM   290  O O   . LYS A 1 40  ? -19.208 -2.691  -11.746 1.00 46.63 ? 133 LYS A O   1 
ATOM   291  C CB  . LYS A 1 40  ? -19.891 -5.612  -11.608 1.00 47.01 ? 133 LYS A CB  1 
ATOM   292  N N   . GLU A 1 41  ? -18.041 -3.507  -13.503 1.00 47.88 ? 134 GLU A N   1 
ATOM   293  C CA  . GLU A 1 41  ? -18.079 -2.286  -14.331 1.00 49.94 ? 134 GLU A CA  1 
ATOM   294  C C   . GLU A 1 41  ? -17.370 -1.041  -13.744 1.00 51.66 ? 134 GLU A C   1 
ATOM   295  O O   . GLU A 1 41  ? -17.490 0.052   -14.311 1.00 53.25 ? 134 GLU A O   1 
ATOM   296  C CB  . GLU A 1 41  ? -19.533 -1.935  -14.721 1.00 52.38 ? 134 GLU A CB  1 
ATOM   297  N N   . GLU A 1 42  ? -16.603 -1.204  -12.653 1.00 44.93 ? 135 GLU A N   1 
ATOM   298  C CA  . GLU A 1 42  ? -15.955 -0.064  -11.984 1.00 39.64 ? 135 GLU A CA  1 
ATOM   299  C C   . GLU A 1 42  ? -14.589 0.166   -12.601 1.00 39.06 ? 135 GLU A C   1 
ATOM   300  O O   . GLU A 1 42  ? -13.859 -0.788  -12.856 1.00 38.40 ? 135 GLU A O   1 
ATOM   301  C CB  . GLU A 1 42  ? -15.810 -0.324  -10.488 1.00 37.20 ? 135 GLU A CB  1 
ATOM   302  C CG  . GLU A 1 42  ? -15.137 0.787   -9.683  1.00 34.23 ? 135 GLU A CG  1 
ATOM   303  C CD  . GLU A 1 42  ? -15.036 0.456   -8.207  1.00 31.17 ? 135 GLU A CD  1 
ATOM   304  O OE1 . GLU A 1 42  ? -14.743 -0.719  -7.882  1.00 33.52 ? 135 GLU A OE1 1 
ATOM   305  O OE2 . GLU A 1 42  ? -15.228 1.354   -7.358  1.00 35.05 ? 135 GLU A OE2 1 
ATOM   306  N N   . ALA A 1 43  ? -14.261 1.433   -12.844 1.00 36.61 ? 136 ALA A N   1 
ATOM   307  C CA  . ALA A 1 43  ? -13.011 1.810   -13.486 1.00 34.97 ? 136 ALA A CA  1 
ATOM   308  C C   . ALA A 1 43  ? -11.897 1.657   -12.426 1.00 31.86 ? 136 ALA A C   1 
ATOM   309  O O   . ALA A 1 43  ? -12.168 1.928   -11.271 1.00 32.85 ? 136 ALA A O   1 
ATOM   310  C CB  . ALA A 1 43  ? -13.060 3.241   -13.966 1.00 36.90 ? 136 ALA A CB  1 
ATOM   311  N N   . PRO A 1 44  ? -10.675 1.295   -12.848 1.00 35.88 ? 137 PRO A N   1 
ATOM   312  C CA  . PRO A 1 44  ? -9.563  1.188   -11.881 1.00 31.75 ? 137 PRO A CA  1 
ATOM   313  C C   . PRO A 1 44  ? -9.374  2.427   -10.992 1.00 31.67 ? 137 PRO A C   1 
ATOM   314  O O   . PRO A 1 44  ? -9.254  2.274   -9.768  1.00 28.96 ? 137 PRO A O   1 
ATOM   315  C CB  . PRO A 1 44  ? -8.350  0.997   -12.784 1.00 36.20 ? 137 PRO A CB  1 
ATOM   316  C CG  . PRO A 1 44  ? -8.899  0.283   -14.003 1.00 37.31 ? 137 PRO A CG  1 
ATOM   317  C CD  . PRO A 1 44  ? -10.245 0.914   -14.205 1.00 36.21 ? 137 PRO A CD  1 
ATOM   318  N N   . HIS A 1 45  ? -9.341  3.631   -11.555 1.00 31.62 ? 138 HIS A N   1 
ATOM   319  C CA  . HIS A 1 45  ? -9.176  4.838   -10.715 1.00 33.74 ? 138 HIS A CA  1 
ATOM   320  C C   . HIS A 1 45  ? -10.303 5.040   -9.699  1.00 30.03 ? 138 HIS A C   1 
ATOM   321  O O   . HIS A 1 45  ? -10.079 5.500   -8.582  1.00 27.42 ? 138 HIS A O   1 
ATOM   322  C CB  . HIS A 1 45  ? -8.922  6.084   -11.578 1.00 37.00 ? 138 HIS A CB  1 
ATOM   323  C CG  . HIS A 1 45  ? -10.137 6.625   -12.255 1.00 43.77 ? 138 HIS A CG  1 
ATOM   324  N ND1 . HIS A 1 45  ? -10.528 6.219   -13.516 1.00 49.88 ? 138 HIS A ND1 1 
ATOM   325  C CD2 . HIS A 1 45  ? -11.027 7.573   -11.873 1.00 46.49 ? 138 HIS A CD2 1 
ATOM   326  C CE1 . HIS A 1 45  ? -11.610 6.893   -13.875 1.00 47.69 ? 138 HIS A CE1 1 
ATOM   327  N NE2 . HIS A 1 45  ? -11.933 7.721   -12.897 1.00 49.40 ? 138 HIS A NE2 1 
ATOM   328  N N   . ASP A 1 46  ? -11.548 4.688   -10.062 1.00 28.56 ? 139 ASP A N   1 
ATOM   329  C CA  . ASP A 1 46  ? -12.664 4.819   -9.133  1.00 29.72 ? 139 ASP A CA  1 
ATOM   330  C C   . ASP A 1 46  ? -12.576 3.784   -7.992  1.00 25.33 ? 139 ASP A C   1 
ATOM   331  O O   . ASP A 1 46  ? -12.894 4.088   -6.847  1.00 27.39 ? 139 ASP A O   1 
ATOM   332  C CB  . ASP A 1 46  ? -14.010 4.670   -9.871  1.00 31.27 ? 139 ASP A CB  1 
ATOM   333  C CG  . ASP A 1 46  ? -14.320 5.864   -10.759 1.00 35.80 ? 139 ASP A CG  1 
ATOM   334  O OD1 . ASP A 1 46  ? -13.886 7.003   -10.453 1.00 36.49 ? 139 ASP A OD1 1 
ATOM   335  O OD2 . ASP A 1 46  ? -15.014 5.662   -11.788 1.00 39.32 ? 139 ASP A OD2 1 
ATOM   336  N N   . CYS A 1 47  ? -12.144 2.566   -8.329  1.00 28.61 ? 140 CYS A N   1 
ATOM   337  C CA  . CYS A 1 47  ? -11.909 1.522   -7.320  1.00 25.55 ? 140 CYS A CA  1 
ATOM   338  C C   . CYS A 1 47  ? -10.821 1.990   -6.335  1.00 23.62 ? 140 CYS A C   1 
ATOM   339  O O   . CYS A 1 47  ? -11.056 1.985   -5.127  1.00 22.98 ? 140 CYS A O   1 
ATOM   340  C CB  . CYS A 1 47  ? -11.470 0.231   -7.965  1.00 26.70 ? 140 CYS A CB  1 
ATOM   341  S SG  . CYS A 1 47  ? -11.089 -1.031  -6.734  1.00 28.61 ? 140 CYS A SG  1 
ATOM   342  N N   . ALA A 1 48  ? -9.702  2.447   -6.896  1.00 25.63 ? 141 ALA A N   1 
ATOM   343  C CA  . ALA A 1 48  ? -8.611  2.949   -6.020  1.00 23.48 ? 141 ALA A CA  1 
ATOM   344  C C   . ALA A 1 48  ? -9.097  4.012   -5.067  1.00 24.15 ? 141 ALA A C   1 
ATOM   345  O O   . ALA A 1 48  ? -8.871  3.968   -3.861  1.00 22.39 ? 141 ALA A O   1 
ATOM   346  C CB  . ALA A 1 48  ? -7.452  3.415   -6.849  1.00 23.38 ? 141 ALA A CB  1 
ATOM   347  N N   . ALA A 1 49  ? -9.781  5.026   -5.597  1.00 23.47 ? 142 ALA A N   1 
ATOM   348  C CA  . ALA A 1 49  ? -10.248 6.066   -4.719  1.00 23.25 ? 142 ALA A CA  1 
ATOM   349  C C   . ALA A 1 49  ? -11.284 5.568   -3.695  1.00 22.53 ? 142 ALA A C   1 
ATOM   350  O O   . ALA A 1 49  ? -11.282 6.030   -2.555  1.00 23.23 ? 142 ALA A O   1 
ATOM   351  C CB  . ALA A 1 49  ? -10.805 7.216   -5.548  1.00 24.73 ? 142 ALA A CB  1 
ATOM   352  N N   . ARG A 1 50  ? -12.199 4.691   -4.137  1.00 23.76 ? 143 ARG A N   1 
ATOM   353  C CA  . ARG A 1 50  ? -13.202 4.184   -3.235  1.00 24.91 ? 143 ARG A CA  1 
ATOM   354  C C   . ARG A 1 50  ? -12.559 3.411   -2.074  1.00 24.14 ? 143 ARG A C   1 
ATOM   355  O O   . ARG A 1 50  ? -12.904 3.611   -0.896  1.00 24.86 ? 143 ARG A O   1 
ATOM   356  C CB  . ARG A 1 50  ? -14.182 3.290   -3.972  1.00 27.63 ? 143 ARG A CB  1 
ATOM   357  C CG  . ARG A 1 50  ? -15.221 2.660   -3.088  1.00 29.47 ? 143 ARG A CG  1 
ATOM   358  C CD  . ARG A 1 50  ? -16.179 1.777   -3.862  1.00 30.76 ? 143 ARG A CD  1 
ATOM   359  N NE  . ARG A 1 50  ? -15.527 0.766   -4.690  1.00 29.80 ? 143 ARG A NE  1 
ATOM   360  C CZ  . ARG A 1 50  ? -15.048 -0.416  -4.255  1.00 29.13 ? 143 ARG A CZ  1 
ATOM   361  N NH1 . ARG A 1 50  ? -15.128 -0.765  -2.978  1.00 33.59 ? 143 ARG A NH1 1 
ATOM   362  N NH2 . ARG A 1 50  ? -14.493 -1.240  -5.103  1.00 30.59 ? 143 ARG A NH2 1 
ATOM   363  N N   . GLU A 1 51  ? -11.649 2.506   -2.425  1.00 26.62 ? 144 GLU A N   1 
ATOM   364  C CA  . GLU A 1 51  ? -11.004 1.702   -1.397  1.00 25.68 ? 144 GLU A CA  1 
ATOM   365  C C   . GLU A 1 51  ? -10.170 2.534   -0.449  1.00 22.32 ? 144 GLU A C   1 
ATOM   366  O O   . GLU A 1 51  ? -10.186 2.328   0.767   1.00 23.06 ? 144 GLU A O   1 
ATOM   367  C CB  . GLU A 1 51  ? -10.176 0.623   -2.029  1.00 27.00 ? 144 GLU A CB  1 
ATOM   368  C CG  . GLU A 1 51  ? -10.986 -0.374  -2.803  1.00 29.18 ? 144 GLU A CG  1 
ATOM   369  C CD  . GLU A 1 51  ? -11.684 -1.392  -1.939  1.00 34.90 ? 144 GLU A CD  1 
ATOM   370  O OE1 . GLU A 1 51  ? -11.504 -1.396  -0.701  1.00 36.24 ? 144 GLU A OE1 1 
ATOM   371  O OE2 . GLU A 1 51  ? -12.398 -2.245  -2.527  1.00 39.52 ? 144 GLU A OE2 1 
ATOM   372  N N   . VAL A 1 52  ? -9.403  3.480   -0.989  1.00 21.76 ? 145 VAL A N   1 
ATOM   373  C CA  . VAL A 1 52  ? -8.620  4.334   -0.148  1.00 22.01 ? 145 VAL A CA  1 
ATOM   374  C C   . VAL A 1 52  ? -9.492  5.197   0.765   1.00 23.00 ? 145 VAL A C   1 
ATOM   375  O O   . VAL A 1 52  ? -9.202  5.330   1.928   1.00 23.04 ? 145 VAL A O   1 
ATOM   376  C CB  . VAL A 1 52  ? -7.598  5.128   -0.998  1.00 21.21 ? 145 VAL A CB  1 
ATOM   377  C CG1 . VAL A 1 52  ? -6.887  6.134   -0.143  1.00 22.79 ? 145 VAL A CG1 1 
ATOM   378  C CG2 . VAL A 1 52  ? -6.599  4.193   -1.657  1.00 24.15 ? 145 VAL A CG2 1 
ATOM   379  N N   . PHE A 1 53  ? -10.613 5.727   0.234   1.00 23.40 ? 146 PHE A N   1 
ATOM   380  C CA  . PHE A 1 53  ? -11.476 6.488   1.098   1.00 23.01 ? 146 PHE A CA  1 
ATOM   381  C C   . PHE A 1 53  ? -12.147 5.622   2.209   1.00 22.49 ? 146 PHE A C   1 
ATOM   382  O O   . PHE A 1 53  ? -12.207 6.065   3.332   1.00 26.53 ? 146 PHE A O   1 
ATOM   383  C CB  . PHE A 1 53  ? -12.526 7.241   0.275   1.00 24.49 ? 146 PHE A CB  1 
ATOM   384  C CG  . PHE A 1 53  ? -13.303 8.212   1.062   1.00 27.70 ? 146 PHE A CG  1 
ATOM   385  C CD1 . PHE A 1 53  ? -12.772 9.427   1.407   1.00 29.61 ? 146 PHE A CD1 1 
ATOM   386  C CD2 . PHE A 1 53  ? -14.582 7.892   1.492   1.00 32.77 ? 146 PHE A CD2 1 
ATOM   387  C CE1 . PHE A 1 53  ? -13.476 10.339  2.166   1.00 33.19 ? 146 PHE A CE1 1 
ATOM   388  C CE2 . PHE A 1 53  ? -15.300 8.798   2.257   1.00 34.76 ? 146 PHE A CE2 1 
ATOM   389  C CZ  . PHE A 1 53  ? -14.745 10.016  2.600   1.00 35.01 ? 146 PHE A CZ  1 
ATOM   390  N N   . GLU A 1 54  ? -12.561 4.420   1.841   1.00 24.34 ? 147 GLU A N   1 
ATOM   391  C CA  . GLU A 1 54  ? -13.151 3.457   2.835   1.00 26.66 ? 147 GLU A CA  1 
ATOM   392  C C   . GLU A 1 54  ? -12.168 3.163   3.967   1.00 26.45 ? 147 GLU A C   1 
ATOM   393  O O   . GLU A 1 54  ? -12.529 3.049   5.129   1.00 27.41 ? 147 GLU A O   1 
ATOM   394  C CB  . GLU A 1 54  ? -13.526 2.145   2.168   1.00 32.22 ? 147 GLU A CB  1 
ATOM   395  C CG  . GLU A 1 54  ? -14.770 2.168   1.293   1.00 41.39 ? 147 GLU A CG  1 
ATOM   396  C CD  . GLU A 1 54  ? -15.102 0.805   0.634   1.00 44.96 ? 147 GLU A CD  1 
ATOM   397  O OE1 . GLU A 1 54  ? -14.416 -0.229  0.923   1.00 48.14 ? 147 GLU A OE1 1 
ATOM   398  O OE2 . GLU A 1 54  ? -16.065 0.759   -0.198  1.00 45.37 ? 147 GLU A OE2 1 
ATOM   399  N N   . GLU A 1 55  ? -10.906 2.955   3.589   1.00 25.21 ? 148 GLU A N   1 
ATOM   400  C CA  . GLU A 1 55  ? -9.899  2.515   4.570   1.00 24.71 ? 148 GLU A CA  1 
ATOM   401  C C   . GLU A 1 55  ? -9.156  3.626   5.314   1.00 24.02 ? 148 GLU A C   1 
ATOM   402  O O   . GLU A 1 55  ? -8.553  3.367   6.356   1.00 26.07 ? 148 GLU A O   1 
ATOM   403  C CB  . GLU A 1 55  ? -8.901  1.575   3.861   1.00 23.73 ? 148 GLU A CB  1 
ATOM   404  C CG  . GLU A 1 55  ? -9.573  0.312   3.385   1.00 26.83 ? 148 GLU A CG  1 
ATOM   405  C CD  . GLU A 1 55  ? -8.738  -0.559  2.530   1.00 31.56 ? 148 GLU A CD  1 
ATOM   406  O OE1 . GLU A 1 55  ? -7.500  -0.477  2.611   1.00 29.84 ? 148 GLU A OE1 1 
ATOM   407  O OE2 . GLU A 1 55  ? -9.359  -1.279  1.702   1.00 35.06 ? 148 GLU A OE2 1 
ATOM   408  N N   . THR A 1 56  ? -9.157  4.855   4.759   1.00 22.57 ? 149 THR A N   1 
ATOM   409  C CA  . THR A 1 56  ? -8.392  5.953   5.352   1.00 23.18 ? 149 THR A CA  1 
ATOM   410  C C   . THR A 1 56  ? -9.140  7.255   5.559   1.00 24.47 ? 149 THR A C   1 
ATOM   411  O O   . THR A 1 56  ? -8.617  8.120   6.222   1.00 26.47 ? 149 THR A O   1 
ATOM   412  C CB  . THR A 1 56  ? -7.147  6.344   4.494   1.00 23.70 ? 149 THR A CB  1 
ATOM   413  O OG1 . THR A 1 56  ? -7.546  7.046   3.310   1.00 23.03 ? 149 THR A OG1 1 
ATOM   414  C CG2 . THR A 1 56  ? -6.374  5.115   4.029   1.00 22.17 ? 149 THR A CG2 1 
ATOM   415  N N   . GLY A 1 57  ? -10.292 7.395   4.932   1.00 26.22 ? 150 GLY A N   1 
ATOM   416  C CA  . GLY A 1 57  ? -11.054 8.652   4.939   1.00 26.92 ? 150 GLY A CA  1 
ATOM   417  C C   . GLY A 1 57  ? -10.437 9.796   4.159   1.00 28.87 ? 150 GLY A C   1 
ATOM   418  O O   . GLY A 1 57  ? -10.825 10.954  4.330   1.00 31.69 ? 150 GLY A O   1 
ATOM   419  N N   . PHE A 1 58  ? -9.463  9.498   3.316   1.00 26.09 ? 151 PHE A N   1 
ATOM   420  C CA  . PHE A 1 58  ? -8.803  10.507  2.496   1.00 24.53 ? 151 PHE A CA  1 
ATOM   421  C C   . PHE A 1 58  ? -9.165  10.252  1.074   1.00 25.67 ? 151 PHE A C   1 
ATOM   422  O O   . PHE A 1 58  ? -9.126  9.119   0.555   1.00 25.57 ? 151 PHE A O   1 
ATOM   423  C CB  . PHE A 1 58  ? -7.293  10.466  2.696   1.00 25.31 ? 151 PHE A CB  1 
ATOM   424  C CG  . PHE A 1 58  ? -6.575  11.541  1.923   1.00 25.17 ? 151 PHE A CG  1 
ATOM   425  C CD1 . PHE A 1 58  ? -6.601  12.850  2.363   1.00 27.13 ? 151 PHE A CD1 1 
ATOM   426  C CD2 . PHE A 1 58  ? -5.950  11.234  0.730   1.00 26.58 ? 151 PHE A CD2 1 
ATOM   427  C CE1 . PHE A 1 58  ? -5.945  13.830  1.634   1.00 29.01 ? 151 PHE A CE1 1 
ATOM   428  C CE2 . PHE A 1 58  ? -5.286  12.199  -0.002  1.00 27.71 ? 151 PHE A CE2 1 
ATOM   429  C CZ  . PHE A 1 58  ? -5.309  13.493  0.457   1.00 28.41 ? 151 PHE A CZ  1 
ATOM   430  N N   . ASP A 1 59  ? -9.553  11.335  0.368   1.00 25.92 ? 152 ASP A N   1 
ATOM   431  C CA  . ASP A 1 59  ? -10.031 11.206  -0.988  1.00 25.83 ? 152 ASP A CA  1 
ATOM   432  C C   . ASP A 1 59  ? -8.940  11.553  -1.943  1.00 27.05 ? 152 ASP A C   1 
ATOM   433  O O   . ASP A 1 59  ? -8.482  12.723  -1.971  1.00 27.76 ? 152 ASP A O   1 
ATOM   434  C CB  . ASP A 1 59  ? -11.224 12.172  -1.188  1.00 26.75 ? 152 ASP A CB  1 
ATOM   435  C CG  . ASP A 1 59  ? -11.843 12.067  -2.541  1.00 30.89 ? 152 ASP A CG  1 
ATOM   436  O OD1 . ASP A 1 59  ? -11.451 11.255  -3.409  1.00 28.73 ? 152 ASP A OD1 1 
ATOM   437  O OD2 . ASP A 1 59  ? -12.801 12.864  -2.760  1.00 38.16 ? 152 ASP A OD2 1 
ATOM   438  N N   . ILE A 1 60  ? -8.525  10.571  -2.738  1.00 24.99 ? 153 ILE A N   1 
ATOM   439  C CA  . ILE A 1 60  ? -7.394  10.758  -3.678  1.00 25.59 ? 153 ILE A CA  1 
ATOM   440  C C   . ILE A 1 60  ? -7.846  11.133  -5.066  1.00 26.63 ? 153 ILE A C   1 
ATOM   441  O O   . ILE A 1 60  ? -7.043  11.276  -5.946  1.00 26.88 ? 153 ILE A O   1 
ATOM   442  C CB  . ILE A 1 60  ? -6.473  9.527   -3.774  1.00 25.25 ? 153 ILE A CB  1 
ATOM   443  C CG1 . ILE A 1 60  ? -7.215  8.293   -4.322  1.00 25.51 ? 153 ILE A CG1 1 
ATOM   444  C CG2 . ILE A 1 60  ? -5.860  9.237   -2.420  1.00 26.03 ? 153 ILE A CG2 1 
ATOM   445  C CD1 . ILE A 1 60  ? -6.291  7.115   -4.601  1.00 24.48 ? 153 ILE A CD1 1 
ATOM   446  N N   . LYS A 1 61  ? -9.138  11.280  -5.274  1.00 26.17 ? 154 LYS A N   1 
ATOM   447  C CA  . LYS A 1 61  ? -9.633  11.417  -6.615  1.00 29.65 ? 154 LYS A CA  1 
ATOM   448  C C   . LYS A 1 61  ? -8.985  12.605  -7.341  1.00 28.28 ? 154 LYS A C   1 
ATOM   449  O O   . LYS A 1 61  ? -8.632  12.443  -8.476  1.00 30.76 ? 154 LYS A O   1 
ATOM   450  C CB  . LYS A 1 61  ? -11.161 11.535  -6.615  1.00 33.51 ? 154 LYS A CB  1 
ATOM   451  C CG  . LYS A 1 61  ? -11.796 12.330  -7.747  1.00 40.94 ? 154 LYS A CG  1 
ATOM   452  C CD  . LYS A 1 61  ? -13.328 12.200  -7.757  1.00 45.58 ? 154 LYS A CD  1 
ATOM   453  C CE  . LYS A 1 61  ? -13.997 12.553  -6.423  1.00 50.34 ? 154 LYS A CE  1 
ATOM   454  N NZ  . LYS A 1 61  ? -13.775 13.955  -5.958  1.00 55.51 ? 154 LYS A NZ  1 
ATOM   455  N N   . ASP A 1 62  ? -8.849  13.721  -6.655  1.00 28.12 ? 155 ASP A N   1 
ATOM   456  C CA  . ASP A 1 62  ? -8.290  14.968  -7.301  1.00 29.67 ? 155 ASP A CA  1 
ATOM   457  C C   . ASP A 1 62  ? -6.795  14.803  -7.606  1.00 30.64 ? 155 ASP A C   1 
ATOM   458  O O   . ASP A 1 62  ? -6.203  15.589  -8.396  1.00 30.97 ? 155 ASP A O   1 
ATOM   459  C CB  . ASP A 1 62  ? -8.514  16.218  -6.431  1.00 33.87 ? 155 ASP A CB  1 
ATOM   460  C CG  . ASP A 1 62  ? -9.966  16.708  -6.406  1.00 36.72 ? 155 ASP A CG  1 
ATOM   461  O OD1 . ASP A 1 62  ? -10.796 16.265  -7.211  1.00 37.63 ? 155 ASP A OD1 1 
ATOM   462  O OD2 . ASP A 1 62  ? -10.254 17.582  -5.552  1.00 40.29 ? 155 ASP A OD2 1 
ATOM   463  N N   . TYR A 1 63  ? -6.140  13.785  -7.022  1.00 26.61 ? 156 TYR A N   1 
ATOM   464  C CA  . TYR A 1 63  ? -4.681  13.632  -7.171  1.00 27.62 ? 156 TYR A CA  1 
ATOM   465  C C   . TYR A 1 63  ? -4.159  12.468  -7.977  1.00 26.46 ? 156 TYR A C   1 
ATOM   466  O O   . TYR A 1 63  ? -2.962  12.403  -8.321  1.00 30.37 ? 156 TYR A O   1 
ATOM   467  C CB  . TYR A 1 63  ? -4.096  13.545  -5.779  1.00 27.36 ? 156 TYR A CB  1 
ATOM   468  C CG  . TYR A 1 63  ? -4.579  14.599  -4.891  1.00 29.47 ? 156 TYR A CG  1 
ATOM   469  C CD1 . TYR A 1 63  ? -4.465  15.962  -5.267  1.00 29.21 ? 156 TYR A CD1 1 
ATOM   470  C CD2 . TYR A 1 63  ? -5.286  14.308  -3.763  1.00 28.70 ? 156 TYR A CD2 1 
ATOM   471  C CE1 . TYR A 1 63  ? -4.952  16.946  -4.476  1.00 32.34 ? 156 TYR A CE1 1 
ATOM   472  C CE2 . TYR A 1 63  ? -5.810  15.296  -2.939  1.00 30.59 ? 156 TYR A CE2 1 
ATOM   473  C CZ  . TYR A 1 63  ? -5.621  16.639  -3.323  1.00 34.12 ? 156 TYR A CZ  1 
ATOM   474  O OH  . TYR A 1 63  ? -6.115  17.670  -2.607  1.00 38.80 ? 156 TYR A OH  1 
ATOM   475  N N   . ILE A 1 64  ? -5.000  11.494  -8.282  1.00 26.90 ? 157 ILE A N   1 
ATOM   476  C CA  . ILE A 1 64  ? -4.568  10.385  -9.107  1.00 28.62 ? 157 ILE A CA  1 
ATOM   477  C C   . ILE A 1 64  ? -4.022  10.812  -10.442 1.00 33.00 ? 157 ILE A C   1 
ATOM   478  O O   . ILE A 1 64  ? -4.650  11.651  -11.130 1.00 34.13 ? 157 ILE A O   1 
ATOM   479  C CB  . ILE A 1 64  ? -5.685  9.329   -9.376  1.00 30.82 ? 157 ILE A CB  1 
ATOM   480  C CG1 . ILE A 1 64  ? -5.953  8.544   -8.120  1.00 31.29 ? 157 ILE A CG1 1 
ATOM   481  C CG2 . ILE A 1 64  ? -5.315  8.315   -10.446 1.00 30.68 ? 157 ILE A CG2 1 
ATOM   482  C CD1 . ILE A 1 64  ? -7.170  7.625   -8.241  1.00 31.77 ? 157 ILE A CD1 1 
ATOM   483  N N   A CYS A 1 65  ? -2.856  10.275  -10.796 0.25 29.99 ? 158 CYS A N   1 
ATOM   484  N N   B CYS A 1 65  ? -2.870  10.259  -10.814 0.25 34.15 ? 158 CYS A N   1 
ATOM   485  C CA  A CYS A 1 65  ? -2.295  10.404  -12.132 0.25 28.83 ? 158 CYS A CA  1 
ATOM   486  C CA  B CYS A 1 65  ? -2.269  10.465  -12.125 0.25 35.75 ? 158 CYS A CA  1 
ATOM   487  C C   A CYS A 1 65  ? -2.375  9.070   -12.812 0.25 32.31 ? 158 CYS A C   1 
ATOM   488  C C   B CYS A 1 65  ? -2.290  9.121   -12.850 0.25 36.21 ? 158 CYS A C   1 
ATOM   489  O O   A CYS A 1 65  ? -1.889  8.058   -12.287 0.25 32.08 ? 158 CYS A O   1 
ATOM   490  O O   B CYS A 1 65  ? -1.675  8.150   -12.380 0.25 35.90 ? 158 CYS A O   1 
ATOM   491  C CB  A CYS A 1 65  ? -0.859  10.863  -12.078 0.25 27.41 ? 158 CYS A CB  1 
ATOM   492  C CB  B CYS A 1 65  ? -0.850  11.012  -11.966 0.25 38.68 ? 158 CYS A CB  1 
ATOM   493  S SG  A CYS A 1 65  ? -0.733  12.531  -11.450 0.25 23.39 ? 158 CYS A SG  1 
ATOM   494  S SG  B CYS A 1 65  ? 0.017   11.397  -13.506 0.25 45.04 ? 158 CYS A SG  1 
ATOM   495  N N   . LYS A 1 66  ? -2.996  9.067   -13.984 1.00 34.56 ? 159 LYS A N   1 
ATOM   496  C CA  . LYS A 1 66  ? -3.266  7.824   -14.727 1.00 35.59 ? 159 LYS A CA  1 
ATOM   497  C C   . LYS A 1 66  ? -2.097  6.891   -14.959 1.00 33.36 ? 159 LYS A C   1 
ATOM   498  O O   . LYS A 1 66  ? -2.246  5.674   -14.815 1.00 37.40 ? 159 LYS A O   1 
ATOM   499  C CB  . LYS A 1 66  ? -3.912  8.170   -16.088 1.00 37.12 ? 159 LYS A CB  1 
ATOM   500  C CG  . LYS A 1 66  ? -2.987  8.888   -17.055 1.00 43.69 ? 159 LYS A CG  1 
ATOM   501  N N   . ASP A 1 67  ? -0.933  7.445   -15.271 1.00 34.82 ? 160 ASP A N   1 
ATOM   502  C CA  . ASP A 1 67  ? 0.243   6.630   -15.574 1.00 38.14 ? 160 ASP A CA  1 
ATOM   503  C C   . ASP A 1 67  ? 1.181   6.468   -14.409 1.00 34.44 ? 160 ASP A C   1 
ATOM   504  O O   . ASP A 1 67  ? 2.279   5.940   -14.587 1.00 38.25 ? 160 ASP A O   1 
ATOM   505  C CB  . ASP A 1 67  ? 1.014   7.260   -16.736 1.00 42.96 ? 160 ASP A CB  1 
ATOM   506  C CG  . ASP A 1 67  ? 0.150   7.386   -17.969 1.00 48.62 ? 160 ASP A CG  1 
ATOM   507  O OD1 . ASP A 1 67  ? -0.529  6.387   -18.274 1.00 51.17 ? 160 ASP A OD1 1 
ATOM   508  O OD2 . ASP A 1 67  ? 0.099   8.481   -18.568 1.00 53.83 ? 160 ASP A OD2 1 
ATOM   509  N N   . ASP A 1 68  ? 0.778   6.931   -13.222 1.00 31.55 ? 161 ASP A N   1 
ATOM   510  C CA  . ASP A 1 68  ? 1.660   6.837   -12.045 1.00 28.07 ? 161 ASP A CA  1 
ATOM   511  C C   . ASP A 1 68  ? 1.149   5.759   -11.072 1.00 25.30 ? 161 ASP A C   1 
ATOM   512  O O   . ASP A 1 68  ? 0.332   6.009   -10.181 1.00 24.09 ? 161 ASP A O   1 
ATOM   513  C CB  . ASP A 1 68  ? 1.793   8.157   -11.295 1.00 26.16 ? 161 ASP A CB  1 
ATOM   514  C CG  . ASP A 1 68  ? 2.464   9.241   -12.090 1.00 30.55 ? 161 ASP A CG  1 
ATOM   515  O OD1 . ASP A 1 68  ? 2.910   8.973   -13.219 1.00 32.03 ? 161 ASP A OD1 1 
ATOM   516  O OD2 . ASP A 1 68  ? 2.578   10.351  -11.536 1.00 28.80 ? 161 ASP A OD2 1 
ATOM   517  N N   . TYR A 1 69  ? 1.653   4.548   -11.261 1.00 25.48 ? 162 TYR A N   1 
ATOM   518  C CA  . TYR A 1 69  ? 1.228   3.420   -10.428 1.00 25.15 ? 162 TYR A CA  1 
ATOM   519  C C   . TYR A 1 69  ? 2.304   2.361   -10.458 1.00 28.13 ? 162 TYR A C   1 
ATOM   520  O O   . TYR A 1 69  ? 3.179   2.368   -11.327 1.00 29.22 ? 162 TYR A O   1 
ATOM   521  C CB  . TYR A 1 69  ? -0.136  2.882   -10.854 1.00 27.25 ? 162 TYR A CB  1 
ATOM   522  C CG  . TYR A 1 69  ? -0.186  2.378   -12.304 1.00 29.71 ? 162 TYR A CG  1 
ATOM   523  C CD1 . TYR A 1 69  ? 0.274   1.112   -12.635 1.00 33.05 ? 162 TYR A CD1 1 
ATOM   524  C CD2 . TYR A 1 69  ? -0.712  3.199   -13.305 1.00 33.32 ? 162 TYR A CD2 1 
ATOM   525  C CE1 . TYR A 1 69  ? 0.222   0.662   -13.952 1.00 36.07 ? 162 TYR A CE1 1 
ATOM   526  C CE2 . TYR A 1 69  ? -0.771  2.749   -14.620 1.00 34.59 ? 162 TYR A CE2 1 
ATOM   527  C CZ  . TYR A 1 69  ? -0.308  1.495   -14.919 1.00 39.24 ? 162 TYR A CZ  1 
ATOM   528  O OH  . TYR A 1 69  ? -0.377  1.066   -16.235 1.00 44.70 ? 162 TYR A OH  1 
ATOM   529  N N   . ILE A 1 70  ? 2.242   1.466   -9.480  1.00 26.31 ? 163 ILE A N   1 
ATOM   530  C CA  . ILE A 1 70  ? 2.961   0.184   -9.525  1.00 28.27 ? 163 ILE A CA  1 
ATOM   531  C C   . ILE A 1 70  ? 1.973   -0.942  -9.503  1.00 26.49 ? 163 ILE A C   1 
ATOM   532  O O   . ILE A 1 70  ? 1.043   -0.942  -8.712  1.00 25.90 ? 163 ILE A O   1 
ATOM   533  C CB  . ILE A 1 70  ? 3.904   0.093   -8.325  1.00 31.03 ? 163 ILE A CB  1 
ATOM   534  C CG1 . ILE A 1 70  ? 5.016   1.107   -8.540  1.00 33.72 ? 163 ILE A CG1 1 
ATOM   535  C CG2 . ILE A 1 70  ? 4.502   -1.319  -8.179  1.00 33.10 ? 163 ILE A CG2 1 
ATOM   536  C CD1 . ILE A 1 70  ? 5.701   1.437   -7.236  1.00 35.24 ? 163 ILE A CD1 1 
ATOM   537  N N   . GLU A 1 71  ? 2.183   -1.923  -10.398 1.00 28.29 ? 164 GLU A N   1 
ATOM   538  C CA  . GLU A 1 71  ? 1.300   -3.031  -10.549 1.00 29.86 ? 164 GLU A CA  1 
ATOM   539  C C   . GLU A 1 71  ? 2.107   -4.306  -10.435 1.00 30.80 ? 164 GLU A C   1 
ATOM   540  O O   . GLU A 1 71  ? 3.166   -4.396  -11.035 1.00 34.88 ? 164 GLU A O   1 
ATOM   541  C CB  . GLU A 1 71  ? 0.639   -2.918  -11.916 1.00 34.33 ? 164 GLU A CB  1 
ATOM   542  C CG  . GLU A 1 71  ? -0.268  -4.050  -12.298 1.00 40.57 ? 164 GLU A CG  1 
ATOM   543  C CD  . GLU A 1 71  ? -0.931  -3.746  -13.619 1.00 46.16 ? 164 GLU A CD  1 
ATOM   544  O OE1 . GLU A 1 71  ? -0.551  -4.379  -14.632 1.00 48.51 ? 164 GLU A OE1 1 
ATOM   545  O OE2 . GLU A 1 71  ? -1.768  -2.830  -13.641 1.00 41.29 ? 164 GLU A OE2 1 
ATOM   546  N N   . LEU A 1 72  ? 1.623   -5.221  -9.622  1.00 26.34 ? 165 LEU A N   1 
ATOM   547  C CA  . LEU A 1 72  ? 2.226   -6.534  -9.423  1.00 29.55 ? 165 LEU A CA  1 
ATOM   548  C C   . LEU A 1 72  ? 1.189   -7.639  -9.550  1.00 29.88 ? 165 LEU A C   1 
ATOM   549  O O   . LEU A 1 72  ? 0.053   -7.537  -9.104  1.00 29.91 ? 165 LEU A O   1 
ATOM   550  C CB  . LEU A 1 72  ? 2.811   -6.625  -8.028  1.00 30.27 ? 165 LEU A CB  1 
ATOM   551  C CG  . LEU A 1 72  ? 3.953   -5.674  -7.779  1.00 31.07 ? 165 LEU A CG  1 
ATOM   552  C CD1 . LEU A 1 72  ? 4.366   -5.843  -6.329  1.00 30.86 ? 165 LEU A CD1 1 
ATOM   553  C CD2 . LEU A 1 72  ? 5.139   -5.968  -8.696  1.00 34.22 ? 165 LEU A CD2 1 
ATOM   554  N N   . ARG A 1 73  ? 1.620   -8.752  -10.147 1.00 33.08 ? 166 ARG A N   1 
ATOM   555  C CA  . ARG A 1 73  ? 0.771   -9.928  -10.238 1.00 36.03 ? 166 ARG A CA  1 
ATOM   556  C C   . ARG A 1 73  ? 1.373   -10.912 -9.267  1.00 33.22 ? 166 ARG A C   1 
ATOM   557  O O   . ARG A 1 73  ? 2.556   -11.288 -9.363  1.00 37.05 ? 166 ARG A O   1 
ATOM   558  C CB  . ARG A 1 73  ? 0.730   -10.499 -11.662 1.00 40.78 ? 166 ARG A CB  1 
ATOM   559  C CG  . ARG A 1 73  ? -0.271  -11.648 -11.840 1.00 46.15 ? 166 ARG A CG  1 
ATOM   560  C CD  . ARG A 1 73  ? -0.144  -12.279 -13.226 1.00 48.88 ? 166 ARG A CD  1 
ATOM   561  N NE  . ARG A 1 73  ? 1.171   -12.922 -13.420 1.00 50.33 ? 166 ARG A NE  1 
ATOM   562  C CZ  . ARG A 1 73  ? 1.834   -13.018 -14.578 1.00 52.12 ? 166 ARG A CZ  1 
ATOM   563  N NH1 . ARG A 1 73  ? 1.347   -12.527 -15.719 1.00 52.55 ? 166 ARG A NH1 1 
ATOM   564  N NH2 . ARG A 1 73  ? 3.018   -13.625 -14.605 1.00 52.04 ? 166 ARG A NH2 1 
ATOM   565  N N   . ILE A 1 74  ? 0.578   -11.301 -8.307  1.00 29.39 ? 167 ILE A N   1 
ATOM   566  C CA  . ILE A 1 74  ? 0.979   -12.180 -7.272  1.00 33.30 ? 167 ILE A CA  1 
ATOM   567  C C   . ILE A 1 74  ? -0.002  -13.327 -7.294  1.00 35.97 ? 167 ILE A C   1 
ATOM   568  O O   . ILE A 1 74  ? -1.189  -13.125 -7.032  1.00 36.26 ? 167 ILE A O   1 
ATOM   569  C CB  . ILE A 1 74  ? 0.941   -11.453 -5.915  1.00 38.68 ? 167 ILE A CB  1 
ATOM   570  C CG1 . ILE A 1 74  ? 2.039   -10.377 -5.917  1.00 40.61 ? 167 ILE A CG1 1 
ATOM   571  C CG2 . ILE A 1 74  ? 1.102   -12.442 -4.749  1.00 40.21 ? 167 ILE A CG2 1 
ATOM   572  C CD1 . ILE A 1 74  ? 2.096   -9.554  -4.651  1.00 42.01 ? 167 ILE A CD1 1 
ATOM   573  N N   . ASN A 1 75  ? 0.479   -14.523 -7.618  1.00 33.23 ? 168 ASN A N   1 
ATOM   574  C CA  . ASN A 1 75  ? -0.397  -15.702 -7.698  1.00 34.93 ? 168 ASN A CA  1 
ATOM   575  C C   . ASN A 1 75  ? -1.593  -15.467 -8.560  1.00 38.12 ? 168 ASN A C   1 
ATOM   576  O O   . ASN A 1 75  ? -2.722  -15.813 -8.206  1.00 42.74 ? 168 ASN A O   1 
ATOM   577  C CB  . ASN A 1 75  ? -0.788  -16.147 -6.302  1.00 37.98 ? 168 ASN A CB  1 
ATOM   578  C CG  . ASN A 1 75  ? 0.405   -16.619 -5.531  1.00 36.95 ? 168 ASN A CG  1 
ATOM   579  O OD1 . ASN A 1 75  ? 1.298   -17.266 -6.104  1.00 38.98 ? 168 ASN A OD1 1 
ATOM   580  N ND2 . ASN A 1 75  ? 0.467   -16.284 -4.250  1.00 40.41 ? 168 ASN A ND2 1 
ATOM   581  N N   . ASP A 1 76  ? -1.304  -14.875 -9.700  1.00 37.74 ? 169 ASP A N   1 
ATOM   582  C CA  . ASP A 1 76  ? -2.228  -14.679 -10.788 1.00 47.87 ? 169 ASP A CA  1 
ATOM   583  C C   . ASP A 1 76  ? -3.404  -13.752 -10.411 1.00 49.30 ? 169 ASP A C   1 
ATOM   584  O O   . ASP A 1 76  ? -4.489  -13.826 -10.992 1.00 51.34 ? 169 ASP A O   1 
ATOM   585  C CB  . ASP A 1 76  ? -2.647  -16.048 -11.381 1.00 52.63 ? 169 ASP A CB  1 
ATOM   586  C CG  . ASP A 1 76  ? -2.372  -16.130 -12.879 1.00 56.97 ? 169 ASP A CG  1 
ATOM   587  O OD1 . ASP A 1 76  ? -1.198  -16.417 -13.350 1.00 44.25 ? 169 ASP A OD1 1 
ATOM   588  O OD2 . ASP A 1 76  ? -3.367  -15.862 -13.585 1.00 63.71 ? 169 ASP A OD2 1 
ATOM   589  N N   . GLN A 1 77  ? -3.145  -12.859 -9.456  1.00 41.50 ? 170 GLN A N   1 
ATOM   590  C CA  . GLN A 1 77  ? -4.035  -11.736 -9.138  1.00 44.41 ? 170 GLN A CA  1 
ATOM   591  C C   . GLN A 1 77  ? -3.246  -10.446 -9.277  1.00 42.09 ? 170 GLN A C   1 
ATOM   592  O O   . GLN A 1 77  ? -2.092  -10.363 -8.842  1.00 40.01 ? 170 GLN A O   1 
ATOM   593  C CB  . GLN A 1 77  ? -4.575  -11.839 -7.735  1.00 46.40 ? 170 GLN A CB  1 
ATOM   594  C CG  . GLN A 1 77  ? -5.590  -10.740 -7.400  1.00 53.18 ? 170 GLN A CG  1 
ATOM   595  C CD  . GLN A 1 77  ? -6.629  -11.139 -6.362  1.00 58.29 ? 170 GLN A CD  1 
ATOM   596  O OE1 . GLN A 1 77  ? -7.082  -12.281 -6.318  1.00 69.20 ? 170 GLN A OE1 1 
ATOM   597  N NE2 . GLN A 1 77  ? -7.040  -10.177 -5.546  1.00 66.58 ? 170 GLN A NE2 1 
ATOM   598  N N   . LEU A 1 78  ? -3.879  -9.446  -9.868  1.00 37.69 ? 171 LEU A N   1 
ATOM   599  C CA  . LEU A 1 78  ? -3.229  -8.203  -10.211 1.00 37.75 ? 171 LEU A CA  1 
ATOM   600  C C   . LEU A 1 78  ? -3.557  -7.175  -9.144  1.00 34.39 ? 171 LEU A C   1 
ATOM   601  O O   . LEU A 1 78  ? -4.693  -7.111  -8.745  1.00 35.51 ? 171 LEU A O   1 
ATOM   602  C CB  . LEU A 1 78  ? -3.776  -7.731  -11.539 1.00 43.92 ? 171 LEU A CB  1 
ATOM   603  C CG  . LEU A 1 78  ? -2.961  -6.662  -12.234 1.00 49.22 ? 171 LEU A CG  1 
ATOM   604  C CD1 . LEU A 1 78  ? -1.852  -7.327  -13.043 1.00 56.74 ? 171 LEU A CD1 1 
ATOM   605  C CD2 . LEU A 1 78  ? -3.879  -5.823  -13.116 1.00 53.34 ? 171 LEU A CD2 1 
ATOM   606  N N   . ALA A 1 79  ? -2.551  -6.460  -8.612  1.00 28.55 ? 172 ALA A N   1 
ATOM   607  C CA  . ALA A 1 79  ? -2.808  -5.381  -7.654  1.00 27.69 ? 172 ALA A CA  1 
ATOM   608  C C   . ALA A 1 79  ? -2.103  -4.172  -8.196  1.00 28.27 ? 172 ALA A C   1 
ATOM   609  O O   . ALA A 1 79  ? -0.906  -4.216  -8.460  1.00 28.00 ? 172 ALA A O   1 
ATOM   610  C CB  . ALA A 1 79  ? -2.278  -5.712  -6.258  1.00 29.85 ? 172 ALA A CB  1 
ATOM   611  N N   . ARG A 1 80  ? -2.837  -3.062  -8.339  1.00 24.82 ? 173 ARG A N   1 
ATOM   612  C CA  . ARG A 1 80  ? -2.277  -1.845  -8.878  1.00 24.70 ? 173 ARG A CA  1 
ATOM   613  C C   . ARG A 1 80  ? -2.465  -0.741  -7.853  1.00 24.19 ? 173 ARG A C   1 
ATOM   614  O O   . ARG A 1 80  ? -3.623  -0.484  -7.387  1.00 25.00 ? 173 ARG A O   1 
ATOM   615  C CB  . ARG A 1 80  ? -2.978  -1.421  -10.184 1.00 27.47 ? 173 ARG A CB  1 
ATOM   616  C CG  . ARG A 1 80  ? -2.505  -0.063  -10.676 1.00 27.40 ? 173 ARG A CG  1 
ATOM   617  C CD  . ARG A 1 80  ? -3.342  0.460   -11.822 1.00 29.80 ? 173 ARG A CD  1 
ATOM   618  N NE  . ARG A 1 80  ? -3.193  -0.444  -12.961 1.00 32.96 ? 173 ARG A NE  1 
ATOM   619  C CZ  . ARG A 1 80  ? -3.820  -0.265  -14.122 1.00 37.98 ? 173 ARG A CZ  1 
ATOM   620  N NH1 . ARG A 1 80  ? -4.620  0.784   -14.296 1.00 40.06 ? 173 ARG A NH1 1 
ATOM   621  N NH2 . ARG A 1 80  ? -3.630  -1.135  -15.098 1.00 41.02 ? 173 ARG A NH2 1 
ATOM   622  N N   . LEU A 1 81  ? -1.340  -0.112  -7.459  1.00 21.71 ? 174 LEU A N   1 
ATOM   623  C CA  . LEU A 1 81  ? -1.377  0.988   -6.481  1.00 20.32 ? 174 LEU A CA  1 
ATOM   624  C C   . LEU A 1 81  ? -0.957  2.256   -7.175  1.00 19.56 ? 174 LEU A C   1 
ATOM   625  O O   . LEU A 1 81  ? 0.161   2.377   -7.627  1.00 21.32 ? 174 LEU A O   1 
ATOM   626  C CB  . LEU A 1 81  ? -0.428  0.715   -5.274  1.00 20.29 ? 174 LEU A CB  1 
ATOM   627  C CG  . LEU A 1 81  ? -0.729  -0.584  -4.540  1.00 21.55 ? 174 LEU A CG  1 
ATOM   628  C CD1 . LEU A 1 81  ? 0.270   -0.780  -3.424  1.00 21.28 ? 174 LEU A CD1 1 
ATOM   629  C CD2 . LEU A 1 81  ? -2.147  -0.677  -3.969  1.00 23.21 ? 174 LEU A CD2 1 
ATOM   630  N N   . TYR A 1 82  ? -1.852  3.208   -7.220  1.00 21.81 ? 175 TYR A N   1 
ATOM   631  C CA  . TYR A 1 82  ? -1.537  4.537   -7.711  1.00 20.93 ? 175 TYR A CA  1 
ATOM   632  C C   . TYR A 1 82  ? -0.649  5.301   -6.750  1.00 22.36 ? 175 TYR A C   1 
ATOM   633  O O   . TYR A 1 82  ? -0.856  5.217   -5.539  1.00 21.44 ? 175 TYR A O   1 
ATOM   634  C CB  . TYR A 1 82  ? -2.839  5.294   -8.004  1.00 22.20 ? 175 TYR A CB  1 
ATOM   635  C CG  . TYR A 1 82  ? -3.592  4.725   -9.167  1.00 22.62 ? 175 TYR A CG  1 
ATOM   636  C CD1 . TYR A 1 82  ? -3.248  5.139   -10.457 1.00 25.97 ? 175 TYR A CD1 1 
ATOM   637  C CD2 . TYR A 1 82  ? -4.576  3.751   -9.021  1.00 25.74 ? 175 TYR A CD2 1 
ATOM   638  C CE1 . TYR A 1 82  ? -3.917  4.614   -11.545 1.00 27.89 ? 175 TYR A CE1 1 
ATOM   639  C CE2 . TYR A 1 82  ? -5.209  3.224   -10.108 1.00 28.29 ? 175 TYR A CE2 1 
ATOM   640  C CZ  . TYR A 1 82  ? -4.850  3.643   -11.357 1.00 28.18 ? 175 TYR A CZ  1 
ATOM   641  O OH  . TYR A 1 82  ? -5.515  3.139   -12.455 1.00 33.76 ? 175 TYR A OH  1 
ATOM   642  N N   . ILE A 1 83  ? 0.379   5.978   -7.258  1.00 22.11 ? 176 ILE A N   1 
ATOM   643  C CA  . ILE A 1 83  ? 1.295   6.705   -6.437  1.00 20.22 ? 176 ILE A CA  1 
ATOM   644  C C   . ILE A 1 83  ? 0.804   8.122   -6.218  1.00 20.44 ? 176 ILE A C   1 
ATOM   645  O O   . ILE A 1 83  ? 0.565   8.827   -7.220  1.00 23.00 ? 176 ILE A O   1 
ATOM   646  C CB  . ILE A 1 83  ? 2.709   6.628   -7.043  1.00 23.29 ? 176 ILE A CB  1 
ATOM   647  C CG1 . ILE A 1 83  ? 3.145   5.123   -7.088  1.00 26.69 ? 176 ILE A CG1 1 
ATOM   648  C CG2 . ILE A 1 83  ? 3.679   7.432   -6.238  1.00 23.08 ? 176 ILE A CG2 1 
ATOM   649  C CD1 . ILE A 1 83  ? 4.367   4.882   -7.942  1.00 30.07 ? 176 ILE A CD1 1 
ATOM   650  N N   . ILE A 1 84  ? 0.626   8.528   -4.975  1.00 20.77 ? 177 ILE A N   1 
ATOM   651  C CA  . ILE A 1 84  ? 0.044   9.829   -4.602  1.00 20.59 ? 177 ILE A CA  1 
ATOM   652  C C   . ILE A 1 84  ? 0.985   10.587  -3.672  1.00 21.17 ? 177 ILE A C   1 
ATOM   653  O O   . ILE A 1 84  ? 0.900   10.465  -2.447  1.00 20.01 ? 177 ILE A O   1 
ATOM   654  C CB  . ILE A 1 84  ? -1.332  9.621   -3.932  1.00 20.90 ? 177 ILE A CB  1 
ATOM   655  C CG1 . ILE A 1 84  ? -2.270  8.681   -4.734  1.00 21.69 ? 177 ILE A CG1 1 
ATOM   656  C CG2 . ILE A 1 84  ? -1.975  10.972  -3.614  1.00 22.75 ? 177 ILE A CG2 1 
ATOM   657  C CD1 . ILE A 1 84  ? -2.815  9.265   -6.003  1.00 23.20 ? 177 ILE A CD1 1 
ATOM   658  N N   . PRO A 1 85  ? 1.962   11.320  -4.214  1.00 20.36 ? 178 PRO A N   1 
ATOM   659  C CA  . PRO A 1 85  ? 2.937   12.000  -3.349  1.00 21.40 ? 178 PRO A CA  1 
ATOM   660  C C   . PRO A 1 85  ? 2.390   13.287  -2.785  1.00 22.91 ? 178 PRO A C   1 
ATOM   661  O O   . PRO A 1 85  ? 1.365   13.818  -3.254  1.00 22.03 ? 178 PRO A O   1 
ATOM   662  C CB  . PRO A 1 85  ? 4.120   12.339  -4.312  1.00 23.64 ? 178 PRO A CB  1 
ATOM   663  C CG  . PRO A 1 85  ? 3.815   11.626  -5.548  1.00 26.32 ? 178 PRO A CG  1 
ATOM   664  C CD  . PRO A 1 85  ? 2.349   11.405  -5.630  1.00 22.91 ? 178 PRO A CD  1 
ATOM   665  N N   . GLY A 1 86  ? 3.047   13.809  -1.774  1.00 21.40 ? 179 GLY A N   1 
ATOM   666  C CA  . GLY A 1 86  ? 2.817   15.168  -1.324  1.00 23.55 ? 179 GLY A CA  1 
ATOM   667  C C   . GLY A 1 86  ? 1.639   15.389  -0.452  1.00 23.54 ? 179 GLY A C   1 
ATOM   668  O O   . GLY A 1 86  ? 1.085   16.488  -0.401  1.00 26.32 ? 179 GLY A O   1 
ATOM   669  N N   . ILE A 1 87  ? 1.197   14.344  0.233   1.00 22.50 ? 180 ILE A N   1 
ATOM   670  C CA  . ILE A 1 87  ? 0.061   14.461  1.155   1.00 23.65 ? 180 ILE A CA  1 
ATOM   671  C C   . ILE A 1 87  ? 0.628   14.827  2.531   1.00 26.07 ? 180 ILE A C   1 
ATOM   672  O O   . ILE A 1 87  ? 1.460   14.134  3.063   1.00 25.92 ? 180 ILE A O   1 
ATOM   673  C CB  . ILE A 1 87  ? -0.765  13.165  1.182   1.00 23.36 ? 180 ILE A CB  1 
ATOM   674  C CG1 . ILE A 1 87  ? -1.236  12.824  -0.205  1.00 23.36 ? 180 ILE A CG1 1 
ATOM   675  C CG2 . ILE A 1 87  ? -1.941  13.311  2.120   1.00 24.52 ? 180 ILE A CG2 1 
ATOM   676  C CD1 . ILE A 1 87  ? -1.855  13.945  -1.023  1.00 24.56 ? 180 ILE A CD1 1 
ATOM   677  N N   . PRO A 1 88  ? 0.188   15.969  3.114   1.00 28.42 ? 181 PRO A N   1 
ATOM   678  C CA  . PRO A 1 88  ? 0.798   16.398  4.373   1.00 29.46 ? 181 PRO A CA  1 
ATOM   679  C C   . PRO A 1 88  ? 0.712   15.363  5.491   1.00 29.42 ? 181 PRO A C   1 
ATOM   680  O O   . PRO A 1 88  ? -0.344  14.709  5.682   1.00 27.12 ? 181 PRO A O   1 
ATOM   681  C CB  . PRO A 1 88  ? 0.014   17.674  4.746   1.00 33.54 ? 181 PRO A CB  1 
ATOM   682  C CG  . PRO A 1 88  ? -0.600  18.143  3.488   1.00 32.24 ? 181 PRO A CG  1 
ATOM   683  C CD  . PRO A 1 88  ? -0.802  16.942  2.595   1.00 31.49 ? 181 PRO A CD  1 
ATOM   684  N N   . LYS A 1 89  ? 1.809   15.214  6.229   1.00 31.63 ? 182 LYS A N   1 
ATOM   685  C CA  . LYS A 1 89  ? 1.850   14.310  7.345   1.00 33.77 ? 182 LYS A CA  1 
ATOM   686  C C   . LYS A 1 89  ? 0.838   14.605  8.439   1.00 33.50 ? 182 LYS A C   1 
ATOM   687  O O   . LYS A 1 89  ? 0.462   13.685  9.152   1.00 38.09 ? 182 LYS A O   1 
ATOM   688  C CB  . LYS A 1 89  ? 3.271   14.181  7.951   1.00 40.18 ? 182 LYS A CB  1 
ATOM   689  C CG  . LYS A 1 89  ? 4.045   12.989  7.385   1.00 47.09 ? 182 LYS A CG  1 
ATOM   690  C CD  . LYS A 1 89  ? 5.221   12.537  8.247   1.00 49.90 ? 182 LYS A CD  1 
ATOM   691  C CE  . LYS A 1 89  ? 6.258   13.628  8.458   1.00 50.58 ? 182 LYS A CE  1 
ATOM   692  N NZ  . LYS A 1 89  ? 6.784   14.241  7.191   1.00 49.42 ? 182 LYS A NZ  1 
ATOM   693  N N   . ASP A 1 90  ? 0.352   15.850  8.555   1.00 31.84 ? 183 ASP A N   1 
ATOM   694  C CA  . ASP A 1 90  ? -0.674  16.143  9.552   1.00 35.32 ? 183 ASP A CA  1 
ATOM   695  C C   . ASP A 1 90  ? -2.121  15.891  9.117   1.00 34.51 ? 183 ASP A C   1 
ATOM   696  O O   . ASP A 1 90  ? -3.070  16.150  9.872   1.00 35.86 ? 183 ASP A O   1 
ATOM   697  C CB  . ASP A 1 90  ? -0.477  17.560  10.121  1.00 37.69 ? 183 ASP A CB  1 
ATOM   698  C CG  . ASP A 1 90  ? -0.647  18.649  9.087   1.00 44.89 ? 183 ASP A CG  1 
ATOM   699  O OD1 . ASP A 1 90  ? -0.927  18.364  7.898   1.00 43.91 ? 183 ASP A OD1 1 
ATOM   700  O OD2 . ASP A 1 90  ? -0.503  19.820  9.482   1.00 51.57 ? 183 ASP A OD2 1 
ATOM   701  N N   . THR A 1 91  ? -2.318  15.351  7.912   1.00 32.41 ? 184 THR A N   1 
ATOM   702  C CA  . THR A 1 91  ? -3.636  14.899  7.479   1.00 30.17 ? 184 THR A CA  1 
ATOM   703  C C   . THR A 1 91  ? -4.308  13.950  8.465   1.00 34.24 ? 184 THR A C   1 
ATOM   704  O O   . THR A 1 91  ? -3.684  13.020  8.957   1.00 33.53 ? 184 THR A O   1 
ATOM   705  C CB  . THR A 1 91  ? -3.519  14.227  6.093   1.00 29.26 ? 184 THR A CB  1 
ATOM   706  O OG1 . THR A 1 91  ? -2.861  15.132  5.179   1.00 30.72 ? 184 THR A OG1 1 
ATOM   707  C CG2 . THR A 1 91  ? -4.877  13.822  5.550   1.00 29.73 ? 184 THR A CG2 1 
ATOM   708  N N   . LYS A 1 92  ? -5.576  14.198  8.761   1.00 35.24 ? 185 LYS A N   1 
ATOM   709  C CA  . LYS A 1 92  ? -6.372  13.359  9.637   1.00 35.94 ? 185 LYS A CA  1 
ATOM   710  C C   . LYS A 1 92  ? -6.989  12.237  8.842   1.00 35.95 ? 185 LYS A C   1 
ATOM   711  O O   . LYS A 1 92  ? -7.819  12.481  7.978   1.00 39.00 ? 185 LYS A O   1 
ATOM   712  C CB  . LYS A 1 92  ? -7.485  14.198  10.312  1.00 41.47 ? 185 LYS A CB  1 
ATOM   713  C CG  . LYS A 1 92  ? -6.934  15.364  11.112  1.00 43.76 ? 185 LYS A CG  1 
ATOM   714  C CD  . LYS A 1 92  ? -5.930  14.902  12.155  1.00 49.00 ? 185 LYS A CD  1 
ATOM   715  N N   . PHE A 1 93  ? -6.521  11.015  9.115   1.00 34.83 ? 186 PHE A N   1 
ATOM   716  C CA  . PHE A 1 93  ? -7.019  9.797   8.484   1.00 31.14 ? 186 PHE A CA  1 
ATOM   717  C C   . PHE A 1 93  ? -7.888  9.038   9.470   1.00 32.16 ? 186 PHE A C   1 
ATOM   718  O O   . PHE A 1 93  ? -7.505  8.825   10.612  1.00 39.69 ? 186 PHE A O   1 
ATOM   719  C CB  . PHE A 1 93  ? -5.869  8.874   8.081   1.00 28.51 ? 186 PHE A CB  1 
ATOM   720  C CG  . PHE A 1 93  ? -4.922  9.489   7.101   1.00 26.64 ? 186 PHE A CG  1 
ATOM   721  C CD1 . PHE A 1 93  ? -5.279  9.621   5.763   1.00 25.61 ? 186 PHE A CD1 1 
ATOM   722  C CD2 . PHE A 1 93  ? -3.674  9.929   7.494   1.00 25.69 ? 186 PHE A CD2 1 
ATOM   723  C CE1 . PHE A 1 93  ? -4.413  10.189  4.848   1.00 26.31 ? 186 PHE A CE1 1 
ATOM   724  C CE2 . PHE A 1 93  ? -2.811  10.511  6.582   1.00 27.94 ? 186 PHE A CE2 1 
ATOM   725  C CZ  . PHE A 1 93  ? -3.166  10.641  5.257   1.00 26.93 ? 186 PHE A CZ  1 
ATOM   726  N N   . ASN A 1 94  ? -9.053  8.635   9.017   1.00 32.63 ? 187 ASN A N   1 
ATOM   727  C CA  . ASN A 1 94  ? -9.988  7.859   9.837   1.00 37.67 ? 187 ASN A CA  1 
ATOM   728  C C   . ASN A 1 94  ? -10.710 6.901   8.917   1.00 33.73 ? 187 ASN A C   1 
ATOM   729  O O   . ASN A 1 94  ? -11.289 7.344   7.932   1.00 36.40 ? 187 ASN A O   1 
ATOM   730  C CB  . ASN A 1 94  ? -10.989 8.824   10.465  1.00 43.05 ? 187 ASN A CB  1 
ATOM   731  C CG  . ASN A 1 94  ? -10.395 9.620   11.607  1.00 49.65 ? 187 ASN A CG  1 
ATOM   732  O OD1 . ASN A 1 94  ? -10.271 10.850  11.542  1.00 54.05 ? 187 ASN A OD1 1 
ATOM   733  N ND2 . ASN A 1 94  ? -10.027 8.917   12.677  1.00 52.41 ? 187 ASN A ND2 1 
ATOM   734  N N   . PRO A 1 95  ? -10.704 5.579   9.212   1.00 33.17 ? 188 PRO A N   1 
ATOM   735  C CA  . PRO A 1 95  ? -11.437 4.722   8.309   1.00 34.07 ? 188 PRO A CA  1 
ATOM   736  C C   . PRO A 1 95  ? -12.935 4.854   8.484   1.00 38.78 ? 188 PRO A C   1 
ATOM   737  O O   . PRO A 1 95  ? -13.419 5.374   9.516   1.00 38.43 ? 188 PRO A O   1 
ATOM   738  C CB  . PRO A 1 95  ? -10.992 3.319   8.728   1.00 35.13 ? 188 PRO A CB  1 
ATOM   739  C CG  . PRO A 1 95  ? -10.796 3.463   10.182  1.00 35.83 ? 188 PRO A CG  1 
ATOM   740  C CD  . PRO A 1 95  ? -10.167 4.819   10.359  1.00 35.96 ? 188 PRO A CD  1 
ATOM   741  N N   . LYS A 1 96  ? -13.667 4.365   7.486   0.50 37.36 ? 189 LYS A N   1 
ATOM   742  C CA  . LYS A 1 96  ? -15.126 4.295   7.521   0.50 37.69 ? 189 LYS A CA  1 
ATOM   743  C C   . LYS A 1 96  ? -15.564 3.367   8.648   0.50 39.14 ? 189 LYS A C   1 
ATOM   744  O O   . LYS A 1 96  ? -16.522 3.634   9.365   0.50 40.69 ? 189 LYS A O   1 
ATOM   745  C CB  . LYS A 1 96  ? -15.639 3.738   6.193   0.50 37.51 ? 189 LYS A CB  1 
ATOM   746  N N   A THR A 1 97  ? -14.640 2.469   8.946   0.25 40.01 ? 190 THR A N   1 
ATOM   747  N N   B THR A 1 97  ? -15.045 2.128   8.642   0.25 39.42 ? 190 THR A N   1 
ATOM   748  C CA  A THR A 1 97  ? -14.865 1.082   9.165   0.25 40.16 ? 190 THR A CA  1 
ATOM   749  C CA  B THR A 1 97  ? -15.336 1.211   9.732   0.25 39.57 ? 190 THR A CA  1 
ATOM   750  C C   A THR A 1 97  ? -13.856 0.551   10.203  0.25 39.12 ? 190 THR A C   1 
ATOM   751  C C   B THR A 1 97  ? -14.070 0.668   10.325  0.25 39.11 ? 190 THR A C   1 
ATOM   752  O O   A THR A 1 97  ? -12.936 -0.165  9.779   0.25 39.50 ? 190 THR A O   1 
ATOM   753  O O   B THR A 1 97  ? -13.221 0.068   9.652   0.25 40.11 ? 190 THR A O   1 
ATOM   754  C CB  A THR A 1 97  ? -14.607 0.358   7.805   0.25 39.40 ? 190 THR A CB  1 
ATOM   755  C CB  B THR A 1 97  ? -16.173 -0.015  9.327   0.25 40.67 ? 190 THR A CB  1 
ATOM   756  O OG1 A THR A 1 97  ? -13.441 0.904   7.131   0.25 35.10 ? 190 THR A OG1 1 
ATOM   757  O OG1 B THR A 1 97  ? -16.766 0.193   8.040   0.25 43.95 ? 190 THR A OG1 1 
ATOM   758  C CG2 A THR A 1 97  ? -15.807 0.507   6.870   0.25 40.90 ? 190 THR A CG2 1 
ATOM   759  C CG2 B THR A 1 97  ? -17.239 -0.278  10.385  0.25 41.67 ? 190 THR A CG2 1 
ATOM   760  N N   . ARG A 1 98  ? -13.983 0.881   11.535  0.50 38.38 ? 191 ARG A N   1 
ATOM   761  C CA  . ARG A 1 98  ? -13.040 0.316   12.542  0.50 36.87 ? 191 ARG A CA  1 
ATOM   762  C C   . ARG A 1 98  ? -13.218 -1.196  12.681  0.50 33.56 ? 191 ARG A C   1 
ATOM   763  O O   . ARG A 1 98  ? -12.354 -1.856  13.240  0.50 33.58 ? 191 ARG A O   1 
ATOM   764  C CB  . ARG A 1 98  ? -13.143 0.936   13.953  0.50 36.20 ? 191 ARG A CB  1 
ATOM   765  C CG  . ARG A 1 98  ? -12.571 2.343   14.150  0.50 36.00 ? 191 ARG A CG  1 
ATOM   766  C CD  . ARG A 1 98  ? -11.113 2.501   13.728  0.50 36.81 ? 191 ARG A CD  1 
ATOM   767  N NE  . ARG A 1 98  ? -10.167 1.648   14.448  0.50 36.39 ? 191 ARG A NE  1 
ATOM   768  C CZ  . ARG A 1 98  ? -9.848  1.779   15.735  0.50 37.64 ? 191 ARG A CZ  1 
ATOM   769  N NH1 . ARG A 1 98  ? -10.422 2.714   16.486  0.50 38.54 ? 191 ARG A NH1 1 
ATOM   770  N NH2 . ARG A 1 98  ? -8.960  0.952   16.280  0.50 37.58 ? 191 ARG A NH2 1 
ATOM   771  N N   . ARG A 1 99  ? -14.339 -1.741  12.201  1.00 33.90 ? 192 ARG A N   1 
ATOM   772  C CA  . ARG A 1 99  ? -14.508 -3.192  12.074  1.00 30.33 ? 192 ARG A CA  1 
ATOM   773  C C   . ARG A 1 99  ? -13.583 -3.804  11.030  1.00 25.95 ? 192 ARG A C   1 
ATOM   774  O O   . ARG A 1 99  ? -13.346 -5.013  11.016  1.00 25.46 ? 192 ARG A O   1 
ATOM   775  C CB  . ARG A 1 99  ? -15.976 -3.576  11.740  1.00 36.09 ? 192 ARG A CB  1 
ATOM   776  C CG  . ARG A 1 99  ? -16.987 -3.104  12.762  1.00 42.28 ? 192 ARG A CG  1 
ATOM   777  C CD  . ARG A 1 99  ? -18.423 -3.357  12.294  1.00 51.39 ? 192 ARG A CD  1 
ATOM   778  N NE  . ARG A 1 99  ? -19.023 -4.404  13.102  1.00 61.27 ? 192 ARG A NE  1 
ATOM   779  C CZ  . ARG A 1 99  ? -19.699 -4.219  14.237  1.00 61.30 ? 192 ARG A CZ  1 
ATOM   780  N NH1 . ARG A 1 99  ? -19.929 -3.009  14.732  1.00 65.66 ? 192 ARG A NH1 1 
ATOM   781  N NH2 . ARG A 1 99  ? -20.168 -5.266  14.880  1.00 57.68 ? 192 ARG A NH2 1 
ATOM   782  N N   . GLU A 1 100 ? -13.040 -2.969  10.116  1.00 27.27 ? 193 GLU A N   1 
ATOM   783  C CA  . GLU A 1 100 ? -12.095 -3.426  9.131   1.00 26.89 ? 193 GLU A CA  1 
ATOM   784  C C   . GLU A 1 100 ? -10.634 -2.981  9.338   1.00 24.85 ? 193 GLU A C   1 
ATOM   785  O O   . GLU A 1 100 ? -9.738  -3.719  9.017   1.00 25.25 ? 193 GLU A O   1 
ATOM   786  C CB  . GLU A 1 100 ? -12.597 -2.931  7.763   1.00 33.04 ? 193 GLU A CB  1 
ATOM   787  C CG  . GLU A 1 100 ? -14.007 -3.438  7.481   1.00 38.04 ? 193 GLU A CG  1 
ATOM   788  C CD  . GLU A 1 100 ? -14.410 -3.355  6.015   1.00 45.31 ? 193 GLU A CD  1 
ATOM   789  O OE1 . GLU A 1 100 ? -13.670 -3.919  5.181   1.00 48.96 ? 193 GLU A OE1 1 
ATOM   790  O OE2 . GLU A 1 100 ? -15.468 -2.750  5.718   1.00 50.49 ? 193 GLU A OE2 1 
ATOM   791  N N   . ILE A 1 101 ? -10.468 -1.787  9.868   1.00 21.39 ? 194 ILE A N   1 
ATOM   792  C CA  . ILE A 1 101 ? -9.126  -1.137  9.975   1.00 23.76 ? 194 ILE A CA  1 
ATOM   793  C C   . ILE A 1 101 ? -8.815  -0.838  11.421  1.00 22.37 ? 194 ILE A C   1 
ATOM   794  O O   . ILE A 1 101 ? -9.510  -0.025  12.087  1.00 23.07 ? 194 ILE A O   1 
ATOM   795  C CB  . ILE A 1 101 ? -9.002  0.159   9.127   1.00 23.82 ? 194 ILE A CB  1 
ATOM   796  C CG1 . ILE A 1 101 ? -9.198  -0.145  7.611   1.00 24.83 ? 194 ILE A CG1 1 
ATOM   797  C CG2 . ILE A 1 101 ? -7.649  0.863   9.330   1.00 23.71 ? 194 ILE A CG2 1 
ATOM   798  C CD1 . ILE A 1 101 ? -8.240  -1.089  6.924   1.00 23.43 ? 194 ILE A CD1 1 
ATOM   799  N N   . ARG A 1 102 ? -7.754  -1.475  11.906  1.00 21.92 ? 195 ARG A N   1 
ATOM   800  C CA  . ARG A 1 102 ? -7.272  -1.230  13.258  1.00 21.36 ? 195 ARG A CA  1 
ATOM   801  C C   . ARG A 1 102 ? -6.576  0.084   13.430  1.00 22.39 ? 195 ARG A C   1 
ATOM   802  O O   . ARG A 1 102 ? -6.786  0.841   14.381  1.00 25.07 ? 195 ARG A O   1 
ATOM   803  C CB  . ARG A 1 102 ? -6.337  -2.355  13.728  1.00 21.20 ? 195 ARG A CB  1 
ATOM   804  C CG  . ARG A 1 102 ? -6.026  -2.320  15.229  1.00 21.51 ? 195 ARG A CG  1 
ATOM   805  C CD  . ARG A 1 102 ? -4.919  -3.234  15.710  1.00 21.74 ? 195 ARG A CD  1 
ATOM   806  N NE  . ARG A 1 102 ? -5.158  -4.627  15.578  1.00 22.92 ? 195 ARG A NE  1 
ATOM   807  C CZ  . ARG A 1 102 ? -5.925  -5.369  16.403  1.00 23.66 ? 195 ARG A CZ  1 
ATOM   808  N NH1 . ARG A 1 102 ? -6.481  -4.813  17.491  1.00 22.21 ? 195 ARG A NH1 1 
ATOM   809  N NH2 . ARG A 1 102 ? -6.080  -6.651  16.172  1.00 24.96 ? 195 ARG A NH2 1 
ATOM   810  N N   . ASN A 1 103 ? -5.678  0.393   12.484  1.00 22.14 ? 196 ASN A N   1 
ATOM   811  C CA  . ASN A 1 103 ? -4.807  1.524   12.666  1.00 22.46 ? 196 ASN A CA  1 
ATOM   812  C C   . ASN A 1 103 ? -4.261  1.961   11.313  1.00 22.20 ? 196 ASN A C   1 
ATOM   813  O O   . ASN A 1 103 ? -4.341  1.214   10.349  1.00 21.51 ? 196 ASN A O   1 
ATOM   814  C CB  . ASN A 1 103 ? -3.653  1.141   13.584  1.00 24.37 ? 196 ASN A CB  1 
ATOM   815  C CG  . ASN A 1 103 ? -3.018  2.324   14.268  1.00 27.20 ? 196 ASN A CG  1 
ATOM   816  O OD1 . ASN A 1 103 ? -3.356  3.501   14.029  1.00 29.77 ? 196 ASN A OD1 1 
ATOM   817  N ND2 . ASN A 1 103 ? -2.004  2.019   15.109  1.00 33.87 ? 196 ASN A ND2 1 
ATOM   818  N N   . ILE A 1 104 ? -3.817  3.203   11.270  1.00 22.10 ? 197 ILE A N   1 
ATOM   819  C CA  . ILE A 1 104 ? -3.309  3.873   10.073  1.00 21.18 ? 197 ILE A CA  1 
ATOM   820  C C   . ILE A 1 104 ? -2.100  4.642   10.523  1.00 22.29 ? 197 ILE A C   1 
ATOM   821  O O   . ILE A 1 104 ? -2.206  5.470   11.430  1.00 24.55 ? 197 ILE A O   1 
ATOM   822  C CB  . ILE A 1 104 ? -4.331  4.865   9.447   1.00 21.33 ? 197 ILE A CB  1 
ATOM   823  C CG1 . ILE A 1 104 ? -5.609  4.170   9.073   1.00 23.55 ? 197 ILE A CG1 1 
ATOM   824  C CG2 . ILE A 1 104 ? -3.776  5.565   8.193   1.00 21.23 ? 197 ILE A CG2 1 
ATOM   825  C CD1 . ILE A 1 104 ? -6.754  5.075   8.744   1.00 26.09 ? 197 ILE A CD1 1 
ATOM   826  N N   . GLU A 1 105 ? -0.947  4.437   9.877   1.00 21.32 ? 198 GLU A N   1 
ATOM   827  C CA  . GLU A 1 105 ? 0.296   5.115   10.287  1.00 22.89 ? 198 GLU A CA  1 
ATOM   828  C C   . GLU A 1 105 ? 1.174   5.408   9.102   1.00 21.51 ? 198 GLU A C   1 
ATOM   829  O O   . GLU A 1 105 ? 1.190   4.663   8.108   1.00 21.16 ? 198 GLU A O   1 
ATOM   830  C CB  . GLU A 1 105 ? 1.092   4.306   11.288  1.00 24.29 ? 198 GLU A CB  1 
ATOM   831  C CG  . GLU A 1 105 ? 0.439   4.097   12.674  1.00 26.91 ? 198 GLU A CG  1 
ATOM   832  C CD  . GLU A 1 105 ? 1.231   3.093   13.539  1.00 28.56 ? 198 GLU A CD  1 
ATOM   833  O OE1 . GLU A 1 105 ? 2.419   2.806   13.310  1.00 31.05 ? 198 GLU A OE1 1 
ATOM   834  O OE2 . GLU A 1 105 ? 0.643   2.587   14.530  1.00 37.34 ? 198 GLU A OE2 1 
ATOM   835  N N   . TRP A 1 106 ? 1.999   6.437   9.280   1.00 21.48 ? 199 TRP A N   1 
ATOM   836  C CA  . TRP A 1 106 ? 3.109   6.725   8.380   1.00 21.96 ? 199 TRP A CA  1 
ATOM   837  C C   . TRP A 1 106 ? 4.298   5.864   8.774   1.00 20.61 ? 199 TRP A C   1 
ATOM   838  O O   . TRP A 1 106 ? 4.629   5.708   9.964   1.00 23.27 ? 199 TRP A O   1 
ATOM   839  C CB  . TRP A 1 106 ? 3.525   8.173   8.479   1.00 21.71 ? 199 TRP A CB  1 
ATOM   840  C CG  . TRP A 1 106 ? 2.519   9.137   7.975   1.00 21.36 ? 199 TRP A CG  1 
ATOM   841  C CD1 . TRP A 1 106 ? 1.703   9.941   8.720   1.00 25.07 ? 199 TRP A CD1 1 
ATOM   842  C CD2 . TRP A 1 106 ? 2.265   9.481   6.604   1.00 21.74 ? 199 TRP A CD2 1 
ATOM   843  N NE1 . TRP A 1 106 ? 0.934   10.731  7.897   1.00 24.93 ? 199 TRP A NE1 1 
ATOM   844  C CE2 . TRP A 1 106 ? 1.239   10.446  6.594   1.00 22.23 ? 199 TRP A CE2 1 
ATOM   845  C CE3 . TRP A 1 106 ? 2.742   9.005   5.396   1.00 21.50 ? 199 TRP A CE3 1 
ATOM   846  C CZ2 . TRP A 1 106 ? 0.772   11.010  5.420   1.00 21.79 ? 199 TRP A CZ2 1 
ATOM   847  C CZ3 . TRP A 1 106 ? 2.271   9.549   4.233   1.00 22.78 ? 199 TRP A CZ3 1 
ATOM   848  C CH2 . TRP A 1 106 ? 1.284   10.553  4.257   1.00 21.46 ? 199 TRP A CH2 1 
ATOM   849  N N   . PHE A 1 107 ? 4.996   5.330   7.778   1.00 20.35 ? 200 PHE A N   1 
ATOM   850  C CA  . PHE A 1 107 ? 6.246   4.583   7.975   1.00 20.15 ? 200 PHE A CA  1 
ATOM   851  C C   . PHE A 1 107 ? 7.296   5.104   7.092   1.00 23.10 ? 200 PHE A C   1 
ATOM   852  O O   . PHE A 1 107 ? 7.062   5.457   5.931   1.00 23.08 ? 200 PHE A O   1 
ATOM   853  C CB  . PHE A 1 107 ? 6.046   3.084   7.653   1.00 20.79 ? 200 PHE A CB  1 
ATOM   854  C CG  . PHE A 1 107 ? 5.166   2.367   8.631   1.00 19.86 ? 200 PHE A CG  1 
ATOM   855  C CD1 . PHE A 1 107 ? 3.776   2.396   8.516   1.00 22.72 ? 200 PHE A CD1 1 
ATOM   856  C CD2 . PHE A 1 107 ? 5.726   1.735   9.717   1.00 21.22 ? 200 PHE A CD2 1 
ATOM   857  C CE1 . PHE A 1 107 ? 2.997   1.761   9.474   1.00 23.35 ? 200 PHE A CE1 1 
ATOM   858  C CE2 . PHE A 1 107 ? 4.934   1.107   10.667  1.00 21.27 ? 200 PHE A CE2 1 
ATOM   859  C CZ  . PHE A 1 107 ? 3.581   1.106   10.518  1.00 21.63 ? 200 PHE A CZ  1 
ATOM   860  N N   . SER A 1 108 ? 8.518   5.154   7.623   1.00 21.43 ? 201 SER A N   1 
ATOM   861  C CA  . SER A 1 108 ? 9.665   5.538   6.845   1.00 22.89 ? 201 SER A CA  1 
ATOM   862  C C   . SER A 1 108 ? 9.967   4.535   5.775   1.00 24.25 ? 201 SER A C   1 
ATOM   863  O O   . SER A 1 108 ? 10.220  3.367   6.093   1.00 23.88 ? 201 SER A O   1 
ATOM   864  C CB  . SER A 1 108 ? 10.915  5.635   7.770   1.00 24.94 ? 201 SER A CB  1 
ATOM   865  O OG  . SER A 1 108 ? 12.089  5.774   7.003   1.00 28.64 ? 201 SER A OG  1 
ATOM   866  N N   . ILE A 1 109 ? 10.049  4.983   4.525   1.00 23.50 ? 202 ILE A N   1 
ATOM   867  C CA  . ILE A 1 109 ? 10.349  4.087   3.423   1.00 24.50 ? 202 ILE A CA  1 
ATOM   868  C C   . ILE A 1 109 ? 11.695  3.427   3.588   1.00 27.86 ? 202 ILE A C   1 
ATOM   869  O O   . ILE A 1 109 ? 11.849  2.231   3.320   1.00 26.35 ? 202 ILE A O   1 
ATOM   870  C CB  . ILE A 1 109 ? 10.305  4.786   2.049   1.00 29.39 ? 202 ILE A CB  1 
ATOM   871  C CG1 . ILE A 1 109 ? 8.917   5.190   1.702   1.00 31.64 ? 202 ILE A CG1 1 
ATOM   872  C CG2 . ILE A 1 109 ? 10.776  3.835   0.957   1.00 30.32 ? 202 ILE A CG2 1 
ATOM   873  C CD1 . ILE A 1 109 ? 8.917   6.164   0.539   1.00 33.28 ? 202 ILE A CD1 1 
ATOM   874  N N   . GLU A 1 110 ? 12.691  4.186   4.042   1.00 26.38 ? 203 GLU A N   1 
ATOM   875  C CA  . GLU A 1 110 ? 14.002  3.619   4.073   1.00 27.82 ? 203 GLU A CA  1 
ATOM   876  C C   . GLU A 1 110 ? 14.106  2.522   5.124   1.00 25.32 ? 203 GLU A C   1 
ATOM   877  O O   . GLU A 1 110 ? 14.985  1.644   4.988   1.00 27.80 ? 203 GLU A O   1 
ATOM   878  C CB  . GLU A 1 110 ? 15.084  4.715   4.185   1.00 30.10 ? 203 GLU A CB  1 
ATOM   879  C CG  . GLU A 1 110 ? 15.229  5.388   5.511   1.00 35.80 ? 203 GLU A CG  1 
ATOM   880  C CD  . GLU A 1 110 ? 16.322  6.487   5.467   1.00 38.93 ? 203 GLU A CD  1 
ATOM   881  O OE1 . GLU A 1 110 ? 16.655  6.974   4.360   1.00 51.90 ? 203 GLU A OE1 1 
ATOM   882  O OE2 . GLU A 1 110 ? 16.880  6.830   6.520   1.00 50.24 ? 203 GLU A OE2 1 
ATOM   883  N N   . LYS A 1 111 ? 13.225  2.529   6.126   1.00 24.34 ? 204 LYS A N   1 
ATOM   884  C CA  . LYS A 1 111 ? 13.274  1.544   7.218   1.00 24.53 ? 204 LYS A CA  1 
ATOM   885  C C   . LYS A 1 111 ? 12.454  0.287   6.933   1.00 24.25 ? 204 LYS A C   1 
ATOM   886  O O   . LYS A 1 111 ? 12.614  -0.732  7.603   1.00 26.72 ? 204 LYS A O   1 
ATOM   887  C CB  . LYS A 1 111 ? 12.799  2.141   8.500   1.00 26.11 ? 204 LYS A CB  1 
ATOM   888  C CG  . LYS A 1 111 ? 13.757  3.196   9.068   1.00 33.53 ? 204 LYS A CG  1 
ATOM   889  C CD  . LYS A 1 111 ? 13.109  3.821   10.273  1.00 35.79 ? 204 LYS A CD  1 
ATOM   890  C CE  . LYS A 1 111 ? 13.891  3.681   11.557  1.00 43.80 ? 204 LYS A CE  1 
ATOM   891  N NZ  . LYS A 1 111 ? 12.972  4.087   12.676  1.00 43.60 ? 204 LYS A NZ  1 
ATOM   892  N N   . LEU A 1 112 ? 11.556  0.384   5.952   1.00 22.74 ? 205 LEU A N   1 
ATOM   893  C CA  . LEU A 1 112 ? 10.674  -0.740  5.639   1.00 21.96 ? 205 LEU A CA  1 
ATOM   894  C C   . LEU A 1 112 ? 11.488  -1.819  4.969   1.00 23.70 ? 205 LEU A C   1 
ATOM   895  O O   . LEU A 1 112 ? 12.426  -1.546  4.201   1.00 25.07 ? 205 LEU A O   1 
ATOM   896  C CB  . LEU A 1 112 ? 9.550   -0.275  4.693   1.00 22.17 ? 205 LEU A CB  1 
ATOM   897  C CG  . LEU A 1 112 ? 8.430   0.512   5.366   1.00 21.53 ? 205 LEU A CG  1 
ATOM   898  C CD1 . LEU A 1 112 ? 7.463   1.078   4.322   1.00 23.55 ? 205 LEU A CD1 1 
ATOM   899  C CD2 . LEU A 1 112 ? 7.625   -0.340  6.356   1.00 23.06 ? 205 LEU A CD2 1 
ATOM   900  N N   . PRO A 1 113 ? 11.139  -3.077  5.263   1.00 24.77 ? 206 PRO A N   1 
ATOM   901  C CA  . PRO A 1 113 ? 11.777  -4.155  4.543   1.00 27.22 ? 206 PRO A CA  1 
ATOM   902  C C   . PRO A 1 113 ? 11.362  -4.255  3.076   1.00 27.11 ? 206 PRO A C   1 
ATOM   903  O O   . PRO A 1 113 ? 10.223  -3.937  2.755   1.00 27.05 ? 206 PRO A O   1 
ATOM   904  C CB  . PRO A 1 113 ? 11.281  -5.386  5.308   1.00 24.60 ? 206 PRO A CB  1 
ATOM   905  C CG  . PRO A 1 113 ? 9.939   -5.000  5.831   1.00 25.31 ? 206 PRO A CG  1 
ATOM   906  C CD  . PRO A 1 113 ? 10.059  -3.527  6.165   1.00 25.84 ? 206 PRO A CD  1 
ATOM   907  N N   . CYS A 1 114 ? 12.262  -4.729  2.226   1.00 28.88 ? 207 CYS A N   1 
ATOM   908  C CA  . CYS A 1 114 ? 11.878  -5.036  0.860   1.00 29.97 ? 207 CYS A CA  1 
ATOM   909  C C   . CYS A 1 114 ? 11.918  -6.534  0.585   1.00 31.10 ? 207 CYS A C   1 
ATOM   910  O O   . CYS A 1 114 ? 11.693  -6.950  -0.539  1.00 31.97 ? 207 CYS A O   1 
ATOM   911  C CB  . CYS A 1 114 ? 12.683  -4.238  -0.133  1.00 31.14 ? 207 CYS A CB  1 
ATOM   912  S SG  . CYS A 1 114 ? 14.459  -4.598  -0.075  1.00 38.31 ? 207 CYS A SG  1 
ATOM   913  N N   . HIS A 1 115 ? 12.135  -7.319  1.633   1.00 31.39 ? 208 HIS A N   1 
ATOM   914  C CA  . HIS A 1 115 ? 12.009  -8.790  1.582   1.00 32.23 ? 208 HIS A CA  1 
ATOM   915  C C   . HIS A 1 115 ? 11.837  -9.278  2.981   1.00 33.12 ? 208 HIS A C   1 
ATOM   916  O O   . HIS A 1 115 ? 12.134  -8.557  3.937   1.00 31.34 ? 208 HIS A O   1 
ATOM   917  C CB  . HIS A 1 115 ? 13.263  -9.422  0.930   1.00 33.58 ? 208 HIS A CB  1 
ATOM   918  C CG  . HIS A 1 115 ? 14.536  -9.084  1.650   1.00 34.00 ? 208 HIS A CG  1 
ATOM   919  N ND1 . HIS A 1 115 ? 14.952  -9.765  2.773   1.00 36.50 ? 208 HIS A ND1 1 
ATOM   920  C CD2 . HIS A 1 115 ? 15.435  -8.089  1.459   1.00 37.24 ? 208 HIS A CD2 1 
ATOM   921  C CE1 . HIS A 1 115 ? 16.070  -9.220  3.230   1.00 38.30 ? 208 HIS A CE1 1 
ATOM   922  N NE2 . HIS A 1 115 ? 16.388  -8.208  2.444   1.00 38.20 ? 208 HIS A NE2 1 
ATOM   923  N N   A ARG A 1 116 ? 11.296  -10.488 3.160   0.19 32.99 ? 209 ARG A N   1 
ATOM   924  N N   B ARG A 1 116 ? 11.450  -10.538 3.074   0.18 33.85 ? 209 ARG A N   1 
ATOM   925  C CA  A ARG A 1 116 ? 11.306  -11.125 4.489   0.19 32.78 ? 209 ARG A CA  1 
ATOM   926  C CA  B ARG A 1 116 ? 11.359  -11.225 4.336   0.18 33.80 ? 209 ARG A CA  1 
ATOM   927  C C   A ARG A 1 116 ? 12.648  -11.832 4.683   0.19 33.71 ? 209 ARG A C   1 
ATOM   928  C C   B ARG A 1 116 ? 12.725  -11.817 4.663   0.18 34.40 ? 209 ARG A C   1 
ATOM   929  O O   A ARG A 1 116 ? 13.381  -12.062 3.726   0.19 34.15 ? 209 ARG A O   1 
ATOM   930  O O   B ARG A 1 116 ? 13.562  -11.964 3.773   0.18 34.85 ? 209 ARG A O   1 
ATOM   931  C CB  A ARG A 1 116 ? 10.157  -12.115 4.666   0.19 32.26 ? 209 ARG A CB  1 
ATOM   932  C CB  B ARG A 1 116 ? 10.341  -12.338 4.217   0.18 33.87 ? 209 ARG A CB  1 
ATOM   933  C CG  A ARG A 1 116 ? 8.773   -11.497 4.590   0.19 31.45 ? 209 ARG A CG  1 
ATOM   934  C CG  B ARG A 1 116 ? 9.390   -12.394 5.368   0.18 32.46 ? 209 ARG A CG  1 
ATOM   935  C CD  A ARG A 1 116 ? 7.736   -12.522 4.187   0.19 34.15 ? 209 ARG A CD  1 
ATOM   936  C CD  B ARG A 1 116 ? 8.033   -11.813 5.035   0.18 29.98 ? 209 ARG A CD  1 
ATOM   937  N NE  A ARG A 1 116 ? 7.372   -13.451 5.249   0.19 37.05 ? 209 ARG A NE  1 
ATOM   938  N NE  B ARG A 1 116 ? 7.071   -12.784 5.505   0.18 30.21 ? 209 ARG A NE  1 
ATOM   939  C CZ  A ARG A 1 116 ? 6.703   -14.594 5.069   0.19 35.51 ? 209 ARG A CZ  1 
ATOM   940  C CZ  B ARG A 1 116 ? 6.642   -13.829 4.800   0.18 29.78 ? 209 ARG A CZ  1 
ATOM   941  N NH1 A ARG A 1 116 ? 6.317   -15.002 3.853   0.19 36.52 ? 209 ARG A NH1 1 
ATOM   942  N NH1 B ARG A 1 116 ? 7.024   -14.005 3.539   0.18 28.41 ? 209 ARG A NH1 1 
ATOM   943  N NH2 A ARG A 1 116 ? 6.425   -15.352 6.118   0.19 37.66 ? 209 ARG A NH2 1 
ATOM   944  N NH2 B ARG A 1 116 ? 5.805   -14.692 5.357   0.18 27.63 ? 209 ARG A NH2 1 
ATOM   945  N N   . ASN A 1 117 ? 12.960  -12.143 5.933   1.00 36.40 ? 210 ASN A N   1 
ATOM   946  C CA  . ASN A 1 117 ? 14.205  -12.809 6.312   1.00 36.19 ? 210 ASN A CA  1 
ATOM   947  C C   . ASN A 1 117 ? 13.997  -14.303 6.208   1.00 38.97 ? 210 ASN A C   1 
ATOM   948  O O   . ASN A 1 117 ? 12.910  -14.835 6.521   1.00 34.97 ? 210 ASN A O   1 
ATOM   949  C CB  . ASN A 1 117 ? 14.575  -12.426 7.723   1.00 40.14 ? 210 ASN A CB  1 
ATOM   950  C CG  . ASN A 1 117 ? 14.923  -10.960 7.832   1.00 43.32 ? 210 ASN A CG  1 
ATOM   951  O OD1 . ASN A 1 117 ? 15.425  -10.364 6.872   1.00 44.54 ? 210 ASN A OD1 1 
ATOM   952  N ND2 . ASN A 1 117 ? 14.659  -10.381 8.983   1.00 47.62 ? 210 ASN A ND2 1 
ATOM   953  N N   . ASP A 1 118 ? 15.039  -14.985 5.749   1.00 41.47 ? 211 ASP A N   1 
ATOM   954  C CA  . ASP A 1 118 ? 14.984  -16.450 5.732   1.00 44.75 ? 211 ASP A CA  1 
ATOM   955  C C   . ASP A 1 118 ? 15.172  -16.984 7.157   1.00 47.65 ? 211 ASP A C   1 
ATOM   956  O O   . ASP A 1 118 ? 15.079  -16.222 8.134   1.00 40.95 ? 211 ASP A O   1 
ATOM   957  C CB  . ASP A 1 118 ? 15.905  -17.051 4.633   1.00 48.03 ? 211 ASP A CB  1 
ATOM   958  C CG  . ASP A 1 118 ? 17.387  -16.828 4.862   1.00 52.42 ? 211 ASP A CG  1 
ATOM   959  O OD1 . ASP A 1 118 ? 17.846  -16.526 5.983   1.00 53.08 ? 211 ASP A OD1 1 
ATOM   960  O OD2 . ASP A 1 118 ? 18.108  -17.007 3.861   1.00 56.91 ? 211 ASP A OD2 1 
ATOM   961  N N   . MET A 1 119 ? 15.344  -18.301 7.287   1.00 45.84 ? 212 MET A N   1 
ATOM   962  C CA  . MET A 1 119 ? 15.632  -18.936 8.576   1.00 51.29 ? 212 MET A CA  1 
ATOM   963  C C   . MET A 1 119 ? 16.885  -19.839 8.449   1.00 55.96 ? 212 MET A C   1 
ATOM   964  O O   . MET A 1 119 ? 16.975  -20.900 9.077   1.00 56.85 ? 212 MET A O   1 
ATOM   965  C CB  . MET A 1 119 ? 14.373  -19.670 9.054   1.00 48.13 ? 212 MET A CB  1 
ATOM   966  C CG  . MET A 1 119 ? 13.254  -18.680 9.418   1.00 46.54 ? 212 MET A CG  1 
ATOM   967  S SD  . MET A 1 119 ? 11.578  -19.307 9.610   1.00 45.80 ? 212 MET A SD  1 
ATOM   968  C CE  . MET A 1 119 ? 11.369  -20.218 8.088   1.00 51.74 ? 212 MET A CE  1 
ATOM   969  N N   . THR A 1 120 ? 17.857  -19.365 7.655   1.00 57.93 ? 213 THR A N   1 
ATOM   970  C CA  . THR A 1 120 ? 19.161  -20.021 7.466   1.00 63.81 ? 213 THR A CA  1 
ATOM   971  C C   . THR A 1 120 ? 19.966  -20.264 8.760   1.00 69.03 ? 213 THR A C   1 
ATOM   972  O O   . THR A 1 120 ? 20.645  -21.288 8.845   1.00 71.01 ? 213 THR A O   1 
ATOM   973  C CB  . THR A 1 120 ? 20.059  -19.272 6.447   1.00 66.36 ? 213 THR A CB  1 
ATOM   974  O OG1 . THR A 1 120 ? 20.108  -17.872 6.762   1.00 71.91 ? 213 THR A OG1 1 
ATOM   975  C CG2 . THR A 1 120 ? 19.544  -19.454 5.024   1.00 64.56 ? 213 THR A CG2 1 
ATOM   976  N N   . PRO A 1 121 ? 19.897  -19.348 9.763   1.00 72.83 ? 214 PRO A N   1 
ATOM   977  C CA  . PRO A 1 121 ? 20.502  -19.711 11.060  1.00 70.44 ? 214 PRO A CA  1 
ATOM   978  C C   . PRO A 1 121 ? 19.925  -20.982 11.708  1.00 68.74 ? 214 PRO A C   1 
ATOM   979  O O   . PRO A 1 121 ? 20.663  -21.700 12.389  1.00 64.42 ? 214 PRO A O   1 
ATOM   980  C CB  . PRO A 1 121 ? 20.248  -18.470 11.946  1.00 72.46 ? 214 PRO A CB  1 
ATOM   981  C CG  . PRO A 1 121 ? 19.282  -17.616 11.202  1.00 75.05 ? 214 PRO A CG  1 
ATOM   982  C CD  . PRO A 1 121 ? 19.517  -17.921 9.749   1.00 77.04 ? 214 PRO A CD  1 
ATOM   983  N N   . LYS A 1 122 ? 18.637  -21.260 11.478  1.00 62.54 ? 215 LYS A N   1 
ATOM   984  C CA  . LYS A 1 122 ? 17.977  -22.471 11.986  1.00 59.47 ? 215 LYS A CA  1 
ATOM   985  C C   . LYS A 1 122 ? 18.014  -23.689 11.005  1.00 52.78 ? 215 LYS A C   1 
ATOM   986  O O   . LYS A 1 122 ? 17.410  -24.725 11.308  1.00 62.01 ? 215 LYS A O   1 
ATOM   987  C CB  . LYS A 1 122 ? 16.523  -22.129 12.337  1.00 57.94 ? 215 LYS A CB  1 
ATOM   988  C CG  . LYS A 1 122 ? 15.912  -22.991 13.428  1.00 63.02 ? 215 LYS A CG  1 
ATOM   989  N N   . SER A 1 123 ? 18.705  -23.572 9.861   1.00 47.41 ? 216 SER A N   1 
ATOM   990  C CA  . SER A 1 123 ? 18.668  -24.590 8.768   1.00 40.53 ? 216 SER A CA  1 
ATOM   991  C C   . SER A 1 123 ? 17.258  -25.055 8.414   1.00 36.44 ? 216 SER A C   1 
ATOM   992  O O   . SER A 1 123 ? 17.015  -26.240 8.139   1.00 36.92 ? 216 SER A O   1 
ATOM   993  C CB  . SER A 1 123 ? 19.529  -25.793 9.153   1.00 40.72 ? 216 SER A CB  1 
ATOM   994  O OG  . SER A 1 123 ? 20.855  -25.374 9.400   1.00 45.43 ? 216 SER A OG  1 
ATOM   995  N N   . LYS A 1 124 ? 16.307  -24.121 8.468   1.00 30.83 ? 217 LYS A N   1 
ATOM   996  C CA  . LYS A 1 124 ? 14.928  -24.386 8.203   1.00 28.62 ? 217 LYS A CA  1 
ATOM   997  C C   . LYS A 1 124 ? 14.542  -23.611 6.929   1.00 29.18 ? 217 LYS A C   1 
ATOM   998  O O   . LYS A 1 124 ? 14.964  -22.455 6.745   1.00 32.66 ? 217 LYS A O   1 
ATOM   999  C CB  . LYS A 1 124 ? 14.080  -23.906 9.393   1.00 32.81 ? 217 LYS A CB  1 
ATOM   1000 C CG  . LYS A 1 124 ? 12.594  -24.130 9.213   1.00 35.55 ? 217 LYS A CG  1 
ATOM   1001 C CD  . LYS A 1 124 ? 11.855  -23.948 10.538  1.00 39.38 ? 217 LYS A CD  1 
ATOM   1002 N N   . LEU A 1 125 ? 13.767  -24.248 6.054   1.00 24.38 ? 218 LEU A N   1 
ATOM   1003 C CA  . LEU A 1 125 ? 13.286  -23.570 4.845   1.00 24.87 ? 218 LEU A CA  1 
ATOM   1004 C C   . LEU A 1 125 ? 12.170  -22.593 5.114   1.00 26.75 ? 218 LEU A C   1 
ATOM   1005 O O   . LEU A 1 125 ? 11.363  -22.765 6.008   1.00 26.72 ? 218 LEU A O   1 
ATOM   1006 C CB  . LEU A 1 125 ? 12.845  -24.563 3.791   1.00 25.99 ? 218 LEU A CB  1 
ATOM   1007 C CG  . LEU A 1 125 ? 13.978  -25.560 3.444   1.00 28.23 ? 218 LEU A CG  1 
ATOM   1008 C CD1 . LEU A 1 125 ? 13.635  -26.237 2.166   1.00 32.23 ? 218 LEU A CD1 1 
ATOM   1009 C CD2 . LEU A 1 125 ? 15.379  -24.962 3.291   1.00 29.33 ? 218 LEU A CD2 1 
ATOM   1010 N N   . GLY A 1 126 ? 12.095  -21.609 4.238   1.00 26.40 ? 219 GLY A N   1 
ATOM   1011 C CA  . GLY A 1 126 ? 10.975  -20.673 4.269   1.00 26.77 ? 219 GLY A CA  1 
ATOM   1012 C C   . GLY A 1 126 ? 11.389  -19.322 4.751   1.00 24.69 ? 219 GLY A C   1 
ATOM   1013 O O   . GLY A 1 126 ? 12.541  -18.941 4.767   1.00 26.56 ? 219 GLY A O   1 
ATOM   1014 N N   . LEU A 1 127 ? 10.377  -18.574 5.167   1.00 26.71 ? 220 LEU A N   1 
ATOM   1015 C CA  . LEU A 1 127 ? 10.576  -17.176 5.581   1.00 27.49 ? 220 LEU A CA  1 
ATOM   1016 C C   . LEU A 1 127 ? 9.985   -16.933 6.953   1.00 24.13 ? 220 LEU A C   1 
ATOM   1017 O O   . LEU A 1 127 ? 8.931   -17.462 7.266   1.00 28.38 ? 220 LEU A O   1 
ATOM   1018 C CB  . LEU A 1 127 ? 9.880   -16.252 4.578   1.00 28.16 ? 220 LEU A CB  1 
ATOM   1019 C CG  . LEU A 1 127 ? 10.561  -16.156 3.192   1.00 30.92 ? 220 LEU A CG  1 
ATOM   1020 C CD1 . LEU A 1 127 ? 9.657   -15.430 2.245   1.00 38.16 ? 220 LEU A CD1 1 
ATOM   1021 C CD2 . LEU A 1 127 ? 11.968  -15.578 3.210   1.00 30.98 ? 220 LEU A CD2 1 
ATOM   1022 N N   . ALA A 1 128 ? 10.643  -16.036 7.687   1.00 27.64 ? 221 ALA A N   1 
ATOM   1023 C CA  . ALA A 1 128 ? 10.185  -15.638 9.002   1.00 29.24 ? 221 ALA A CA  1 
ATOM   1024 C C   . ALA A 1 128 ? 8.962   -14.744 8.827   1.00 30.60 ? 221 ALA A C   1 
ATOM   1025 O O   . ALA A 1 128 ? 8.867   -14.030 7.832   1.00 29.08 ? 221 ALA A O   1 
ATOM   1026 C CB  . ALA A 1 128 ? 11.278  -14.913 9.762   1.00 32.76 ? 221 ALA A CB  1 
ATOM   1027 N N   . PRO A 1 129 ? 7.987   -14.818 9.730   1.00 29.90 ? 222 PRO A N   1 
ATOM   1028 C CA  . PRO A 1 129 ? 6.864   -13.884 9.686   1.00 29.74 ? 222 PRO A CA  1 
ATOM   1029 C C   . PRO A 1 129 ? 7.346   -12.437 9.737   1.00 28.11 ? 222 PRO A C   1 
ATOM   1030 O O   . PRO A 1 129 ? 8.399   -12.117 10.307  1.00 29.69 ? 222 PRO A O   1 
ATOM   1031 C CB  . PRO A 1 129 ? 6.049   -14.245 10.936  1.00 33.10 ? 222 PRO A CB  1 
ATOM   1032 C CG  . PRO A 1 129 ? 6.459   -15.649 11.298  1.00 35.87 ? 222 PRO A CG  1 
ATOM   1033 C CD  . PRO A 1 129 ? 7.899   -15.730 10.898  1.00 32.65 ? 222 PRO A CD  1 
ATOM   1034 N N   . ASN A 1 130 ? 6.592   -11.556 9.063   1.00 27.02 ? 223 ASN A N   1 
ATOM   1035 C CA  . ASN A 1 130 ? 6.905   -10.121 9.070   1.00 27.60 ? 223 ASN A CA  1 
ATOM   1036 C C   . ASN A 1 130 ? 5.616   -9.385  8.932   1.00 24.86 ? 223 ASN A C   1 
ATOM   1037 O O   . ASN A 1 130 ? 4.813   -9.673  8.069   1.00 25.56 ? 223 ASN A O   1 
ATOM   1038 C CB  . ASN A 1 130 ? 7.810   -9.755  7.910   1.00 29.66 ? 223 ASN A CB  1 
ATOM   1039 C CG  . ASN A 1 130 ? 8.353   -8.358  7.978   1.00 31.19 ? 223 ASN A CG  1 
ATOM   1040 O OD1 . ASN A 1 130 ? 7.627   -7.416  7.788   1.00 27.14 ? 223 ASN A OD1 1 
ATOM   1041 N ND2 . ASN A 1 130 ? 9.635   -8.219  8.215   1.00 32.22 ? 223 ASN A ND2 1 
ATOM   1042 N N   . LYS A 1 131 ? 5.406   -8.418  9.809   1.00 24.18 ? 224 LYS A N   1 
ATOM   1043 C CA  . LYS A 1 131 ? 4.149   -7.700  9.801   1.00 23.62 ? 224 LYS A CA  1 
ATOM   1044 C C   . LYS A 1 131 ? 3.966   -6.798  8.615   1.00 23.05 ? 224 LYS A C   1 
ATOM   1045 O O   . LYS A 1 131 ? 2.854   -6.329  8.422   1.00 23.17 ? 224 LYS A O   1 
ATOM   1046 C CB  . LYS A 1 131 ? 3.987   -6.924  11.084  1.00 24.72 ? 224 LYS A CB  1 
ATOM   1047 C CG  . LYS A 1 131 ? 4.890   -5.737  11.225  1.00 25.95 ? 224 LYS A CG  1 
ATOM   1048 C CD  . LYS A 1 131 ? 4.597   -5.049  12.545  1.00 26.72 ? 224 LYS A CD  1 
ATOM   1049 C CE  . LYS A 1 131 ? 5.358   -3.765  12.673  1.00 29.23 ? 224 LYS A CE  1 
ATOM   1050 N NZ  . LYS A 1 131 ? 5.248   -3.181  14.067  1.00 31.96 ? 224 LYS A NZ  1 
ATOM   1051 N N   . PHE A 1 132 ? 5.006   -6.604  7.814   1.00 22.61 ? 225 PHE A N   1 
ATOM   1052 C CA  . PHE A 1 132 ? 4.844   -5.829  6.579   1.00 21.97 ? 225 PHE A CA  1 
ATOM   1053 C C   . PHE A 1 132 ? 4.701   -6.684  5.322   1.00 22.18 ? 225 PHE A C   1 
ATOM   1054 O O   . PHE A 1 132 ? 4.838   -6.170  4.225   1.00 21.98 ? 225 PHE A O   1 
ATOM   1055 C CB  . PHE A 1 132 ? 6.027   -4.908  6.439   1.00 20.83 ? 225 PHE A CB  1 
ATOM   1056 C CG  . PHE A 1 132 ? 6.150   -3.912  7.559   1.00 20.34 ? 225 PHE A CG  1 
ATOM   1057 C CD1 . PHE A 1 132 ? 5.279   -2.863  7.655   1.00 19.92 ? 225 PHE A CD1 1 
ATOM   1058 C CD2 . PHE A 1 132 ? 7.179   -3.998  8.497   1.00 23.15 ? 225 PHE A CD2 1 
ATOM   1059 C CE1 . PHE A 1 132 ? 5.362   -1.956  8.678   1.00 22.47 ? 225 PHE A CE1 1 
ATOM   1060 C CE2 . PHE A 1 132 ? 7.255   -3.077  9.528   1.00 23.47 ? 225 PHE A CE2 1 
ATOM   1061 C CZ  . PHE A 1 132 ? 6.354   -2.064  9.601   1.00 23.33 ? 225 PHE A CZ  1 
ATOM   1062 N N   . PHE A 1 133 ? 4.375   -7.968  5.496   0.37 23.31 ? 226 PHE A N   1 
ATOM   1063 C CA  . PHE A 1 133 ? 4.274   -8.927  4.390   0.37 24.75 ? 226 PHE A CA  1 
ATOM   1064 C C   . PHE A 1 133 ? 3.542   -8.399  3.157   0.37 25.04 ? 226 PHE A C   1 
ATOM   1065 O O   . PHE A 1 133 ? 4.039   -8.565  2.045   0.37 25.11 ? 226 PHE A O   1 
ATOM   1066 C CB  . PHE A 1 133 ? 3.598   -10.219 4.877   0.37 26.45 ? 226 PHE A CB  1 
ATOM   1067 C CG  . PHE A 1 133 ? 3.411   -11.266 3.803   0.37 28.32 ? 226 PHE A CG  1 
ATOM   1068 C CD1 . PHE A 1 133 ? 4.497   -11.774 3.111   0.37 30.32 ? 226 PHE A CD1 1 
ATOM   1069 C CD2 . PHE A 1 133 ? 2.154   -11.759 3.506   0.37 30.68 ? 226 PHE A CD2 1 
ATOM   1070 C CE1 . PHE A 1 133 ? 4.333   -12.746 2.129   0.37 31.38 ? 226 PHE A CE1 1 
ATOM   1071 C CE2 . PHE A 1 133 ? 1.974   -12.728 2.526   0.37 31.30 ? 226 PHE A CE2 1 
ATOM   1072 C CZ  . PHE A 1 133 ? 3.065   -13.220 1.836   0.37 31.41 ? 226 PHE A CZ  1 
ATOM   1073 N N   . MET A 1 134 ? 2.388   -7.767  3.347   0.37 24.54 ? 227 MET A N   1 
ATOM   1074 C CA  . MET A 1 134 ? 1.587   -7.315  2.196   0.37 25.50 ? 227 MET A CA  1 
ATOM   1075 C C   . MET A 1 134 ? 2.217   -6.128  1.484   0.37 24.30 ? 227 MET A C   1 
ATOM   1076 O O   . MET A 1 134 ? 2.056   -5.961  0.268   0.37 24.45 ? 227 MET A O   1 
ATOM   1077 C CB  . MET A 1 134 ? 0.151   -6.970  2.606   0.37 27.00 ? 227 MET A CB  1 
ATOM   1078 C CG  . MET A 1 134 ? -0.918  -7.520  1.668   0.37 29.41 ? 227 MET A CG  1 
ATOM   1079 S SD  . MET A 1 134 ? -0.840  -9.295  1.309   0.37 29.02 ? 227 MET A SD  1 
ATOM   1080 C CE  . MET A 1 134 ? -0.287  -9.939  2.848   0.37 30.88 ? 227 MET A CE  1 
ATOM   1081 N N   . ALA A 1 135 ? 2.944   -5.305  2.232   1.00 23.43 ? 228 ALA A N   1 
ATOM   1082 C CA  . ALA A 1 135 ? 3.614   -4.142  1.636   1.00 21.58 ? 228 ALA A CA  1 
ATOM   1083 C C   . ALA A 1 135 ? 4.898   -4.462  0.920   1.00 20.35 ? 228 ALA A C   1 
ATOM   1084 O O   . ALA A 1 135 ? 5.271   -3.836  -0.048  1.00 20.54 ? 228 ALA A O   1 
ATOM   1085 C CB  . ALA A 1 135 ? 3.896   -3.110  2.689   1.00 20.09 ? 228 ALA A CB  1 
ATOM   1086 N N   . ILE A 1 136 ? 5.652   -5.445  1.468   1.00 20.64 ? 229 ILE A N   1 
ATOM   1087 C CA  . ILE A 1 136 ? 6.988   -5.760  1.021   1.00 22.58 ? 229 ILE A CA  1 
ATOM   1088 C C   . ILE A 1 136 ? 7.162   -5.871  -0.516  1.00 20.26 ? 229 ILE A C   1 
ATOM   1089 O O   . ILE A 1 136 ? 8.113   -5.279  -1.041  1.00 22.62 ? 229 ILE A O   1 
ATOM   1090 C CB  . ILE A 1 136 ? 7.470   -7.051  1.739   1.00 23.79 ? 229 ILE A CB  1 
ATOM   1091 C CG1 . ILE A 1 136 ? 7.973   -6.642  3.124   1.00 23.95 ? 229 ILE A CG1 1 
ATOM   1092 C CG2 . ILE A 1 136 ? 8.583   -7.793  1.000   1.00 25.89 ? 229 ILE A CG2 1 
ATOM   1093 C CD1 . ILE A 1 136 ? 8.207   -7.806  4.106   1.00 26.18 ? 229 ILE A CD1 1 
ATOM   1094 N N   . PRO A 1 137 ? 6.235   -6.568  -1.218  1.00 23.56 ? 230 PRO A N   1 
ATOM   1095 C CA  . PRO A 1 137 ? 6.467   -6.707  -2.681  1.00 23.39 ? 230 PRO A CA  1 
ATOM   1096 C C   . PRO A 1 137 ? 6.572   -5.371  -3.429  1.00 22.46 ? 230 PRO A C   1 
ATOM   1097 O O   . PRO A 1 137 ? 7.203   -5.295  -4.472  1.00 25.45 ? 230 PRO A O   1 
ATOM   1098 C CB  . PRO A 1 137 ? 5.242   -7.477  -3.146  1.00 25.42 ? 230 PRO A CB  1 
ATOM   1099 C CG  . PRO A 1 137 ? 4.800   -8.250  -1.982  1.00 25.86 ? 230 PRO A CG  1 
ATOM   1100 C CD  . PRO A 1 137 ? 5.098   -7.366  -0.771  1.00 23.75 ? 230 PRO A CD  1 
ATOM   1101 N N   . PHE A 1 138 ? 5.928   -4.310  -2.897  1.00 22.27 ? 231 PHE A N   1 
ATOM   1102 C CA  . PHE A 1 138 ? 5.918   -3.034  -3.573  1.00 21.74 ? 231 PHE A CA  1 
ATOM   1103 C C   . PHE A 1 138 ? 7.088   -2.123  -3.225  1.00 20.65 ? 231 PHE A C   1 
ATOM   1104 O O   . PHE A 1 138 ? 7.241   -1.090  -3.845  1.00 21.60 ? 231 PHE A O   1 
ATOM   1105 C CB  . PHE A 1 138 ? 4.619   -2.280  -3.235  1.00 21.94 ? 231 PHE A CB  1 
ATOM   1106 C CG  . PHE A 1 138 ? 3.392   -2.970  -3.718  1.00 23.19 ? 231 PHE A CG  1 
ATOM   1107 C CD1 . PHE A 1 138 ? 2.911   -2.710  -5.006  1.00 24.96 ? 231 PHE A CD1 1 
ATOM   1108 C CD2 . PHE A 1 138 ? 2.742   -3.914  -2.928  1.00 24.08 ? 231 PHE A CD2 1 
ATOM   1109 C CE1 . PHE A 1 138 ? 1.775   -3.364  -5.445  1.00 26.80 ? 231 PHE A CE1 1 
ATOM   1110 C CE2 . PHE A 1 138 ? 1.588   -4.548  -3.392  1.00 28.00 ? 231 PHE A CE2 1 
ATOM   1111 C CZ  . PHE A 1 138 ? 1.147   -4.273  -4.664  1.00 26.94 ? 231 PHE A CZ  1 
ATOM   1112 N N   . ILE A 1 139 ? 7.870   -2.456  -2.211  1.00 22.07 ? 232 ILE A N   1 
ATOM   1113 C CA  . ILE A 1 139 ? 8.866   -1.533  -1.702  1.00 21.58 ? 232 ILE A CA  1 
ATOM   1114 C C   . ILE A 1 139 ? 10.067  -1.256  -2.644  1.00 24.37 ? 232 ILE A C   1 
ATOM   1115 O O   . ILE A 1 139 ? 10.391  -0.099  -2.909  1.00 24.68 ? 232 ILE A O   1 
ATOM   1116 C CB  . ILE A 1 139 ? 9.351   -1.937  -0.309  1.00 23.08 ? 232 ILE A CB  1 
ATOM   1117 C CG1 . ILE A 1 139 ? 8.213   -1.985  0.723   1.00 22.58 ? 232 ILE A CG1 1 
ATOM   1118 C CG2 . ILE A 1 139 ? 10.460  -1.010  0.147   1.00 25.84 ? 232 ILE A CG2 1 
ATOM   1119 C CD1 . ILE A 1 139 ? 7.393   -0.725  0.902   1.00 25.64 ? 232 ILE A CD1 1 
ATOM   1120 N N   . ARG A 1 140 ? 10.705  -2.312  -3.154  1.00 25.19 ? 233 ARG A N   1 
ATOM   1121 C CA  . ARG A 1 140 ? 11.749  -2.126  -4.142  1.00 27.39 ? 233 ARG A CA  1 
ATOM   1122 C C   . ARG A 1 140 ? 11.240  -1.427  -5.401  1.00 25.70 ? 233 ARG A C   1 
ATOM   1123 O O   . ARG A 1 140 ? 11.804  -0.412  -5.801  1.00 25.65 ? 233 ARG A O   1 
ATOM   1124 C CB  . ARG A 1 140 ? 12.420  -3.473  -4.441  1.00 30.02 ? 233 ARG A CB  1 
ATOM   1125 C CG  . ARG A 1 140 ? 13.426  -3.458  -5.582  1.00 37.28 ? 233 ARG A CG  1 
ATOM   1126 C CD  . ARG A 1 140 ? 14.450  -2.378  -5.401  1.00 42.14 ? 233 ARG A CD  1 
ATOM   1127 N NE  . ARG A 1 140 ? 14.922  -2.321  -4.022  1.00 51.78 ? 233 ARG A NE  1 
ATOM   1128 C CZ  . ARG A 1 140 ? 15.592  -1.304  -3.485  1.00 57.14 ? 233 ARG A CZ  1 
ATOM   1129 N NH1 . ARG A 1 140 ? 15.930  -0.218  -4.204  1.00 58.43 ? 233 ARG A NH1 1 
ATOM   1130 N NH2 . ARG A 1 140 ? 15.945  -1.385  -2.207  1.00 56.65 ? 233 ARG A NH2 1 
ATOM   1131 N N   . PRO A 1 141 ? 10.112  -1.904  -5.984  1.00 25.34 ? 234 PRO A N   1 
ATOM   1132 C CA  . PRO A 1 141 ? 9.570   -1.169  -7.135  1.00 26.69 ? 234 PRO A CA  1 
ATOM   1133 C C   . PRO A 1 141 ? 9.265   0.310   -6.827  1.00 26.30 ? 234 PRO A C   1 
ATOM   1134 O O   . PRO A 1 141 ? 9.496   1.216   -7.662  1.00 26.08 ? 234 PRO A O   1 
ATOM   1135 C CB  . PRO A 1 141 ? 8.297   -1.962  -7.484  1.00 27.04 ? 234 PRO A CB  1 
ATOM   1136 C CG  . PRO A 1 141 ? 8.522   -3.314  -6.930  1.00 27.65 ? 234 PRO A CG  1 
ATOM   1137 C CD  . PRO A 1 141 ? 9.420   -3.178  -5.763  1.00 25.79 ? 234 PRO A CD  1 
ATOM   1138 N N   . LEU A 1 142 ? 8.767   0.596   -5.625  1.00 24.19 ? 235 LEU A N   1 
ATOM   1139 C CA  . LEU A 1 142 ? 8.528   1.999   -5.260  1.00 24.91 ? 235 LEU A CA  1 
ATOM   1140 C C   . LEU A 1 142 ? 9.794   2.844   -5.160  1.00 25.02 ? 235 LEU A C   1 
ATOM   1141 O O   . LEU A 1 142 ? 9.848   3.957   -5.702  1.00 26.22 ? 235 LEU A O   1 
ATOM   1142 C CB  . LEU A 1 142 ? 7.732   2.080   -3.947  1.00 22.13 ? 235 LEU A CB  1 
ATOM   1143 C CG  . LEU A 1 142 ? 7.546   3.465   -3.349  1.00 21.74 ? 235 LEU A CG  1 
ATOM   1144 C CD1 . LEU A 1 142 ? 6.693   4.348   -4.203  1.00 21.49 ? 235 LEU A CD1 1 
ATOM   1145 C CD2 . LEU A 1 142 ? 6.940   3.417   -1.953  1.00 23.29 ? 235 LEU A CD2 1 
ATOM   1146 N N   . ARG A 1 143 ? 10.817  2.319   -4.482  1.00 24.62 ? 236 ARG A N   1 
ATOM   1147 C CA  . ARG A 1 143 ? 12.118  3.007   -4.398  1.00 26.29 ? 236 ARG A CA  1 
ATOM   1148 C C   . ARG A 1 143 ? 12.656  3.285   -5.813  1.00 27.07 ? 236 ARG A C   1 
ATOM   1149 O O   . ARG A 1 143 ? 13.090  4.407   -6.085  1.00 27.85 ? 236 ARG A O   1 
ATOM   1150 C CB  . ARG A 1 143 ? 13.110  2.214   -3.579  1.00 26.03 ? 236 ARG A CB  1 
ATOM   1151 C CG  . ARG A 1 143 ? 12.778  2.129   -2.114  1.00 27.01 ? 236 ARG A CG  1 
ATOM   1152 C CD  . ARG A 1 143 ? 13.736  1.210   -1.388  1.00 29.48 ? 236 ARG A CD  1 
ATOM   1153 N NE  . ARG A 1 143 ? 13.464  1.177   0.047   1.00 30.99 ? 236 ARG A NE  1 
ATOM   1154 C CZ  . ARG A 1 143 ? 13.738  0.176   0.888   1.00 31.02 ? 236 ARG A CZ  1 
ATOM   1155 N NH1 . ARG A 1 143 ? 14.263  -0.967  0.459   1.00 32.61 ? 236 ARG A NH1 1 
ATOM   1156 N NH2 . ARG A 1 143 ? 13.420  0.301   2.174   1.00 29.00 ? 236 ARG A NH2 1 
ATOM   1157 N N   . ASP A 1 144 ? 12.570  2.298   -6.691  1.00 28.36 ? 237 ASP A N   1 
ATOM   1158 C CA  . ASP A 1 144 ? 13.081  2.447   -8.076  1.00 29.94 ? 237 ASP A CA  1 
ATOM   1159 C C   . ASP A 1 144 ? 12.258  3.469   -8.833  1.00 28.94 ? 237 ASP A C   1 
ATOM   1160 O O   . ASP A 1 144 ? 12.804  4.260   -9.580  1.00 31.49 ? 237 ASP A O   1 
ATOM   1161 C CB  . ASP A 1 144 ? 13.102  1.107   -8.815  1.00 33.56 ? 237 ASP A CB  1 
ATOM   1162 C CG  . ASP A 1 144 ? 14.153  0.109   -8.245  1.00 36.91 ? 237 ASP A CG  1 
ATOM   1163 O OD1 . ASP A 1 144 ? 14.981  0.478   -7.386  1.00 40.55 ? 237 ASP A OD1 1 
ATOM   1164 O OD2 . ASP A 1 144 ? 14.106  -1.081  -8.638  1.00 43.08 ? 237 ASP A OD2 1 
ATOM   1165 N N   . TRP A 1 145 ? 10.938  3.438   -8.660  1.00 25.78 ? 238 TRP A N   1 
ATOM   1166 C CA  . TRP A 1 145 ? 10.057  4.373   -9.316  1.00 27.55 ? 238 TRP A CA  1 
ATOM   1167 C C   . TRP A 1 145 ? 10.327  5.787   -8.843  1.00 27.95 ? 238 TRP A C   1 
ATOM   1168 O O   . TRP A 1 145 ? 10.392  6.723   -9.653  1.00 28.59 ? 238 TRP A O   1 
ATOM   1169 C CB  . TRP A 1 145 ? 8.617   3.993   -9.034  1.00 27.80 ? 238 TRP A CB  1 
ATOM   1170 C CG  . TRP A 1 145 ? 7.594   4.779   -9.811  1.00 29.93 ? 238 TRP A CG  1 
ATOM   1171 C CD1 . TRP A 1 145 ? 6.984   4.372   -10.948 1.00 32.02 ? 238 TRP A CD1 1 
ATOM   1172 C CD2 . TRP A 1 145 ? 7.039   6.080   -9.507  1.00 28.49 ? 238 TRP A CD2 1 
ATOM   1173 N NE1 . TRP A 1 145 ? 6.114   5.308   -11.398 1.00 31.11 ? 238 TRP A NE1 1 
ATOM   1174 C CE2 . TRP A 1 145 ? 6.122   6.375   -10.545 1.00 31.63 ? 238 TRP A CE2 1 
ATOM   1175 C CE3 . TRP A 1 145 ? 7.215   7.012   -8.491  1.00 28.28 ? 238 TRP A CE3 1 
ATOM   1176 C CZ2 . TRP A 1 145 ? 5.363   7.548   -10.558 1.00 28.76 ? 238 TRP A CZ2 1 
ATOM   1177 C CZ3 . TRP A 1 145 ? 6.455   8.183   -8.498  1.00 29.66 ? 238 TRP A CZ3 1 
ATOM   1178 C CH2 . TRP A 1 145 ? 5.549   8.438   -9.550  1.00 30.99 ? 238 TRP A CH2 1 
ATOM   1179 N N   . LEU A 1 146 ? 10.521  5.987   -7.540  1.00 27.16 ? 239 LEU A N   1 
ATOM   1180 C CA  . LEU A 1 146 ? 10.827  7.311   -7.012  1.00 26.14 ? 239 LEU A CA  1 
ATOM   1181 C C   . LEU A 1 146 ? 12.151  7.882   -7.522  1.00 31.41 ? 239 LEU A C   1 
ATOM   1182 O O   . LEU A 1 146 ? 12.205  9.038   -7.866  1.00 30.80 ? 239 LEU A O   1 
ATOM   1183 C CB  . LEU A 1 146 ? 10.820  7.347   -5.491  1.00 27.15 ? 239 LEU A CB  1 
ATOM   1184 C CG  . LEU A 1 146 ? 9.416   7.132   -4.917  1.00 26.71 ? 239 LEU A CG  1 
ATOM   1185 C CD1 . LEU A 1 146 ? 9.508   6.821   -3.453  1.00 25.77 ? 239 LEU A CD1 1 
ATOM   1186 C CD2 . LEU A 1 146 ? 8.497   8.337   -5.154  1.00 25.95 ? 239 LEU A CD2 1 
ATOM   1187 N N   . SER A 1 147 ? 13.155  7.029   -7.602  1.00 32.46 ? 240 SER A N   1 
ATOM   1188 C CA  . SER A 1 147 ? 14.483  7.423   -8.137  1.00 35.54 ? 240 SER A CA  1 
ATOM   1189 C C   . SER A 1 147 ? 14.362  7.858   -9.592  1.00 36.67 ? 240 SER A C   1 
ATOM   1190 O O   . SER A 1 147 ? 14.904  8.896   -9.970  1.00 39.36 ? 240 SER A O   1 
ATOM   1191 C CB  . SER A 1 147 ? 15.460  6.275   -7.997  1.00 34.85 ? 240 SER A CB  1 
ATOM   1192 O OG  . SER A 1 147 ? 15.745  6.096   -6.629  1.00 41.96 ? 240 SER A OG  1 
ATOM   1193 N N   . ARG A 1 148 ? 13.628  7.110   -10.404 1.00 37.86 ? 241 ARG A N   1 
ATOM   1194 C CA  . ARG A 1 148 ? 13.411  7.524   -11.800 1.00 43.40 ? 241 ARG A CA  1 
ATOM   1195 C C   . ARG A 1 148 ? 12.579  8.829   -12.034 1.00 52.48 ? 241 ARG A C   1 
ATOM   1196 O O   . ARG A 1 148 ? 12.834  9.540   -13.016 1.00 53.70 ? 241 ARG A O   1 
ATOM   1197 C CB  . ARG A 1 148 ? 12.827  6.376   -12.622 1.00 44.20 ? 241 ARG A CB  1 
ATOM   1198 C CG  . ARG A 1 148 ? 13.693  5.126   -12.665 1.00 47.83 ? 241 ARG A CG  1 
ATOM   1199 N N   . ARG A 1 149 ? 11.619  9.110   -11.151 0.50 54.76 ? 242 ARG A N   1 
ATOM   1200 C CA  . ARG A 1 149 ? 10.743  10.285  -11.269 0.50 57.16 ? 242 ARG A CA  1 
ATOM   1201 C C   . ARG A 1 149 ? 11.324  11.541  -10.641 0.50 60.11 ? 242 ARG A C   1 
ATOM   1202 O O   . ARG A 1 149 ? 11.383  12.591  -11.283 0.50 62.10 ? 242 ARG A O   1 
ATOM   1203 C CB  . ARG A 1 149 ? 9.394   10.003  -10.619 0.50 58.88 ? 242 ARG A CB  1 
ATOM   1204 C CG  . ARG A 1 149 ? 8.321   9.639   -11.623 0.50 59.36 ? 242 ARG A CG  1 
ATOM   1205 C CD  . ARG A 1 149 ? 8.717   8.422   -12.437 0.50 60.28 ? 242 ARG A CD  1 
ATOM   1206 N NE  . ARG A 1 149 ? 8.120   8.461   -13.766 0.50 61.72 ? 242 ARG A NE  1 
ATOM   1207 C CZ  . ARG A 1 149 ? 7.888   7.388   -14.510 0.50 61.76 ? 242 ARG A CZ  1 
ATOM   1208 N NH1 . ARG A 1 149 ? 7.342   7.520   -15.710 0.50 63.23 ? 242 ARG A NH1 1 
ATOM   1209 N NH2 . ARG A 1 149 ? 8.192   6.183   -14.049 0.50 62.54 ? 242 ARG A NH2 1 
ATOM   1210 N N   . PHE A 1 150 ? 11.747  11.422  -9.385  1.00 59.86 ? 243 PHE A N   1 
ATOM   1211 C CA  . PHE A 1 150 ? 12.218  12.570  -8.592  1.00 58.11 ? 243 PHE A CA  1 
ATOM   1212 C C   . PHE A 1 150 ? 13.733  12.752  -8.579  1.00 67.43 ? 243 PHE A C   1 
ATOM   1213 O O   . PHE A 1 150 ? 14.214  13.879  -8.738  1.00 72.80 ? 243 PHE A O   1 
ATOM   1214 C CB  . PHE A 1 150 ? 11.674  12.430  -7.182  1.00 55.36 ? 243 PHE A CB  1 
ATOM   1215 C CG  . PHE A 1 150 ? 10.182  12.541  -7.121  1.00 58.42 ? 243 PHE A CG  1 
ATOM   1216 C CD1 . PHE A 1 150 ? 9.580   13.787  -7.147  1.00 59.90 ? 243 PHE A CD1 1 
ATOM   1217 C CD2 . PHE A 1 150 ? 9.375   11.423  -7.086  1.00 54.00 ? 243 PHE A CD2 1 
ATOM   1218 C CE1 . PHE A 1 150 ? 8.202   13.924  -7.100  1.00 59.04 ? 243 PHE A CE1 1 
ATOM   1219 C CE2 . PHE A 1 150 ? 7.991   11.554  -7.046  1.00 57.51 ? 243 PHE A CE2 1 
ATOM   1220 C CZ  . PHE A 1 150 ? 7.403   12.808  -7.059  1.00 54.59 ? 243 PHE A CZ  1 
ATOM   1221 N N   . GLY A 1 151 ? 14.474  11.663  -8.366  1.00 74.68 ? 244 GLY A N   1 
ATOM   1222 C CA  . GLY A 1 151 ? 15.943  11.682  -8.393  1.00 74.31 ? 244 GLY A CA  1 
ATOM   1223 C C   . GLY A 1 151 ? 16.553  10.889  -7.261  1.00 76.80 ? 244 GLY A C   1 
ATOM   1224 O O   . GLY A 1 151 ? 17.262  11.441  -6.419  1.00 82.58 ? 244 GLY A O   1 
HETATM 1225 C C1  . EDO B 2 .   ? -14.330 8.018   -3.501  1.00 58.27 ? 301 EDO A C1  1 
HETATM 1226 O O1  . EDO B 2 .   ? -14.842 8.427   -2.223  1.00 64.17 ? 301 EDO A O1  1 
HETATM 1227 C C2  . EDO B 2 .   ? -13.687 9.228   -4.190  1.00 58.32 ? 301 EDO A C2  1 
HETATM 1228 O O2  . EDO B 2 .   ? -13.954 9.208   -5.602  1.00 64.30 ? 301 EDO A O2  1 
HETATM 1229 C C1  . EDO C 2 .   ? 3.378   -10.785 11.836  1.00 52.72 ? 302 EDO A C1  1 
HETATM 1230 O O1  . EDO C 2 .   ? 3.329   -11.450 10.566  1.00 48.09 ? 302 EDO A O1  1 
HETATM 1231 C C2  . EDO C 2 .   ? 4.436   -11.397 12.738  1.00 50.29 ? 302 EDO A C2  1 
HETATM 1232 O O2  . EDO C 2 .   ? 5.621   -10.587 12.776  1.00 54.43 ? 302 EDO A O2  1 
HETATM 1233 S S   . DMS D 3 .   ? 6.843   9.188   10.341  1.00 65.94 ? 303 DMS A S   1 
HETATM 1234 O O   . DMS D 3 .   ? 7.184   7.780   10.088  1.00 46.01 ? 303 DMS A O   1 
HETATM 1235 C C1  . DMS D 3 .   ? 6.308   9.331   11.960  1.00 60.17 ? 303 DMS A C1  1 
HETATM 1236 C C2  . DMS D 3 .   ? 8.278   10.123  10.380  1.00 61.51 ? 303 DMS A C2  1 
HETATM 1237 C C   . ACT E 4 .   ? -4.139  -11.149 15.261  1.00 45.63 ? 304 ACT A C   1 
HETATM 1238 O O   . ACT E 4 .   ? -4.714  -11.879 14.424  1.00 54.73 ? 304 ACT A O   1 
HETATM 1239 O OXT . ACT E 4 .   ? -4.104  -9.931  15.076  1.00 50.28 ? 304 ACT A OXT 1 
HETATM 1240 C CH3 . ACT E 4 .   ? -3.546  -11.716 16.541  1.00 51.23 ? 304 ACT A CH3 1 
HETATM 1241 C C   . ACT F 4 .   ? 3.364   -13.205 7.186   1.00 37.90 ? 305 ACT A C   1 
HETATM 1242 O O   . ACT F 4 .   ? 4.568   -12.890 7.245   1.00 40.27 ? 305 ACT A O   1 
HETATM 1243 O OXT . ACT F 4 .   ? 2.584   -12.829 8.102   1.00 59.83 ? 305 ACT A OXT 1 
HETATM 1244 C CH3 . ACT F 4 .   ? 2.837   -14.124 6.109   1.00 43.87 ? 305 ACT A CH3 1 
HETATM 1245 N N1  . LD7 G 5 .   ? -1.756  -9.671  6.632   0.37 39.31 ? 306 LD7 A N1  1 
HETATM 1246 N N3  . LD7 G 5 .   ? -3.278  -5.925  5.496   0.37 39.30 ? 306 LD7 A N3  1 
HETATM 1247 C C4  . LD7 G 5 .   ? -2.780  -8.268  5.290   0.37 39.09 ? 306 LD7 A C4  1 
HETATM 1248 C C5  . LD7 G 5 .   ? -3.383  -7.036  4.755   0.37 39.47 ? 306 LD7 A C5  1 
HETATM 1249 C C6  . LD7 G 5 .   ? -3.516  -4.600  4.934   0.37 39.55 ? 306 LD7 A C6  1 
HETATM 1250 C C7  . LD7 G 5 .   ? -4.979  -4.273  4.749   0.37 38.81 ? 306 LD7 A C7  1 
HETATM 1251 C C8  . LD7 G 5 .   ? -5.877  -4.425  5.791   0.37 37.51 ? 306 LD7 A C8  1 
HETATM 1252 C C10 . LD7 G 5 .   ? -7.643  -3.651  4.428   0.37 36.97 ? 306 LD7 A C10 1 
HETATM 1253 C C1  . LD7 G 5 .   ? -2.809  -12.266 4.153   0.37 38.23 ? 306 LD7 A C1  1 
HETATM 1254 C C11 . LD7 G 5 .   ? -6.799  -3.479  3.368   0.37 38.56 ? 306 LD7 A C11 1 
HETATM 1255 C C12 . LD7 G 5 .   ? -5.457  -3.791  3.538   0.37 39.22 ? 306 LD7 A C12 1 
HETATM 1256 C C2  . LD7 G 5 .   ? -1.888  -11.732 5.245   0.37 38.32 ? 306 LD7 A C2  1 
HETATM 1257 C C3  . LD7 G 5 .   ? -2.124  -10.300 5.560   0.37 38.54 ? 306 LD7 A C3  1 
HETATM 1258 C C9  . LD7 G 5 .   ? -7.222  -4.118  5.640   0.37 37.41 ? 306 LD7 A C9  1 
HETATM 1259 F F1  . LD7 G 5 .   ? -8.963  -3.354  4.268   0.37 33.98 ? 306 LD7 A F1  1 
HETATM 1260 N N2  . LD7 G 5 .   ? -2.775  -9.457  4.724   0.37 37.94 ? 306 LD7 A N2  1 
HETATM 1261 O O1  . LD7 G 5 .   ? -2.171  -8.325  6.495   0.37 38.68 ? 306 LD7 A O1  1 
HETATM 1262 O O2  . LD7 G 5 .   ? -3.936  -7.050  3.654   0.37 41.32 ? 306 LD7 A O2  1 
HETATM 1263 O O   . HOH H 6 .   ? 3.967   4.455   -13.552 1.00 41.81 ? 401 HOH A O   1 
HETATM 1264 O O   . HOH H 6 .   ? 15.263  -15.179 10.409  1.00 56.47 ? 402 HOH A O   1 
HETATM 1265 O O   . HOH H 6 .   ? -16.204 3.523   -12.346 1.00 40.76 ? 403 HOH A O   1 
HETATM 1266 O O   . HOH H 6 .   ? -21.325 -7.415  15.649  1.00 35.40 ? 404 HOH A O   1 
HETATM 1267 O O   . HOH H 6 .   ? -1.427  11.966  9.555   1.00 42.66 ? 405 HOH A O   1 
HETATM 1268 O O   . HOH H 6 .   ? -12.224 -1.101  1.940   1.00 47.91 ? 406 HOH A O   1 
HETATM 1269 O O   . HOH H 6 .   ? 3.220   -18.919 -5.690  1.00 42.80 ? 407 HOH A O   1 
HETATM 1270 O O   . HOH H 6 .   ? 9.599   -12.854 12.464  1.00 49.75 ? 408 HOH A O   1 
HETATM 1271 O O   . HOH H 6 .   ? -16.951 3.198   -7.929  1.00 46.41 ? 409 HOH A O   1 
HETATM 1272 O O   . HOH H 6 .   ? -4.443  -6.394  13.534  1.00 26.60 ? 410 HOH A O   1 
HETATM 1273 O O   . HOH H 6 .   ? -11.870 -2.154  4.520   1.00 41.05 ? 411 HOH A O   1 
HETATM 1274 O O   . HOH H 6 .   ? -10.151 -4.248  -13.468 1.00 43.76 ? 412 HOH A O   1 
HETATM 1275 O O   . HOH H 6 .   ? 12.127  8.427   -0.765  1.00 38.38 ? 413 HOH A O   1 
HETATM 1276 O O   . HOH H 6 .   ? 13.625  -8.284  6.064   1.00 42.10 ? 414 HOH A O   1 
HETATM 1277 O O   . HOH H 6 .   ? -6.614  -9.472  14.491  1.00 31.42 ? 415 HOH A O   1 
HETATM 1278 O O   . HOH H 6 .   ? 17.667  -28.780 8.440   1.00 28.90 ? 416 HOH A O   1 
HETATM 1279 O O   . HOH H 6 .   ? 5.712   -17.653 5.014   1.00 54.86 ? 417 HOH A O   1 
HETATM 1280 O O   . HOH H 6 .   ? 5.191   1.104   -12.513 1.00 38.40 ? 418 HOH A O   1 
HETATM 1281 O O   . HOH H 6 .   ? -13.350 8.625   -8.124  1.00 45.80 ? 419 HOH A O   1 
HETATM 1282 O O   . HOH H 6 .   ? -1.712  -0.624  15.705  1.00 34.38 ? 420 HOH A O   1 
HETATM 1283 O O   . HOH H 6 .   ? -4.595  4.409   -14.968 1.00 38.75 ? 421 HOH A O   1 
HETATM 1284 O O   . HOH H 6 .   ? 12.015  -2.752  -8.530  1.00 52.84 ? 422 HOH A O   1 
HETATM 1285 O O   . HOH H 6 .   ? -6.768  13.229  -10.674 1.00 38.29 ? 423 HOH A O   1 
HETATM 1286 O O   . HOH H 6 .   ? 1.315   -7.242  5.989   1.00 25.89 ? 424 HOH A O   1 
HETATM 1287 O O   . HOH H 6 .   ? 11.988  15.232  7.541   1.00 48.29 ? 425 HOH A O   1 
HETATM 1288 O O   . HOH H 6 .   ? -9.518  8.016   -1.974  1.00 26.27 ? 426 HOH A O   1 
HETATM 1289 O O   . HOH H 6 .   ? -2.586  -4.238  1.359   1.00 28.49 ? 427 HOH A O   1 
HETATM 1290 O O   . HOH H 6 .   ? 8.084   -7.334  -6.053  1.00 35.04 ? 428 HOH A O   1 
HETATM 1291 O O   . HOH H 6 .   ? 10.356  12.059  8.080   1.00 55.54 ? 429 HOH A O   1 
HETATM 1292 O O   . HOH H 6 .   ? 15.160  13.762  7.446   1.00 36.02 ? 430 HOH A O   1 
HETATM 1293 O O   . HOH H 6 .   ? -0.753  4.515   0.984   1.00 20.30 ? 431 HOH A O   1 
HETATM 1294 O O   . HOH H 6 .   ? 10.295  -5.172  -2.692  1.00 25.35 ? 432 HOH A O   1 
HETATM 1295 O O   . HOH H 6 .   ? 16.185  2.630   -6.196  1.00 56.28 ? 433 HOH A O   1 
HETATM 1296 O O   . HOH H 6 .   ? -14.528 6.236   -6.353  1.00 34.82 ? 434 HOH A O   1 
HETATM 1297 O O   . HOH H 6 .   ? -6.399  -10.047 -11.214 1.00 41.97 ? 435 HOH A O   1 
HETATM 1298 O O   . HOH H 6 .   ? 1.161   -7.868  -1.495  1.00 40.73 ? 436 HOH A O   1 
HETATM 1299 O O   . HOH H 6 .   ? 14.996  -20.136 5.265   1.00 32.43 ? 437 HOH A O   1 
HETATM 1300 O O   . HOH H 6 .   ? -8.744  14.997  -0.421  1.00 32.13 ? 438 HOH A O   1 
HETATM 1301 O O   . HOH H 6 .   ? -0.290  12.018  -7.716  1.00 23.89 ? 439 HOH A O   1 
HETATM 1302 O O   . HOH H 6 .   ? 4.651   4.178   12.287  1.00 29.65 ? 440 HOH A O   1 
HETATM 1303 O O   . HOH H 6 .   ? 1.784   10.710  -8.888  1.00 29.61 ? 441 HOH A O   1 
HETATM 1304 O O   . HOH H 6 .   ? -12.703 18.901  -5.738  1.00 48.81 ? 442 HOH A O   1 
HETATM 1305 O O   . HOH H 6 .   ? -15.465 -7.568  -9.881  1.00 46.90 ? 443 HOH A O   1 
HETATM 1306 O O   . HOH H 6 .   ? 13.284  12.658  -0.340  1.00 39.72 ? 444 HOH A O   1 
HETATM 1307 O O   . HOH H 6 .   ? -5.552  -14.238 -14.242 1.00 58.71 ? 445 HOH A O   1 
HETATM 1308 O O   . HOH H 6 .   ? 1.742   0.452   15.972  1.00 41.70 ? 446 HOH A O   1 
HETATM 1309 O O   . HOH H 6 .   ? 9.489   0.457   -10.361 1.00 34.56 ? 447 HOH A O   1 
HETATM 1310 O O   . HOH H 6 .   ? -1.356  8.445   -9.235  1.00 24.81 ? 448 HOH A O   1 
HETATM 1311 O O   . HOH H 6 .   ? 14.112  5.942   -3.965  1.00 32.85 ? 449 HOH A O   1 
HETATM 1312 O O   . HOH H 6 .   ? 11.251  8.927   7.617   1.00 41.98 ? 450 HOH A O   1 
HETATM 1313 O O   . HOH H 6 .   ? -9.580  14.387  -4.018  1.00 31.53 ? 451 HOH A O   1 
HETATM 1314 O O   . HOH H 6 .   ? 15.363  -1.140  5.221   1.00 36.18 ? 452 HOH A O   1 
HETATM 1315 O O   . HOH H 6 .   ? 12.717  7.103   4.004   1.00 29.08 ? 453 HOH A O   1 
HETATM 1316 O O   . HOH H 6 .   ? -8.131  17.226  -9.694  1.00 32.80 ? 454 HOH A O   1 
HETATM 1317 O O   . HOH H 6 .   ? 10.501  -9.305  -1.634  1.00 50.36 ? 455 HOH A O   1 
HETATM 1318 O O   . HOH H 6 .   ? -4.349  16.862  3.459   1.00 42.30 ? 456 HOH A O   1 
HETATM 1319 O O   . HOH H 6 .   ? -10.016 13.862  1.733   1.00 31.19 ? 457 HOH A O   1 
HETATM 1320 O O   . HOH H 6 .   ? 4.098   -1.380  -12.529 1.00 41.39 ? 458 HOH A O   1 
HETATM 1321 O O   . HOH H 6 .   ? -9.020  4.007   -14.686 1.00 40.08 ? 459 HOH A O   1 
HETATM 1322 O O   . HOH H 6 .   ? -0.038  -3.812  0.310   1.00 24.68 ? 460 HOH A O   1 
HETATM 1323 O O   . HOH H 6 .   ? -4.052  11.622  -14.993 1.00 41.98 ? 461 HOH A O   1 
HETATM 1324 O O   . HOH H 6 .   ? -18.816 0.804   -7.071  1.00 47.87 ? 462 HOH A O   1 
HETATM 1325 O O   . HOH H 6 .   ? -11.431 14.960  -9.783  1.00 49.35 ? 463 HOH A O   1 
HETATM 1326 O O   . HOH H 6 .   ? -11.495 -6.035  -1.071  1.00 38.26 ? 464 HOH A O   1 
HETATM 1327 O O   . HOH H 6 .   ? 17.394  -13.267 5.213   1.00 61.53 ? 465 HOH A O   1 
HETATM 1328 O O   . HOH H 6 .   ? 14.400  -0.918  9.970   1.00 46.90 ? 466 HOH A O   1 
HETATM 1329 O O   . HOH H 6 .   ? 15.319  3.302   -10.863 1.00 50.03 ? 467 HOH A O   1 
HETATM 1330 O O   . HOH H 6 .   ? 4.389   -8.799  -11.263 1.00 41.89 ? 468 HOH A O   1 
HETATM 1331 O O   . HOH H 6 .   ? -4.847  18.558  9.675   1.00 52.54 ? 469 HOH A O   1 
HETATM 1332 O O   . HOH H 6 .   ? -19.791 -5.442  -7.895  1.00 51.08 ? 470 HOH A O   1 
HETATM 1333 O O   . HOH H 6 .   ? 1.810   7.941   11.873  1.00 30.09 ? 471 HOH A O   1 
HETATM 1334 O O   . HOH H 6 .   ? -10.764 8.417   -8.899  1.00 39.68 ? 472 HOH A O   1 
HETATM 1335 O O   . HOH H 6 .   ? -9.871  10.229  -10.110 1.00 45.41 ? 473 HOH A O   1 
HETATM 1336 O O   . HOH H 6 .   ? 8.990   4.080   10.406  1.00 24.61 ? 474 HOH A O   1 
HETATM 1337 O O   . HOH H 6 .   ? 7.487   -8.130  11.984  1.00 33.77 ? 475 HOH A O   1 
HETATM 1338 O O   . HOH H 6 .   ? -7.115  16.587  7.676   1.00 40.57 ? 476 HOH A O   1 
HETATM 1339 O O   . HOH H 6 .   ? 0.809   -6.271  12.665  1.00 53.78 ? 477 HOH A O   1 
HETATM 1340 O O   . HOH H 6 .   ? -15.234 0.339   -16.508 1.00 67.23 ? 478 HOH A O   1 
HETATM 1341 O O   . HOH H 6 .   ? 6.144   -3.073  -10.363 1.00 44.64 ? 479 HOH A O   1 
HETATM 1342 O O   . HOH H 6 .   ? 4.265   -13.632 -17.737 1.00 29.20 ? 480 HOH A O   1 
HETATM 1343 O O   . HOH H 6 .   ? 9.818   -0.042  10.119  1.00 40.10 ? 481 HOH A O   1 
HETATM 1344 O O   . HOH H 6 .   ? 3.406   2.807   -16.552 1.00 48.58 ? 482 HOH A O   1 
HETATM 1345 O O   . HOH H 6 .   ? 10.890  -1.783  -10.885 1.00 48.67 ? 483 HOH A O   1 
HETATM 1346 O O   . HOH H 6 .   ? -8.918  14.697  4.219   1.00 40.64 ? 484 HOH A O   1 
HETATM 1347 O O   . HOH H 6 .   ? -12.770 14.421  1.750   1.00 40.08 ? 485 HOH A O   1 
HETATM 1348 O O   . HOH H 6 .   ? 7.203   -0.583  -11.403 1.00 46.13 ? 486 HOH A O   1 
# 
